data_4Q0G
#
_entry.id   4Q0G
#
_cell.length_a   142.571
_cell.length_b   221.253
_cell.length_c   167.835
_cell.angle_alpha   90.00
_cell.angle_beta   90.00
_cell.angle_gamma   90.00
#
_symmetry.space_group_name_H-M   'C 2 2 21'
#
loop_
_entity.id
_entity.type
_entity.pdbx_description
1 polymer 'Probable acetyl-/propionyl-CoA carboxylase (Beta subunit) AccD1'
2 non-polymer GLYCEROL
3 water water
#
_entity_poly.entity_id   1
_entity_poly.type   'polypeptide(L)'
_entity_poly.pdbx_seq_one_letter_code
;MTTPSIAIAPSFADEHRRLVAELNNKLAAAALGGNERARKRHVSRGKLLPRERVDRLLDPGSPFLELAPLAAGGMYGDES
PGAGIITGIGRVSGRQCVIVANDATVKGGTYYPMTVKKHLRAQEVALQNMLPCIYLVDSGGAFLPRQDEVFPDREHFGRI
FYNQATMSAKGIPQVAAVLGSCTAGGAYVPAMSDEAVIVREQGTIFLGGPPLVKAATGEIVSAEELGGGDLHSRTSGVTD
HLADDDEDALRIVRAIADTFGPCEPAQWDVRRSVEPKYPQAELYDVVPPDPRVPYDVHEVVVRIVDGSEFSEFKAKYGKT
LVTAFARVHGHPVGIVANNGVLFSESALKGAHFIELCDKRKIPLLFLQNIAGFMVGRDYEAGGIAKHGAKMVTAVACARV
PKLTVVIGGSYGAGNYSMCGRAYSPRFLWMWPNARISVMGGEQAASVLATVRGEQLSAAGTPWSPDEEEAFKAPIRAQYE
DQGNPYYSTARLWDDGIIDPADTRTVVGLALSLCAHAPLDQVGYGVFRM
;
_entity_poly.pdbx_strand_id   A,B,C
#
# COMPACT_ATOMS: atom_id res chain seq x y z
N SER A 11 -34.75 -15.75 -55.42
CA SER A 11 -34.55 -15.75 -53.94
C SER A 11 -33.07 -15.62 -53.55
N PHE A 12 -32.69 -14.40 -53.20
CA PHE A 12 -31.50 -14.16 -52.39
C PHE A 12 -31.52 -15.03 -51.14
N ALA A 13 -32.72 -15.18 -50.56
CA ALA A 13 -32.89 -15.88 -49.27
C ALA A 13 -32.66 -17.38 -49.33
N ASP A 14 -32.94 -18.00 -50.48
CA ASP A 14 -32.65 -19.43 -50.65
C ASP A 14 -31.14 -19.65 -50.58
N GLU A 15 -30.39 -18.76 -51.23
CA GLU A 15 -28.93 -18.84 -51.23
C GLU A 15 -28.36 -18.56 -49.83
N HIS A 16 -28.83 -17.50 -49.17
CA HIS A 16 -28.41 -17.22 -47.78
C HIS A 16 -28.69 -18.41 -46.86
N ARG A 17 -29.90 -18.97 -46.96
CA ARG A 17 -30.28 -20.11 -46.12
C ARG A 17 -29.43 -21.35 -46.42
N ARG A 18 -29.03 -21.52 -47.67
CA ARG A 18 -28.14 -22.62 -48.05
C ARG A 18 -26.76 -22.43 -47.42
N LEU A 19 -26.23 -21.21 -47.51
CA LEU A 19 -24.92 -20.89 -46.94
C LEU A 19 -24.90 -21.05 -45.41
N VAL A 20 -26.00 -20.69 -44.75
CA VAL A 20 -26.12 -20.84 -43.30
C VAL A 20 -26.22 -22.32 -42.90
N ALA A 21 -26.92 -23.12 -43.70
CA ALA A 21 -27.04 -24.56 -43.45
C ALA A 21 -25.68 -25.23 -43.57
N GLU A 22 -24.89 -24.79 -44.55
CA GLU A 22 -23.51 -25.27 -44.73
C GLU A 22 -22.63 -24.88 -43.54
N LEU A 23 -22.72 -23.62 -43.13
CA LEU A 23 -21.96 -23.13 -41.97
C LEU A 23 -22.26 -23.92 -40.69
N ASN A 24 -23.55 -24.15 -40.44
CA ASN A 24 -23.97 -24.88 -39.23
C ASN A 24 -23.54 -26.35 -39.22
N ASN A 25 -23.45 -26.96 -40.41
CA ASN A 25 -22.92 -28.32 -40.52
C ASN A 25 -21.42 -28.35 -40.22
N LYS A 26 -20.70 -27.35 -40.71
CA LYS A 26 -19.27 -27.25 -40.41
C LYS A 26 -19.00 -26.96 -38.93
N LEU A 27 -19.86 -26.16 -38.31
CA LEU A 27 -19.74 -25.86 -36.89
C LEU A 27 -20.02 -27.08 -36.02
N ALA A 28 -21.03 -27.86 -36.38
CA ALA A 28 -21.38 -29.08 -35.64
C ALA A 28 -20.27 -30.12 -35.72
N ALA A 29 -19.67 -30.27 -36.91
CA ALA A 29 -18.58 -31.23 -37.12
C ALA A 29 -17.34 -30.83 -36.33
N ALA A 30 -16.93 -29.57 -36.48
CA ALA A 30 -15.77 -29.04 -35.77
C ALA A 30 -15.95 -29.12 -34.24
N ALA A 31 -17.17 -28.88 -33.78
CA ALA A 31 -17.49 -28.93 -32.35
C ALA A 31 -17.34 -30.33 -31.74
N LEU A 32 -17.40 -31.37 -32.55
CA LEU A 32 -17.14 -32.74 -32.06
C LEU A 32 -15.65 -32.97 -31.77
N GLY A 33 -14.79 -32.18 -32.39
CA GLY A 33 -13.34 -32.28 -32.17
C GLY A 33 -12.74 -33.42 -32.95
N GLY A 34 -12.15 -34.39 -32.23
CA GLY A 34 -11.57 -35.57 -32.86
C GLY A 34 -12.63 -36.56 -33.35
N ASN A 35 -12.18 -37.58 -34.08
CA ASN A 35 -13.07 -38.66 -34.52
C ASN A 35 -13.58 -39.46 -33.34
N GLU A 36 -14.55 -40.33 -33.58
CA GLU A 36 -15.24 -41.05 -32.51
C GLU A 36 -14.29 -41.92 -31.67
N ARG A 37 -13.26 -42.48 -32.30
CA ARG A 37 -12.25 -43.24 -31.57
C ARG A 37 -11.58 -42.33 -30.53
N ALA A 38 -11.05 -41.20 -30.99
CA ALA A 38 -10.41 -40.21 -30.12
C ALA A 38 -11.30 -39.77 -28.96
N ARG A 39 -12.56 -39.47 -29.27
CA ARG A 39 -13.53 -39.05 -28.26
C ARG A 39 -13.80 -40.14 -27.22
N LYS A 40 -13.81 -41.38 -27.67
CA LYS A 40 -14.04 -42.53 -26.77
C LYS A 40 -12.87 -42.77 -25.84
N ARG A 41 -11.67 -42.75 -26.39
CA ARG A 41 -10.46 -42.86 -25.59
C ARG A 41 -10.40 -41.83 -24.51
N HIS A 42 -10.71 -40.59 -24.89
CA HIS A 42 -10.65 -39.46 -23.99
C HIS A 42 -11.52 -39.67 -22.75
N VAL A 43 -12.74 -40.17 -22.94
CA VAL A 43 -13.68 -40.35 -21.82
C VAL A 43 -13.64 -41.73 -21.16
N SER A 44 -12.80 -42.64 -21.70
CA SER A 44 -12.75 -44.03 -21.23
C SER A 44 -12.24 -44.14 -19.79
N ARG A 45 -11.38 -43.21 -19.40
CA ARG A 45 -10.79 -43.20 -18.05
C ARG A 45 -11.42 -42.14 -17.13
N GLY A 46 -12.58 -41.61 -17.51
CA GLY A 46 -13.35 -40.73 -16.63
C GLY A 46 -13.33 -39.23 -16.93
N LYS A 47 -12.52 -38.80 -17.89
CA LYS A 47 -12.49 -37.39 -18.27
C LYS A 47 -13.79 -36.95 -18.93
N LEU A 48 -14.16 -35.68 -18.73
CA LEU A 48 -15.21 -35.05 -19.51
C LEU A 48 -14.59 -34.59 -20.83
N LEU A 49 -15.40 -34.55 -21.88
CA LEU A 49 -14.96 -34.00 -23.16
C LEU A 49 -14.69 -32.49 -22.99
N PRO A 50 -13.77 -31.93 -23.79
CA PRO A 50 -13.47 -30.49 -23.77
C PRO A 50 -14.68 -29.57 -23.79
N ARG A 51 -15.64 -29.85 -24.66
CA ARG A 51 -16.82 -29.01 -24.78
C ARG A 51 -17.73 -29.18 -23.56
N GLU A 52 -17.76 -30.39 -22.98
CA GLU A 52 -18.46 -30.62 -21.71
C GLU A 52 -17.82 -29.84 -20.57
N ARG A 53 -16.49 -29.77 -20.57
CA ARG A 53 -15.74 -29.00 -19.58
C ARG A 53 -16.14 -27.52 -19.61
N VAL A 54 -16.18 -26.94 -20.81
CA VAL A 54 -16.59 -25.55 -20.98
C VAL A 54 -18.03 -25.36 -20.47
N ASP A 55 -18.91 -26.26 -20.90
CA ASP A 55 -20.33 -26.21 -20.55
C ASP A 55 -20.59 -26.29 -19.04
N ARG A 56 -19.86 -27.15 -18.33
CA ARG A 56 -20.00 -27.26 -16.87
C ARG A 56 -19.38 -26.08 -16.11
N LEU A 57 -18.43 -25.40 -16.73
CA LEU A 57 -17.80 -24.23 -16.13
C LEU A 57 -18.76 -23.04 -16.10
N LEU A 58 -19.57 -22.91 -17.15
CA LEU A 58 -20.46 -21.77 -17.32
C LEU A 58 -21.62 -21.75 -16.34
N ASP A 59 -22.07 -20.54 -16.02
CA ASP A 59 -23.31 -20.36 -15.27
C ASP A 59 -24.46 -20.92 -16.11
N PRO A 60 -25.39 -21.67 -15.48
CA PRO A 60 -26.57 -22.15 -16.19
C PRO A 60 -27.30 -21.01 -16.90
N GLY A 61 -27.52 -21.17 -18.20
CA GLY A 61 -28.20 -20.15 -18.99
C GLY A 61 -27.30 -19.10 -19.61
N SER A 62 -26.02 -19.07 -19.22
CA SER A 62 -25.08 -18.09 -19.75
C SER A 62 -24.94 -18.27 -21.26
N PRO A 63 -24.94 -17.15 -22.00
CA PRO A 63 -24.51 -17.24 -23.39
C PRO A 63 -23.01 -17.47 -23.47
N PHE A 64 -22.56 -18.05 -24.58
CA PHE A 64 -21.16 -18.31 -24.82
C PHE A 64 -20.81 -17.77 -26.19
N LEU A 65 -20.00 -16.72 -26.21
CA LEU A 65 -19.54 -16.15 -27.46
C LEU A 65 -18.25 -16.85 -27.87
N GLU A 66 -18.37 -17.83 -28.77
CA GLU A 66 -17.22 -18.62 -29.19
C GLU A 66 -16.42 -17.88 -30.26
N LEU A 67 -15.11 -17.88 -30.09
CA LEU A 67 -14.19 -17.25 -31.03
C LEU A 67 -13.54 -18.30 -31.92
N ALA A 68 -13.47 -18.00 -33.22
CA ALA A 68 -12.71 -18.79 -34.19
C ALA A 68 -12.99 -20.31 -34.16
N PRO A 69 -14.27 -20.71 -34.13
CA PRO A 69 -14.58 -22.15 -34.08
C PRO A 69 -14.13 -22.94 -35.32
N LEU A 70 -13.96 -22.27 -36.44
CA LEU A 70 -13.52 -22.94 -37.66
C LEU A 70 -12.07 -22.61 -38.02
N ALA A 71 -11.26 -22.34 -37.00
CA ALA A 71 -9.83 -22.15 -37.19
C ALA A 71 -9.24 -23.42 -37.78
N ALA A 72 -8.26 -23.24 -38.66
CA ALA A 72 -7.56 -24.35 -39.33
C ALA A 72 -8.45 -25.18 -40.26
N GLY A 73 -9.60 -24.66 -40.66
CA GLY A 73 -10.47 -25.34 -41.62
C GLY A 73 -9.79 -25.38 -42.97
N GLY A 74 -9.68 -26.57 -43.54
CA GLY A 74 -8.97 -26.74 -44.82
C GLY A 74 -7.46 -26.57 -44.73
N MET A 75 -6.91 -26.61 -43.52
CA MET A 75 -5.46 -26.50 -43.30
C MET A 75 -4.97 -27.77 -42.63
N TYR A 76 -3.70 -28.07 -42.84
CA TYR A 76 -3.07 -29.24 -42.22
C TYR A 76 -3.78 -30.53 -42.59
N GLY A 77 -4.36 -30.59 -43.79
CA GLY A 77 -5.19 -31.74 -44.21
C GLY A 77 -6.35 -32.03 -43.27
N ASP A 78 -6.87 -30.98 -42.65
CA ASP A 78 -7.97 -31.06 -41.66
C ASP A 78 -7.74 -32.03 -40.50
N GLU A 79 -6.49 -32.23 -40.09
CA GLU A 79 -6.22 -33.08 -38.91
C GLU A 79 -6.44 -32.34 -37.58
N SER A 80 -6.60 -31.02 -37.64
CA SER A 80 -6.88 -30.23 -36.43
C SER A 80 -8.14 -29.34 -36.53
N PRO A 81 -9.33 -29.96 -36.44
CA PRO A 81 -10.59 -29.20 -36.42
C PRO A 81 -10.65 -28.18 -35.28
N GLY A 82 -11.01 -26.94 -35.64
CA GLY A 82 -11.01 -25.82 -34.70
C GLY A 82 -9.64 -25.48 -34.14
N ALA A 83 -8.60 -25.93 -34.85
CA ALA A 83 -7.20 -25.86 -34.39
C ALA A 83 -6.96 -26.57 -33.05
N GLY A 84 -7.82 -27.53 -32.73
CA GLY A 84 -7.65 -28.35 -31.52
C GLY A 84 -7.72 -27.57 -30.23
N ILE A 85 -8.47 -26.47 -30.23
CA ILE A 85 -8.59 -25.62 -29.06
C ILE A 85 -9.94 -24.89 -29.09
N ILE A 86 -10.57 -24.76 -27.93
CA ILE A 86 -11.85 -24.06 -27.80
C ILE A 86 -11.62 -22.75 -27.06
N THR A 87 -12.03 -21.64 -27.67
CA THR A 87 -11.90 -20.32 -27.07
C THR A 87 -13.22 -19.56 -27.14
N GLY A 88 -13.58 -18.90 -26.05
CA GLY A 88 -14.74 -18.02 -26.05
C GLY A 88 -14.93 -17.28 -24.75
N ILE A 89 -16.01 -16.50 -24.69
CA ILE A 89 -16.32 -15.67 -23.54
C ILE A 89 -17.67 -16.07 -22.97
N GLY A 90 -17.73 -16.27 -21.66
CA GLY A 90 -18.96 -16.59 -20.97
C GLY A 90 -18.91 -16.29 -19.48
N ARG A 91 -20.03 -16.46 -18.80
CA ARG A 91 -20.14 -16.11 -17.40
C ARG A 91 -19.79 -17.26 -16.47
N VAL A 92 -18.89 -16.97 -15.54
CA VAL A 92 -18.45 -17.92 -14.52
C VAL A 92 -18.59 -17.22 -13.17
N SER A 93 -19.48 -17.74 -12.33
CA SER A 93 -19.83 -17.11 -11.05
C SER A 93 -20.20 -15.63 -11.23
N GLY A 94 -20.98 -15.34 -12.27
CA GLY A 94 -21.46 -13.98 -12.53
C GLY A 94 -20.52 -13.09 -13.33
N ARG A 95 -19.27 -13.52 -13.51
CA ARG A 95 -18.25 -12.73 -14.21
C ARG A 95 -18.04 -13.18 -15.64
N GLN A 96 -17.98 -12.24 -16.57
CA GLN A 96 -17.58 -12.55 -17.93
C GLN A 96 -16.10 -12.89 -17.98
N CYS A 97 -15.78 -14.10 -18.45
CA CYS A 97 -14.40 -14.57 -18.51
C CYS A 97 -14.08 -15.09 -19.90
N VAL A 98 -12.83 -14.90 -20.32
CA VAL A 98 -12.32 -15.59 -21.50
C VAL A 98 -11.90 -16.99 -21.10
N ILE A 99 -12.41 -17.97 -21.82
CA ILE A 99 -12.13 -19.38 -21.53
C ILE A 99 -11.36 -19.99 -22.69
N VAL A 100 -10.23 -20.63 -22.36
CA VAL A 100 -9.38 -21.29 -23.34
C VAL A 100 -9.24 -22.75 -22.92
N ALA A 101 -9.70 -23.67 -23.77
CA ALA A 101 -9.70 -25.09 -23.45
C ALA A 101 -9.03 -25.89 -24.57
N ASN A 102 -7.93 -26.57 -24.23
CA ASN A 102 -7.28 -27.46 -25.18
C ASN A 102 -8.20 -28.63 -25.49
N ASP A 103 -8.37 -28.93 -26.78
CA ASP A 103 -9.20 -30.05 -27.20
C ASP A 103 -8.33 -31.29 -27.35
N ALA A 104 -8.23 -32.05 -26.26
CA ALA A 104 -7.37 -33.23 -26.19
C ALA A 104 -7.78 -34.35 -27.14
N THR A 105 -9.01 -34.29 -27.64
CA THR A 105 -9.47 -35.27 -28.64
C THR A 105 -8.90 -34.99 -30.03
N VAL A 106 -8.32 -33.81 -30.23
CA VAL A 106 -7.72 -33.43 -31.51
C VAL A 106 -6.20 -33.48 -31.40
N LYS A 107 -5.64 -34.64 -31.76
CA LYS A 107 -4.19 -34.87 -31.71
C LYS A 107 -3.60 -34.60 -30.33
N GLY A 108 -4.29 -35.06 -29.29
CA GLY A 108 -3.85 -34.84 -27.91
C GLY A 108 -3.69 -33.38 -27.53
N GLY A 109 -4.47 -32.50 -28.14
CA GLY A 109 -4.40 -31.06 -27.85
C GLY A 109 -3.11 -30.41 -28.35
N THR A 110 -2.50 -31.01 -29.35
CA THR A 110 -1.25 -30.51 -29.94
C THR A 110 -1.43 -29.10 -30.48
N TYR A 111 -0.41 -28.27 -30.30
CA TYR A 111 -0.40 -26.92 -30.87
C TYR A 111 0.13 -26.88 -32.30
N TYR A 112 -0.78 -26.76 -33.24
CA TYR A 112 -0.44 -26.37 -34.61
C TYR A 112 -0.25 -24.85 -34.63
N PRO A 113 0.29 -24.29 -35.72
CA PRO A 113 0.46 -22.84 -35.77
C PRO A 113 -0.83 -22.06 -35.48
N MET A 114 -1.96 -22.50 -36.03
CA MET A 114 -3.23 -21.82 -35.80
C MET A 114 -3.74 -21.98 -34.37
N THR A 115 -3.35 -23.07 -33.70
CA THR A 115 -3.70 -23.28 -32.31
C THR A 115 -3.08 -22.18 -31.44
N VAL A 116 -1.82 -21.86 -31.71
CA VAL A 116 -1.11 -20.80 -31.00
C VAL A 116 -1.77 -19.45 -31.26
N LYS A 117 -2.01 -19.16 -32.54
CA LYS A 117 -2.67 -17.91 -32.95
C LYS A 117 -4.04 -17.73 -32.28
N LYS A 118 -4.78 -18.81 -32.15
CA LYS A 118 -6.12 -18.80 -31.57
C LYS A 118 -6.04 -18.58 -30.05
N HIS A 119 -5.08 -19.23 -29.42
CA HIS A 119 -4.79 -19.01 -28.00
C HIS A 119 -4.42 -17.54 -27.76
N LEU A 120 -3.54 -17.00 -28.59
CA LEU A 120 -3.14 -15.60 -28.48
C LEU A 120 -4.30 -14.64 -28.74
N ARG A 121 -5.17 -14.97 -29.69
CA ARG A 121 -6.30 -14.11 -30.00
C ARG A 121 -7.22 -13.98 -28.78
N ALA A 122 -7.48 -15.10 -28.11
CA ALA A 122 -8.29 -15.09 -26.89
C ALA A 122 -7.71 -14.17 -25.82
N GLN A 123 -6.39 -14.25 -25.63
CA GLN A 123 -5.71 -13.39 -24.66
C GLN A 123 -5.74 -11.90 -25.05
N GLU A 124 -5.66 -11.62 -26.35
CA GLU A 124 -5.79 -10.25 -26.84
C GLU A 124 -7.17 -9.69 -26.45
N VAL A 125 -8.22 -10.48 -26.66
CA VAL A 125 -9.57 -10.11 -26.27
C VAL A 125 -9.68 -9.89 -24.76
N ALA A 126 -9.04 -10.77 -23.99
CA ALA A 126 -9.02 -10.64 -22.54
C ALA A 126 -8.40 -9.30 -22.11
N LEU A 127 -7.27 -8.96 -22.70
CA LEU A 127 -6.56 -7.73 -22.39
C LEU A 127 -7.40 -6.49 -22.74
N GLN A 128 -7.92 -6.45 -23.95
CA GLN A 128 -8.63 -5.26 -24.45
C GLN A 128 -9.92 -4.97 -23.71
N ASN A 129 -10.55 -6.01 -23.17
CA ASN A 129 -11.83 -5.87 -22.46
C ASN A 129 -11.72 -6.12 -20.95
N MET A 130 -10.49 -6.27 -20.45
CA MET A 130 -10.21 -6.53 -19.03
C MET A 130 -11.00 -7.71 -18.47
N LEU A 131 -10.92 -8.85 -19.17
CA LEU A 131 -11.66 -10.06 -18.77
C LEU A 131 -10.73 -11.10 -18.17
N PRO A 132 -11.10 -11.66 -17.00
CA PRO A 132 -10.33 -12.78 -16.43
C PRO A 132 -10.14 -13.92 -17.40
N CYS A 133 -9.02 -14.62 -17.27
CA CYS A 133 -8.67 -15.71 -18.17
C CYS A 133 -8.70 -17.03 -17.43
N ILE A 134 -9.39 -18.00 -18.01
CA ILE A 134 -9.46 -19.35 -17.45
C ILE A 134 -8.92 -20.32 -18.49
N TYR A 135 -7.83 -21.00 -18.15
CA TYR A 135 -7.17 -21.92 -19.05
C TYR A 135 -7.41 -23.36 -18.60
N LEU A 136 -8.13 -24.13 -19.43
CA LEU A 136 -8.37 -25.54 -19.14
C LEU A 136 -7.37 -26.37 -19.94
N VAL A 137 -6.28 -26.75 -19.26
CA VAL A 137 -5.09 -27.27 -19.93
C VAL A 137 -5.13 -28.80 -20.10
N ASP A 138 -4.86 -29.23 -21.34
CA ASP A 138 -4.81 -30.64 -21.70
C ASP A 138 -4.17 -30.77 -23.08
N SER A 139 -2.86 -30.61 -23.13
CA SER A 139 -2.13 -30.52 -24.40
C SER A 139 -0.84 -31.30 -24.37
N GLY A 140 -0.62 -32.10 -25.42
CA GLY A 140 0.58 -32.93 -25.55
C GLY A 140 1.81 -32.22 -26.11
N GLY A 141 1.67 -30.94 -26.45
CA GLY A 141 2.82 -30.13 -26.88
C GLY A 141 2.65 -29.54 -28.26
N ALA A 142 3.77 -29.31 -28.94
CA ALA A 142 3.78 -28.62 -30.24
C ALA A 142 3.81 -29.59 -31.41
N PHE A 143 3.31 -29.14 -32.56
CA PHE A 143 3.39 -29.91 -33.79
C PHE A 143 4.78 -29.72 -34.39
N LEU A 144 5.64 -30.71 -34.19
CA LEU A 144 7.08 -30.58 -34.43
C LEU A 144 7.47 -30.38 -35.90
N PRO A 145 6.73 -30.98 -36.85
CA PRO A 145 7.08 -30.70 -38.25
C PRO A 145 6.94 -29.22 -38.65
N ARG A 146 6.10 -28.48 -37.93
CA ARG A 146 5.93 -27.04 -38.17
C ARG A 146 6.41 -26.23 -36.96
N GLN A 147 7.39 -26.76 -36.22
CA GLN A 147 7.89 -26.10 -35.01
C GLN A 147 8.39 -24.66 -35.27
N ASP A 148 8.88 -24.41 -36.47
CA ASP A 148 9.32 -23.06 -36.88
C ASP A 148 8.17 -22.03 -36.98
N GLU A 149 6.94 -22.51 -37.06
CA GLU A 149 5.75 -21.66 -37.09
C GLU A 149 4.97 -21.73 -35.77
N VAL A 150 5.56 -22.37 -34.76
CA VAL A 150 4.92 -22.52 -33.45
C VAL A 150 5.74 -21.86 -32.32
N PHE A 151 7.06 -21.83 -32.45
CA PHE A 151 7.96 -21.59 -31.30
C PHE A 151 8.65 -20.22 -31.14
N PRO A 152 9.36 -19.73 -32.18
CA PRO A 152 10.40 -18.71 -31.93
C PRO A 152 10.05 -17.21 -31.96
N ASP A 153 9.02 -16.82 -32.71
CA ASP A 153 8.80 -15.42 -33.07
C ASP A 153 7.89 -14.70 -32.07
N ARG A 154 7.66 -13.41 -32.30
CA ARG A 154 6.89 -12.57 -31.37
C ARG A 154 5.45 -13.05 -31.19
N GLU A 155 4.84 -13.58 -32.25
CA GLU A 155 3.46 -14.08 -32.18
C GLU A 155 3.39 -15.62 -32.10
N HIS A 156 4.41 -16.23 -31.52
CA HIS A 156 4.46 -17.68 -31.37
C HIS A 156 4.26 -18.07 -29.89
N PHE A 157 4.51 -19.33 -29.56
CA PHE A 157 4.10 -19.91 -28.26
C PHE A 157 4.58 -19.11 -27.04
N GLY A 158 5.77 -18.53 -27.12
CA GLY A 158 6.32 -17.73 -26.02
C GLY A 158 5.47 -16.55 -25.59
N ARG A 159 4.72 -15.98 -26.54
CA ARG A 159 3.87 -14.81 -26.27
C ARG A 159 2.71 -15.13 -25.34
N ILE A 160 2.34 -16.40 -25.25
CA ILE A 160 1.29 -16.82 -24.31
C ILE A 160 1.65 -16.43 -22.88
N PHE A 161 2.93 -16.58 -22.54
CA PHE A 161 3.40 -16.35 -21.18
C PHE A 161 3.76 -14.89 -20.93
N TYR A 162 4.23 -14.21 -21.96
CA TYR A 162 4.35 -12.75 -21.91
C TYR A 162 2.97 -12.16 -21.59
N ASN A 163 1.94 -12.66 -22.27
CA ASN A 163 0.57 -12.21 -22.06
C ASN A 163 0.04 -12.53 -20.66
N GLN A 164 0.24 -13.76 -20.20
CA GLN A 164 -0.19 -14.14 -18.84
C GLN A 164 0.38 -13.20 -17.80
N ALA A 165 1.69 -12.96 -17.88
CA ALA A 165 2.42 -12.15 -16.89
C ALA A 165 2.01 -10.68 -16.93
N THR A 166 1.95 -10.10 -18.12
CA THR A 166 1.60 -8.69 -18.24
C THR A 166 0.13 -8.45 -17.90
N MET A 167 -0.74 -9.39 -18.25
CA MET A 167 -2.15 -9.29 -17.85
C MET A 167 -2.30 -9.44 -16.33
N SER A 168 -1.54 -10.35 -15.73
CA SER A 168 -1.57 -10.51 -14.28
C SER A 168 -1.10 -9.24 -13.57
N ALA A 169 -0.08 -8.58 -14.13
CA ALA A 169 0.41 -7.30 -13.59
C ALA A 169 -0.67 -6.20 -13.61
N LYS A 170 -1.57 -6.25 -14.60
CA LYS A 170 -2.67 -5.29 -14.70
C LYS A 170 -3.88 -5.64 -13.84
N GLY A 171 -3.81 -6.76 -13.10
CA GLY A 171 -4.91 -7.20 -12.25
C GLY A 171 -5.97 -8.02 -12.95
N ILE A 172 -5.65 -8.55 -14.13
CA ILE A 172 -6.57 -9.44 -14.87
C ILE A 172 -6.28 -10.88 -14.44
N PRO A 173 -7.18 -11.50 -13.64
CA PRO A 173 -6.86 -12.81 -13.09
C PRO A 173 -6.52 -13.85 -14.14
N GLN A 174 -5.47 -14.63 -13.87
CA GLN A 174 -5.06 -15.72 -14.73
C GLN A 174 -5.21 -17.01 -13.92
N VAL A 175 -6.18 -17.84 -14.30
CA VAL A 175 -6.49 -19.07 -13.55
C VAL A 175 -6.36 -20.27 -14.48
N ALA A 176 -5.70 -21.32 -14.00
CA ALA A 176 -5.47 -22.51 -14.79
C ALA A 176 -6.00 -23.77 -14.10
N ALA A 177 -6.53 -24.69 -14.90
CA ALA A 177 -6.89 -26.02 -14.41
C ALA A 177 -6.23 -27.06 -15.32
N VAL A 178 -5.34 -27.86 -14.73
CA VAL A 178 -4.64 -28.90 -15.46
C VAL A 178 -5.45 -30.19 -15.39
N LEU A 179 -6.05 -30.55 -16.52
CA LEU A 179 -6.97 -31.68 -16.59
C LEU A 179 -6.36 -32.86 -17.32
N GLY A 180 -5.24 -32.64 -17.98
CA GLY A 180 -4.53 -33.72 -18.63
C GLY A 180 -3.05 -33.43 -18.70
N SER A 181 -2.47 -33.58 -19.89
CA SER A 181 -1.04 -33.43 -20.05
C SER A 181 -0.66 -31.95 -20.17
N CYS A 182 0.53 -31.64 -19.68
CA CYS A 182 1.04 -30.29 -19.64
C CYS A 182 2.55 -30.42 -19.58
N THR A 183 3.22 -30.07 -20.66
CA THR A 183 4.62 -30.45 -20.83
C THR A 183 5.46 -29.38 -21.52
N ALA A 184 6.76 -29.42 -21.24
CA ALA A 184 7.71 -28.47 -21.83
C ALA A 184 7.31 -27.03 -21.49
N GLY A 185 7.37 -26.13 -22.46
CA GLY A 185 6.93 -24.75 -22.28
C GLY A 185 5.49 -24.63 -21.82
N GLY A 186 4.65 -25.59 -22.22
CA GLY A 186 3.25 -25.64 -21.78
C GLY A 186 3.07 -25.75 -20.26
N ALA A 187 4.11 -26.17 -19.55
CA ALA A 187 4.10 -26.21 -18.09
C ALA A 187 4.00 -24.81 -17.48
N TYR A 188 4.40 -23.79 -18.25
CA TYR A 188 4.27 -22.42 -17.80
C TYR A 188 2.83 -21.91 -17.74
N VAL A 189 1.91 -22.57 -18.43
CA VAL A 189 0.51 -22.15 -18.35
C VAL A 189 0.04 -22.17 -16.89
N PRO A 190 0.15 -23.33 -16.20
CA PRO A 190 -0.22 -23.33 -14.78
C PRO A 190 0.81 -22.67 -13.87
N ALA A 191 2.10 -22.81 -14.18
CA ALA A 191 3.15 -22.26 -13.31
C ALA A 191 3.14 -20.73 -13.27
N MET A 192 2.75 -20.11 -14.39
CA MET A 192 2.60 -18.65 -14.46
C MET A 192 1.16 -18.18 -14.31
N SER A 193 0.28 -19.06 -13.85
CA SER A 193 -1.05 -18.65 -13.44
C SER A 193 -1.01 -18.15 -12.01
N ASP A 194 -1.94 -17.27 -11.68
CA ASP A 194 -2.07 -16.74 -10.33
C ASP A 194 -2.54 -17.84 -9.39
N GLU A 195 -3.38 -18.72 -9.92
CA GLU A 195 -3.96 -19.81 -9.14
C GLU A 195 -4.21 -21.00 -10.04
N ALA A 196 -3.76 -22.18 -9.62
CA ALA A 196 -3.80 -23.38 -10.47
C ALA A 196 -4.44 -24.56 -9.77
N VAL A 197 -5.36 -25.21 -10.48
CA VAL A 197 -6.00 -26.45 -10.03
C VAL A 197 -5.40 -27.60 -10.84
N ILE A 198 -5.35 -28.79 -10.25
CA ILE A 198 -4.92 -30.00 -10.96
C ILE A 198 -5.74 -31.21 -10.50
N VAL A 199 -6.09 -32.08 -11.43
CA VAL A 199 -6.88 -33.29 -11.12
C VAL A 199 -5.96 -34.43 -10.70
N ARG A 200 -6.28 -35.06 -9.56
CA ARG A 200 -5.45 -36.15 -9.04
C ARG A 200 -5.42 -37.34 -9.99
N GLU A 201 -4.25 -37.97 -10.10
CA GLU A 201 -4.06 -39.17 -10.91
C GLU A 201 -4.64 -39.03 -12.32
N GLN A 202 -4.42 -37.87 -12.91
CA GLN A 202 -4.92 -37.56 -14.25
C GLN A 202 -4.09 -36.42 -14.86
N GLY A 203 -4.05 -35.28 -14.17
CA GLY A 203 -3.27 -34.14 -14.62
C GLY A 203 -1.79 -34.31 -14.33
N THR A 204 -0.95 -33.90 -15.27
CA THR A 204 0.50 -33.91 -15.06
C THR A 204 1.13 -32.62 -15.58
N ILE A 205 2.21 -32.20 -14.90
CA ILE A 205 2.98 -31.02 -15.30
C ILE A 205 4.47 -31.33 -15.17
N PHE A 206 5.21 -31.09 -16.25
CA PHE A 206 6.67 -31.12 -16.17
C PHE A 206 7.31 -30.31 -17.31
N LEU A 207 8.42 -29.65 -17.01
CA LEU A 207 9.21 -28.96 -18.03
C LEU A 207 9.91 -29.97 -18.94
N GLY A 208 10.27 -31.12 -18.37
CA GLY A 208 10.87 -32.20 -19.15
C GLY A 208 10.12 -33.50 -18.93
N GLY A 209 9.52 -34.03 -19.99
CA GLY A 209 8.72 -35.25 -19.91
C GLY A 209 9.56 -36.52 -19.85
N PRO A 210 8.91 -37.67 -19.62
CA PRO A 210 9.63 -38.95 -19.45
C PRO A 210 10.60 -39.33 -20.59
N PRO A 211 10.21 -39.11 -21.86
CA PRO A 211 11.15 -39.46 -22.94
C PRO A 211 12.47 -38.71 -22.83
N LEU A 212 12.36 -37.41 -22.54
CA LEU A 212 13.53 -36.55 -22.38
C LEU A 212 14.33 -36.90 -21.11
N VAL A 213 13.64 -37.26 -20.04
CA VAL A 213 14.29 -37.72 -18.81
C VAL A 213 15.14 -38.96 -19.14
N LYS A 214 14.53 -39.90 -19.86
CA LYS A 214 15.23 -41.12 -20.28
C LYS A 214 16.41 -40.81 -21.21
N ALA A 215 16.14 -40.05 -22.27
CA ALA A 215 17.17 -39.68 -23.24
C ALA A 215 18.38 -39.02 -22.57
N ALA A 216 18.12 -38.11 -21.65
CA ALA A 216 19.17 -37.32 -21.01
C ALA A 216 19.91 -38.07 -19.90
N THR A 217 19.16 -38.81 -19.08
CA THR A 217 19.72 -39.40 -17.85
C THR A 217 19.56 -40.92 -17.74
N GLY A 218 18.77 -41.53 -18.62
CA GLY A 218 18.51 -42.97 -18.56
C GLY A 218 17.45 -43.41 -17.56
N GLU A 219 16.95 -42.49 -16.75
CA GLU A 219 15.91 -42.80 -15.75
C GLU A 219 14.63 -43.21 -16.46
N ILE A 220 14.00 -44.27 -15.97
CA ILE A 220 12.66 -44.66 -16.41
C ILE A 220 11.67 -44.16 -15.35
N VAL A 221 10.78 -43.25 -15.75
CA VAL A 221 9.82 -42.67 -14.81
C VAL A 221 8.47 -42.48 -15.49
N SER A 222 7.40 -42.77 -14.77
CA SER A 222 6.04 -42.56 -15.30
C SER A 222 5.67 -41.08 -15.22
N ALA A 223 4.68 -40.68 -16.02
CA ALA A 223 4.18 -39.30 -16.01
C ALA A 223 3.67 -38.91 -14.62
N GLU A 224 2.99 -39.85 -13.96
CA GLU A 224 2.45 -39.63 -12.62
C GLU A 224 3.56 -39.37 -11.60
N GLU A 225 4.56 -40.24 -11.59
CA GLU A 225 5.73 -40.10 -10.71
C GLU A 225 6.47 -38.79 -10.95
N LEU A 226 6.55 -38.37 -12.22
CA LEU A 226 7.34 -37.22 -12.61
C LEU A 226 6.69 -35.88 -12.26
N GLY A 227 5.37 -35.78 -12.44
CA GLY A 227 4.67 -34.51 -12.25
C GLY A 227 3.17 -34.61 -12.02
N GLY A 228 2.75 -35.61 -11.23
CA GLY A 228 1.34 -35.82 -10.94
C GLY A 228 0.73 -34.78 -10.00
N GLY A 229 -0.58 -34.86 -9.85
CA GLY A 229 -1.35 -33.90 -9.04
C GLY A 229 -0.94 -33.87 -7.58
N ASP A 230 -0.76 -35.05 -6.99
CA ASP A 230 -0.32 -35.15 -5.59
C ASP A 230 1.08 -34.55 -5.41
N LEU A 231 1.96 -34.81 -6.36
CA LEU A 231 3.33 -34.32 -6.29
C LEU A 231 3.37 -32.78 -6.28
N HIS A 232 2.65 -32.16 -7.20
CA HIS A 232 2.66 -30.71 -7.29
C HIS A 232 1.83 -30.01 -6.21
N SER A 233 0.78 -30.66 -5.75
CA SER A 233 -0.12 -30.05 -4.76
C SER A 233 0.35 -30.23 -3.31
N ARG A 234 1.23 -31.21 -3.07
CA ARG A 234 1.73 -31.48 -1.72
C ARG A 234 3.21 -31.13 -1.54
N THR A 235 3.99 -31.27 -2.60
CA THR A 235 5.44 -31.17 -2.50
C THR A 235 5.99 -29.92 -3.20
N SER A 236 5.78 -29.80 -4.50
CA SER A 236 6.42 -28.73 -5.28
C SER A 236 5.78 -27.36 -5.07
N GLY A 237 4.46 -27.34 -4.93
CA GLY A 237 3.71 -26.08 -4.83
C GLY A 237 3.47 -25.42 -6.18
N VAL A 238 3.65 -26.19 -7.25
CA VAL A 238 3.39 -25.69 -8.60
C VAL A 238 1.88 -25.47 -8.77
N THR A 239 1.08 -26.28 -8.07
CA THR A 239 -0.38 -26.14 -8.09
C THR A 239 -0.92 -25.80 -6.69
N ASP A 240 -2.13 -25.28 -6.66
CA ASP A 240 -2.74 -24.73 -5.45
C ASP A 240 -3.99 -25.47 -4.98
N HIS A 241 -4.59 -26.25 -5.88
CA HIS A 241 -5.78 -27.04 -5.56
C HIS A 241 -5.65 -28.44 -6.16
N LEU A 242 -6.01 -29.45 -5.37
CA LEU A 242 -6.06 -30.82 -5.84
C LEU A 242 -7.52 -31.24 -5.99
N ALA A 243 -7.90 -31.58 -7.21
CA ALA A 243 -9.28 -31.93 -7.54
C ALA A 243 -9.43 -33.45 -7.68
N ASP A 244 -10.62 -33.95 -7.37
CA ASP A 244 -10.93 -35.38 -7.44
C ASP A 244 -11.14 -35.85 -8.87
N ASP A 245 -11.81 -35.02 -9.67
CA ASP A 245 -12.05 -35.30 -11.08
C ASP A 245 -12.30 -34.00 -11.83
N ASP A 246 -12.59 -34.08 -13.13
CA ASP A 246 -12.87 -32.89 -13.94
C ASP A 246 -13.99 -32.02 -13.35
N GLU A 247 -15.08 -32.65 -12.95
CA GLU A 247 -16.23 -31.90 -12.40
C GLU A 247 -15.82 -31.13 -11.15
N ASP A 248 -15.03 -31.76 -10.30
CA ASP A 248 -14.55 -31.14 -9.07
C ASP A 248 -13.62 -29.96 -9.36
N ALA A 249 -12.73 -30.15 -10.34
CA ALA A 249 -11.82 -29.09 -10.78
C ALA A 249 -12.58 -27.86 -11.27
N LEU A 250 -13.69 -28.09 -11.98
CA LEU A 250 -14.49 -26.98 -12.52
C LEU A 250 -15.28 -26.28 -11.42
N ARG A 251 -15.80 -27.04 -10.47
CA ARG A 251 -16.42 -26.48 -9.26
C ARG A 251 -15.41 -25.55 -8.56
N ILE A 252 -14.17 -26.01 -8.45
CA ILE A 252 -13.13 -25.24 -7.78
C ILE A 252 -12.79 -23.94 -8.53
N VAL A 253 -12.71 -24.02 -9.86
CA VAL A 253 -12.49 -22.81 -10.67
C VAL A 253 -13.63 -21.81 -10.45
N ARG A 254 -14.86 -22.30 -10.39
CA ARG A 254 -16.02 -21.43 -10.16
C ARG A 254 -15.90 -20.71 -8.82
N ALA A 255 -15.45 -21.42 -7.80
CA ALA A 255 -15.22 -20.82 -6.48
C ALA A 255 -14.09 -19.77 -6.49
N ILE A 256 -13.04 -20.02 -7.27
CA ILE A 256 -11.95 -19.05 -7.45
C ILE A 256 -12.49 -17.77 -8.10
N ALA A 257 -13.24 -17.94 -9.18
CA ALA A 257 -13.86 -16.83 -9.89
C ALA A 257 -14.76 -15.98 -9.00
N ASP A 258 -15.36 -16.60 -7.98
CA ASP A 258 -16.21 -15.87 -7.04
C ASP A 258 -15.43 -14.95 -6.09
N THR A 259 -14.10 -15.10 -6.05
CA THR A 259 -13.25 -14.21 -5.26
C THR A 259 -12.70 -13.02 -6.04
N PHE A 260 -13.02 -12.94 -7.34
CA PHE A 260 -12.50 -11.85 -8.17
C PHE A 260 -13.02 -10.48 -7.67
N GLY A 261 -12.16 -9.48 -7.76
CA GLY A 261 -12.46 -8.14 -7.24
C GLY A 261 -13.46 -7.34 -8.06
N PRO A 262 -13.63 -6.05 -7.73
CA PRO A 262 -14.63 -5.20 -8.39
C PRO A 262 -14.37 -4.97 -9.87
N CYS A 263 -15.46 -4.92 -10.63
CA CYS A 263 -15.41 -4.61 -12.06
C CYS A 263 -15.35 -3.09 -12.22
N GLU A 264 -14.84 -2.62 -13.35
CA GLU A 264 -14.94 -1.19 -13.69
C GLU A 264 -16.39 -0.87 -14.04
N PRO A 265 -16.81 0.40 -13.86
CA PRO A 265 -18.17 0.74 -14.23
C PRO A 265 -18.34 0.83 -15.74
N ALA A 266 -19.58 0.71 -16.21
CA ALA A 266 -19.90 0.87 -17.62
C ALA A 266 -19.40 2.23 -18.12
N GLN A 267 -18.81 2.23 -19.32
CA GLN A 267 -18.20 3.44 -19.88
C GLN A 267 -19.20 4.33 -20.62
N TRP A 268 -20.42 3.84 -20.77
CA TRP A 268 -21.50 4.62 -21.35
C TRP A 268 -22.83 4.19 -20.74
N ASP A 269 -23.87 4.98 -20.97
CA ASP A 269 -25.19 4.69 -20.40
C ASP A 269 -25.91 3.67 -21.27
N VAL A 270 -26.36 2.60 -20.64
CA VAL A 270 -27.09 1.52 -21.31
C VAL A 270 -28.58 1.72 -21.05
N ARG A 271 -29.37 1.65 -22.11
CA ARG A 271 -30.82 1.77 -22.01
C ARG A 271 -31.51 0.42 -21.97
N ARG A 272 -32.82 0.46 -21.75
CA ARG A 272 -33.69 -0.71 -21.94
C ARG A 272 -33.71 -1.05 -23.43
N SER A 273 -33.52 -2.32 -23.76
CA SER A 273 -33.57 -2.77 -25.14
C SER A 273 -35.00 -2.65 -25.69
N VAL A 274 -35.11 -2.22 -26.93
CA VAL A 274 -36.38 -2.20 -27.66
C VAL A 274 -36.19 -3.09 -28.88
N GLU A 275 -37.17 -3.93 -29.18
CA GLU A 275 -37.07 -4.85 -30.31
C GLU A 275 -37.18 -4.11 -31.64
N PRO A 276 -36.55 -4.64 -32.70
CA PRO A 276 -36.79 -4.08 -34.02
C PRO A 276 -38.21 -4.38 -34.50
N LYS A 277 -38.65 -3.65 -35.52
CA LYS A 277 -39.98 -3.86 -36.10
C LYS A 277 -40.05 -5.08 -37.01
N TYR A 278 -38.89 -5.59 -37.44
CA TYR A 278 -38.84 -6.67 -38.43
C TYR A 278 -38.11 -7.91 -37.92
N PRO A 279 -38.47 -9.09 -38.45
CA PRO A 279 -37.70 -10.29 -38.12
C PRO A 279 -36.30 -10.23 -38.73
N GLN A 280 -35.31 -10.75 -38.01
CA GLN A 280 -33.93 -10.71 -38.48
C GLN A 280 -33.71 -11.55 -39.73
N ALA A 281 -34.51 -12.60 -39.89
CA ALA A 281 -34.45 -13.46 -41.08
C ALA A 281 -34.74 -12.72 -42.39
N GLU A 282 -35.40 -11.56 -42.30
CA GLU A 282 -35.60 -10.71 -43.48
C GLU A 282 -34.31 -10.17 -44.10
N LEU A 283 -33.20 -10.20 -43.35
CA LEU A 283 -31.90 -9.82 -43.91
C LEU A 283 -31.54 -10.71 -45.11
N TYR A 284 -31.94 -11.98 -45.05
CA TYR A 284 -31.76 -12.91 -46.16
C TYR A 284 -32.41 -12.41 -47.46
N ASP A 285 -33.55 -11.74 -47.36
CA ASP A 285 -34.29 -11.25 -48.53
C ASP A 285 -33.74 -9.93 -49.07
N VAL A 286 -33.02 -9.22 -48.22
CA VAL A 286 -32.64 -7.84 -48.47
C VAL A 286 -31.21 -7.68 -49.01
N VAL A 287 -30.31 -8.58 -48.62
CA VAL A 287 -28.90 -8.47 -49.02
C VAL A 287 -28.57 -9.49 -50.11
N PRO A 288 -28.15 -9.03 -51.29
CA PRO A 288 -27.70 -9.95 -52.32
C PRO A 288 -26.45 -10.71 -51.85
N PRO A 289 -26.46 -12.05 -51.95
CA PRO A 289 -25.26 -12.82 -51.66
C PRO A 289 -24.05 -12.37 -52.48
N ASP A 290 -24.27 -12.10 -53.75
CA ASP A 290 -23.21 -11.59 -54.63
C ASP A 290 -22.88 -10.14 -54.27
N PRO A 291 -21.64 -9.87 -53.80
CA PRO A 291 -21.24 -8.51 -53.43
C PRO A 291 -21.27 -7.46 -54.55
N ARG A 292 -21.26 -7.91 -55.80
CA ARG A 292 -21.29 -6.98 -56.93
C ARG A 292 -22.68 -6.36 -57.17
N VAL A 293 -23.73 -7.01 -56.65
CA VAL A 293 -25.12 -6.56 -56.88
C VAL A 293 -25.50 -5.43 -55.93
N PRO A 294 -25.86 -4.24 -56.47
CA PRO A 294 -26.20 -3.10 -55.61
C PRO A 294 -27.52 -3.23 -54.86
N TYR A 295 -27.56 -2.63 -53.68
CA TYR A 295 -28.76 -2.59 -52.85
C TYR A 295 -28.63 -1.46 -51.83
N ASP A 296 -29.72 -1.13 -51.17
CA ASP A 296 -29.72 -0.05 -50.20
C ASP A 296 -29.40 -0.58 -48.81
N VAL A 297 -28.25 -0.17 -48.27
CA VAL A 297 -27.77 -0.67 -46.99
C VAL A 297 -28.66 -0.20 -45.81
N HIS A 298 -29.46 0.83 -46.03
CA HIS A 298 -30.49 1.23 -45.05
C HIS A 298 -31.39 0.07 -44.66
N GLU A 299 -31.62 -0.84 -45.60
CA GLU A 299 -32.45 -2.02 -45.36
C GLU A 299 -31.86 -2.96 -44.31
N VAL A 300 -30.54 -2.95 -44.18
CA VAL A 300 -29.88 -3.71 -43.12
C VAL A 300 -29.99 -2.96 -41.80
N VAL A 301 -29.64 -1.68 -41.84
CA VAL A 301 -29.60 -0.85 -40.61
C VAL A 301 -30.96 -0.84 -39.92
N VAL A 302 -32.01 -0.62 -40.70
CA VAL A 302 -33.36 -0.51 -40.14
C VAL A 302 -33.81 -1.77 -39.39
N ARG A 303 -33.22 -2.91 -39.72
CA ARG A 303 -33.62 -4.20 -39.14
C ARG A 303 -32.84 -4.65 -37.90
N ILE A 304 -31.59 -4.22 -37.77
CA ILE A 304 -30.75 -4.69 -36.67
C ILE A 304 -30.79 -3.78 -35.44
N VAL A 305 -31.25 -2.54 -35.61
CA VAL A 305 -31.25 -1.56 -34.51
C VAL A 305 -32.55 -1.56 -33.72
N ASP A 306 -32.46 -1.17 -32.45
CA ASP A 306 -33.61 -1.10 -31.53
C ASP A 306 -34.72 -0.22 -32.07
N GLY A 307 -35.95 -0.73 -32.02
CA GLY A 307 -37.12 0.00 -32.50
C GLY A 307 -37.11 0.35 -33.99
N SER A 308 -36.16 -0.22 -34.72
CA SER A 308 -35.92 0.14 -36.12
C SER A 308 -35.81 1.66 -36.33
N GLU A 309 -35.20 2.33 -35.34
CA GLU A 309 -35.01 3.78 -35.34
C GLU A 309 -33.54 4.14 -35.46
N PHE A 310 -33.25 5.22 -36.16
CA PHE A 310 -31.89 5.75 -36.20
C PHE A 310 -31.89 7.22 -36.64
N SER A 311 -30.88 7.96 -36.20
CA SER A 311 -30.67 9.34 -36.62
C SER A 311 -29.48 9.40 -37.57
N GLU A 312 -29.78 9.54 -38.85
CA GLU A 312 -28.75 9.57 -39.86
C GLU A 312 -28.04 10.92 -39.91
N PHE A 313 -26.71 10.85 -39.91
CA PHE A 313 -25.84 12.01 -40.00
C PHE A 313 -25.48 12.20 -41.48
N LYS A 314 -25.62 13.44 -41.97
CA LYS A 314 -25.31 13.78 -43.38
C LYS A 314 -26.00 12.87 -44.39
N ALA A 315 -27.29 12.64 -44.19
CA ALA A 315 -28.07 11.73 -45.05
C ALA A 315 -28.03 12.09 -46.53
N LYS A 316 -27.92 13.37 -46.85
CA LYS A 316 -27.97 13.84 -48.23
C LYS A 316 -26.61 14.15 -48.86
N TYR A 317 -25.55 13.93 -48.08
CA TYR A 317 -24.18 14.20 -48.50
C TYR A 317 -23.39 12.90 -48.50
N GLY A 318 -22.52 12.73 -49.49
CA GLY A 318 -21.66 11.53 -49.56
C GLY A 318 -22.48 10.27 -49.34
N LYS A 319 -23.48 10.10 -50.20
CA LYS A 319 -24.54 9.10 -50.00
C LYS A 319 -24.10 7.64 -50.17
N THR A 320 -22.92 7.40 -50.72
CA THR A 320 -22.39 6.03 -50.82
C THR A 320 -21.82 5.50 -49.50
N LEU A 321 -21.78 6.34 -48.47
CA LEU A 321 -21.49 5.88 -47.10
C LEU A 321 -22.63 6.27 -46.17
N VAL A 322 -23.16 5.31 -45.43
CA VAL A 322 -24.23 5.57 -44.48
C VAL A 322 -23.67 5.65 -43.05
N THR A 323 -23.89 6.79 -42.40
CA THR A 323 -23.52 7.00 -41.01
C THR A 323 -24.75 7.37 -40.18
N ALA A 324 -25.05 6.55 -39.17
CA ALA A 324 -26.23 6.79 -38.35
C ALA A 324 -26.01 6.41 -36.89
N PHE A 325 -26.56 7.23 -36.00
CA PHE A 325 -26.63 6.93 -34.58
C PHE A 325 -27.84 6.04 -34.31
N ALA A 326 -27.66 5.06 -33.43
CA ALA A 326 -28.73 4.13 -33.11
C ALA A 326 -28.44 3.43 -31.78
N ARG A 327 -29.26 2.44 -31.45
CA ARG A 327 -29.01 1.59 -30.30
C ARG A 327 -29.18 0.12 -30.66
N VAL A 328 -28.36 -0.73 -30.05
CA VAL A 328 -28.48 -2.17 -30.19
C VAL A 328 -28.45 -2.77 -28.79
N HIS A 329 -29.55 -3.41 -28.42
CA HIS A 329 -29.73 -3.97 -27.08
C HIS A 329 -29.48 -2.93 -25.98
N GLY A 330 -29.99 -1.72 -26.21
CA GLY A 330 -29.84 -0.63 -25.26
C GLY A 330 -28.51 0.11 -25.29
N HIS A 331 -27.56 -0.40 -26.06
CA HIS A 331 -26.23 0.21 -26.17
C HIS A 331 -26.22 1.20 -27.31
N PRO A 332 -25.66 2.40 -27.08
CA PRO A 332 -25.51 3.34 -28.18
C PRO A 332 -24.50 2.83 -29.21
N VAL A 333 -24.78 3.04 -30.49
CA VAL A 333 -23.85 2.68 -31.54
C VAL A 333 -23.84 3.72 -32.65
N GLY A 334 -22.68 3.88 -33.27
CA GLY A 334 -22.53 4.69 -34.47
C GLY A 334 -22.23 3.74 -35.61
N ILE A 335 -23.19 3.57 -36.51
CA ILE A 335 -23.06 2.63 -37.60
C ILE A 335 -22.44 3.32 -38.80
N VAL A 336 -21.40 2.71 -39.34
CA VAL A 336 -20.72 3.18 -40.54
C VAL A 336 -20.85 2.05 -41.55
N ALA A 337 -21.67 2.25 -42.58
CA ALA A 337 -22.03 1.18 -43.49
C ALA A 337 -21.86 1.60 -44.94
N ASN A 338 -21.14 0.79 -45.72
CA ASN A 338 -20.93 1.08 -47.13
C ASN A 338 -22.22 0.98 -47.90
N ASN A 339 -22.37 1.87 -48.87
CA ASN A 339 -23.56 1.92 -49.70
C ASN A 339 -23.18 2.30 -51.13
N GLY A 340 -22.09 1.71 -51.61
CA GLY A 340 -21.53 1.99 -52.92
C GLY A 340 -20.03 2.24 -52.89
N VAL A 341 -19.51 2.77 -53.99
CA VAL A 341 -18.10 3.12 -54.12
C VAL A 341 -17.81 4.37 -53.28
N LEU A 342 -16.66 4.39 -52.61
CA LEU A 342 -16.28 5.53 -51.76
C LEU A 342 -15.78 6.71 -52.58
N PHE A 343 -16.31 7.90 -52.26
CA PHE A 343 -15.84 9.17 -52.81
C PHE A 343 -15.12 9.98 -51.72
N SER A 344 -14.52 11.09 -52.11
CA SER A 344 -13.93 12.04 -51.16
C SER A 344 -14.95 12.47 -50.09
N GLU A 345 -16.17 12.75 -50.52
CA GLU A 345 -17.23 13.23 -49.63
C GLU A 345 -17.63 12.16 -48.61
N SER A 346 -17.73 10.92 -49.06
CA SER A 346 -18.00 9.79 -48.18
C SER A 346 -16.97 9.70 -47.06
N ALA A 347 -15.69 9.86 -47.43
CA ALA A 347 -14.58 9.74 -46.47
C ALA A 347 -14.56 10.90 -45.49
N LEU A 348 -14.77 12.12 -45.98
CA LEU A 348 -14.85 13.29 -45.11
C LEU A 348 -15.97 13.11 -44.09
N LYS A 349 -17.10 12.59 -44.58
CA LYS A 349 -18.28 12.33 -43.75
C LYS A 349 -18.01 11.28 -42.67
N GLY A 350 -17.34 10.20 -43.05
CA GLY A 350 -16.96 9.14 -42.12
C GLY A 350 -16.02 9.64 -41.03
N ALA A 351 -15.02 10.42 -41.43
CA ALA A 351 -14.06 11.00 -40.47
C ALA A 351 -14.77 11.89 -39.44
N HIS A 352 -15.63 12.78 -39.93
CA HIS A 352 -16.45 13.65 -39.06
C HIS A 352 -17.31 12.81 -38.13
N PHE A 353 -18.05 11.87 -38.68
CA PHE A 353 -18.94 11.02 -37.89
C PHE A 353 -18.18 10.33 -36.76
N ILE A 354 -17.01 9.79 -37.08
CA ILE A 354 -16.16 9.13 -36.10
C ILE A 354 -15.72 10.08 -34.97
N GLU A 355 -15.38 11.31 -35.32
CA GLU A 355 -15.05 12.34 -34.31
C GLU A 355 -16.18 12.51 -33.30
N LEU A 356 -17.41 12.54 -33.79
CA LEU A 356 -18.57 12.74 -32.92
C LEU A 356 -18.78 11.57 -31.97
N CYS A 357 -18.73 10.35 -32.51
CA CYS A 357 -18.86 9.15 -31.70
C CYS A 357 -17.77 9.09 -30.62
N ASP A 358 -16.57 9.51 -31.01
CA ASP A 358 -15.43 9.52 -30.10
C ASP A 358 -15.65 10.49 -28.92
N LYS A 359 -16.08 11.71 -29.22
CA LYS A 359 -16.37 12.70 -28.16
C LYS A 359 -17.56 12.28 -27.30
N ARG A 360 -18.58 11.68 -27.92
CA ARG A 360 -19.81 11.30 -27.20
C ARG A 360 -19.76 9.92 -26.55
N LYS A 361 -18.63 9.21 -26.71
CA LYS A 361 -18.43 7.87 -26.15
C LYS A 361 -19.43 6.85 -26.70
N ILE A 362 -19.60 6.91 -28.02
CA ILE A 362 -20.47 6.00 -28.74
C ILE A 362 -19.61 4.98 -29.48
N PRO A 363 -19.72 3.69 -29.13
CA PRO A 363 -19.04 2.62 -29.85
C PRO A 363 -19.38 2.64 -31.34
N LEU A 364 -18.43 2.24 -32.17
CA LEU A 364 -18.62 2.24 -33.63
C LEU A 364 -18.89 0.85 -34.15
N LEU A 365 -19.83 0.73 -35.09
CA LEU A 365 -20.09 -0.53 -35.77
C LEU A 365 -19.87 -0.35 -37.26
N PHE A 366 -18.86 -1.02 -37.81
CA PHE A 366 -18.54 -0.94 -39.23
C PHE A 366 -19.18 -2.11 -39.98
N LEU A 367 -20.05 -1.79 -40.94
CA LEU A 367 -20.64 -2.79 -41.81
C LEU A 367 -19.99 -2.68 -43.18
N GLN A 368 -19.06 -3.58 -43.46
CA GLN A 368 -18.25 -3.51 -44.67
C GLN A 368 -18.89 -4.21 -45.86
N ASN A 369 -18.98 -3.47 -46.96
CA ASN A 369 -19.27 -4.00 -48.28
C ASN A 369 -18.61 -3.06 -49.28
N ILE A 370 -17.29 -3.12 -49.34
CA ILE A 370 -16.53 -2.04 -49.95
C ILE A 370 -15.68 -2.48 -51.13
N ALA A 371 -16.14 -2.12 -52.33
CA ALA A 371 -15.41 -2.34 -53.57
C ALA A 371 -14.09 -1.57 -53.57
N GLY A 372 -14.21 -0.27 -53.36
CA GLY A 372 -13.04 0.62 -53.32
C GLY A 372 -13.42 2.08 -53.50
N PHE A 373 -12.44 2.89 -53.90
CA PHE A 373 -12.63 4.31 -54.13
C PHE A 373 -12.86 4.59 -55.60
N MET A 374 -13.57 5.69 -55.88
CA MET A 374 -13.75 6.17 -57.24
C MET A 374 -12.38 6.45 -57.85
N VAL A 375 -12.23 6.12 -59.13
CA VAL A 375 -10.94 6.21 -59.82
C VAL A 375 -11.01 7.18 -60.99
N GLY A 376 -9.87 7.80 -61.30
CA GLY A 376 -9.78 8.76 -62.41
C GLY A 376 -9.04 10.02 -62.01
N ARG A 377 -8.63 10.79 -63.02
CA ARG A 377 -7.81 11.99 -62.80
C ARG A 377 -8.50 13.02 -61.89
N ASP A 378 -9.75 13.34 -62.18
CA ASP A 378 -10.50 14.33 -61.40
C ASP A 378 -10.63 13.95 -59.93
N TYR A 379 -10.68 12.64 -59.66
CA TYR A 379 -10.82 12.15 -58.30
C TYR A 379 -9.49 12.21 -57.53
N GLU A 380 -8.41 11.82 -58.19
CA GLU A 380 -7.07 11.96 -57.60
C GLU A 380 -6.71 13.45 -57.43
N ALA A 381 -7.05 14.26 -58.43
CA ALA A 381 -6.81 15.71 -58.38
C ALA A 381 -7.62 16.40 -57.27
N GLY A 382 -8.80 15.86 -56.96
CA GLY A 382 -9.62 16.34 -55.85
C GLY A 382 -9.16 15.85 -54.49
N GLY A 383 -8.08 15.08 -54.46
CA GLY A 383 -7.41 14.68 -53.22
C GLY A 383 -8.04 13.49 -52.53
N ILE A 384 -8.53 12.53 -53.31
CA ILE A 384 -9.23 11.38 -52.74
C ILE A 384 -8.33 10.55 -51.80
N ALA A 385 -7.04 10.48 -52.11
CA ALA A 385 -6.09 9.79 -51.25
C ALA A 385 -6.00 10.40 -49.86
N LYS A 386 -5.99 11.73 -49.78
CA LYS A 386 -5.87 12.41 -48.48
C LYS A 386 -7.19 12.43 -47.71
N HIS A 387 -8.31 12.41 -48.42
CA HIS A 387 -9.62 12.35 -47.77
C HIS A 387 -9.83 10.96 -47.18
N GLY A 388 -9.47 9.93 -47.94
CA GLY A 388 -9.43 8.56 -47.42
C GLY A 388 -8.52 8.47 -46.20
N ALA A 389 -7.36 9.12 -46.28
CA ALA A 389 -6.38 9.13 -45.19
C ALA A 389 -6.96 9.66 -43.89
N LYS A 390 -7.72 10.75 -43.96
CA LYS A 390 -8.36 11.33 -42.77
C LYS A 390 -9.25 10.33 -42.06
N MET A 391 -10.03 9.57 -42.84
CA MET A 391 -10.91 8.56 -42.29
C MET A 391 -10.11 7.46 -41.60
N VAL A 392 -9.05 6.99 -42.24
CA VAL A 392 -8.17 5.96 -41.65
C VAL A 392 -7.55 6.46 -40.34
N THR A 393 -7.09 7.71 -40.33
CA THR A 393 -6.53 8.33 -39.13
C THR A 393 -7.55 8.28 -37.98
N ALA A 394 -8.80 8.63 -38.30
CA ALA A 394 -9.88 8.64 -37.31
C ALA A 394 -10.23 7.23 -36.81
N VAL A 395 -10.28 6.26 -37.71
CA VAL A 395 -10.52 4.86 -37.34
C VAL A 395 -9.42 4.33 -36.42
N ALA A 396 -8.18 4.56 -36.83
CA ALA A 396 -7.01 4.05 -36.10
C ALA A 396 -6.90 4.64 -34.71
N CYS A 397 -7.19 5.94 -34.60
CA CYS A 397 -6.96 6.69 -33.37
C CYS A 397 -8.16 6.76 -32.44
N ALA A 398 -9.33 6.34 -32.90
CA ALA A 398 -10.54 6.41 -32.08
C ALA A 398 -10.37 5.62 -30.78
N ARG A 399 -10.83 6.21 -29.67
CA ARG A 399 -10.69 5.58 -28.35
C ARG A 399 -11.91 4.75 -27.94
N VAL A 400 -13.02 4.91 -28.66
CA VAL A 400 -14.21 4.07 -28.41
C VAL A 400 -14.01 2.66 -28.97
N PRO A 401 -14.67 1.65 -28.37
CA PRO A 401 -14.62 0.31 -28.93
C PRO A 401 -15.16 0.30 -30.36
N LYS A 402 -14.61 -0.58 -31.18
CA LYS A 402 -15.05 -0.71 -32.55
C LYS A 402 -15.37 -2.17 -32.84
N LEU A 403 -16.46 -2.39 -33.58
CA LEU A 403 -16.83 -3.73 -34.03
C LEU A 403 -16.98 -3.67 -35.53
N THR A 404 -16.57 -4.74 -36.20
CA THR A 404 -16.65 -4.82 -37.66
C THR A 404 -17.34 -6.10 -38.07
N VAL A 405 -18.28 -5.96 -39.00
CA VAL A 405 -18.95 -7.10 -39.62
C VAL A 405 -18.84 -6.91 -41.13
N VAL A 406 -18.19 -7.85 -41.80
CA VAL A 406 -18.13 -7.82 -43.26
C VAL A 406 -19.38 -8.52 -43.80
N ILE A 407 -20.30 -7.71 -44.33
CA ILE A 407 -21.58 -8.22 -44.85
C ILE A 407 -21.55 -8.43 -46.37
N GLY A 408 -20.47 -7.99 -47.01
CA GLY A 408 -20.29 -8.14 -48.44
C GLY A 408 -18.81 -8.24 -48.79
N GLY A 409 -18.33 -7.32 -49.61
CA GLY A 409 -16.92 -7.28 -49.98
C GLY A 409 -16.06 -6.56 -48.96
N SER A 410 -14.80 -7.00 -48.84
CA SER A 410 -13.79 -6.27 -48.09
C SER A 410 -12.52 -6.27 -48.92
N TYR A 411 -12.35 -5.22 -49.73
CA TYR A 411 -11.30 -5.17 -50.74
C TYR A 411 -10.43 -3.93 -50.63
N GLY A 412 -9.12 -4.14 -50.71
CA GLY A 412 -8.15 -3.06 -50.85
C GLY A 412 -8.13 -2.04 -49.73
N ALA A 413 -7.85 -0.80 -50.10
CA ALA A 413 -7.74 0.32 -49.17
C ALA A 413 -9.05 0.61 -48.43
N GLY A 414 -10.17 0.18 -49.01
CA GLY A 414 -11.48 0.30 -48.37
C GLY A 414 -11.60 -0.50 -47.09
N ASN A 415 -10.94 -1.66 -47.05
CA ASN A 415 -10.85 -2.45 -45.82
C ASN A 415 -10.24 -1.63 -44.69
N TYR A 416 -9.19 -0.87 -45.02
CA TYR A 416 -8.47 -0.08 -44.03
C TYR A 416 -9.33 1.08 -43.53
N SER A 417 -9.91 1.80 -44.48
CA SER A 417 -10.82 2.90 -44.17
C SER A 417 -12.06 2.47 -43.37
N MET A 418 -12.43 1.20 -43.45
CA MET A 418 -13.64 0.70 -42.78
C MET A 418 -13.35 -0.23 -41.59
N CYS A 419 -12.20 -0.02 -40.96
CA CYS A 419 -11.82 -0.72 -39.74
C CYS A 419 -11.63 -2.24 -39.90
N GLY A 420 -10.75 -2.62 -40.82
CA GLY A 420 -10.33 -4.01 -40.95
C GLY A 420 -9.54 -4.53 -39.75
N ARG A 421 -9.05 -5.75 -39.86
CA ARG A 421 -8.36 -6.45 -38.77
C ARG A 421 -7.14 -5.70 -38.23
N ALA A 422 -6.47 -4.95 -39.10
CA ALA A 422 -5.26 -4.22 -38.70
C ALA A 422 -5.54 -2.98 -37.84
N TYR A 423 -6.82 -2.63 -37.68
CA TYR A 423 -7.21 -1.45 -36.93
C TYR A 423 -7.81 -1.79 -35.56
N SER A 424 -7.60 -3.04 -35.15
CA SER A 424 -7.91 -3.50 -33.80
C SER A 424 -9.35 -3.22 -33.35
N PRO A 425 -10.33 -3.60 -34.18
CA PRO A 425 -11.67 -3.65 -33.64
C PRO A 425 -11.73 -4.75 -32.59
N ARG A 426 -12.55 -4.56 -31.57
CA ARG A 426 -12.63 -5.53 -30.47
C ARG A 426 -12.96 -6.92 -31.01
N PHE A 427 -13.84 -6.96 -32.00
CA PHE A 427 -14.22 -8.18 -32.69
C PHE A 427 -14.46 -7.90 -34.16
N LEU A 428 -14.17 -8.89 -35.00
CA LEU A 428 -14.46 -8.80 -36.43
C LEU A 428 -15.09 -10.11 -36.87
N TRP A 429 -16.28 -10.03 -37.46
CA TRP A 429 -16.98 -11.20 -37.96
C TRP A 429 -17.24 -11.10 -39.44
N MET A 430 -17.59 -12.24 -40.04
CA MET A 430 -17.98 -12.27 -41.44
C MET A 430 -19.27 -13.03 -41.67
N TRP A 431 -20.06 -12.52 -42.62
CA TRP A 431 -21.23 -13.23 -43.10
C TRP A 431 -20.80 -14.32 -44.07
N PRO A 432 -21.65 -15.34 -44.28
CA PRO A 432 -21.26 -16.46 -45.14
C PRO A 432 -21.03 -16.07 -46.62
N ASN A 433 -21.65 -14.99 -47.06
CA ASN A 433 -21.50 -14.51 -48.43
C ASN A 433 -20.30 -13.59 -48.64
N ALA A 434 -19.60 -13.25 -47.56
CA ALA A 434 -18.56 -12.23 -47.63
C ALA A 434 -17.32 -12.71 -48.40
N ARG A 435 -16.56 -11.74 -48.92
CA ARG A 435 -15.28 -11.99 -49.57
C ARG A 435 -14.27 -10.97 -49.05
N ILE A 436 -13.01 -11.39 -48.93
CA ILE A 436 -11.94 -10.47 -48.52
C ILE A 436 -10.64 -10.77 -49.28
N SER A 437 -10.07 -9.73 -49.89
CA SER A 437 -8.86 -9.86 -50.68
C SER A 437 -8.33 -8.50 -51.08
N VAL A 438 -7.07 -8.44 -51.48
CA VAL A 438 -6.40 -7.17 -51.80
C VAL A 438 -7.17 -6.40 -52.87
N MET A 439 -7.84 -7.12 -53.75
CA MET A 439 -8.86 -6.54 -54.61
C MET A 439 -9.90 -7.59 -54.95
N GLY A 440 -11.04 -7.15 -55.45
CA GLY A 440 -12.12 -8.06 -55.84
C GLY A 440 -11.66 -9.01 -56.92
N GLY A 441 -12.18 -10.23 -56.90
CA GLY A 441 -11.81 -11.26 -57.86
C GLY A 441 -11.93 -10.82 -59.30
N GLU A 442 -13.11 -10.31 -59.67
CA GLU A 442 -13.37 -9.83 -61.04
C GLU A 442 -12.51 -8.63 -61.37
N GLN A 443 -12.35 -7.74 -60.40
CA GLN A 443 -11.50 -6.57 -60.53
C GLN A 443 -10.05 -6.98 -60.82
N ALA A 444 -9.56 -7.97 -60.07
CA ALA A 444 -8.19 -8.48 -60.23
C ALA A 444 -7.97 -9.09 -61.61
N ALA A 445 -8.90 -9.96 -62.01
CA ALA A 445 -8.83 -10.63 -63.32
C ALA A 445 -8.84 -9.60 -64.43
N SER A 446 -9.74 -8.64 -64.32
CA SER A 446 -9.89 -7.58 -65.32
C SER A 446 -8.65 -6.69 -65.43
N VAL A 447 -8.08 -6.33 -64.28
CA VAL A 447 -6.89 -5.45 -64.26
C VAL A 447 -5.64 -6.18 -64.76
N LEU A 448 -5.45 -7.43 -64.30
CA LEU A 448 -4.29 -8.22 -64.73
C LEU A 448 -4.38 -8.60 -66.22
N ALA A 449 -5.59 -8.82 -66.71
CA ALA A 449 -5.80 -9.07 -68.14
C ALA A 449 -5.51 -7.82 -68.97
N THR A 450 -5.88 -6.65 -68.45
CA THR A 450 -5.61 -5.38 -69.12
C THR A 450 -4.10 -5.18 -69.31
N VAL A 451 -3.32 -5.47 -68.27
CA VAL A 451 -1.86 -5.30 -68.37
C VAL A 451 -1.23 -6.36 -69.27
N ARG A 452 -1.66 -7.62 -69.13
CA ARG A 452 -1.11 -8.72 -69.91
C ARG A 452 -1.47 -8.58 -71.39
N GLY A 453 -2.71 -8.17 -71.66
CA GLY A 453 -3.18 -7.91 -73.03
C GLY A 453 -2.35 -6.84 -73.73
N GLU A 454 -2.03 -5.78 -73.01
CA GLU A 454 -1.22 -4.68 -73.55
C GLU A 454 0.21 -5.13 -73.86
N GLN A 455 0.79 -5.95 -72.97
CA GLN A 455 2.14 -6.48 -73.15
C GLN A 455 2.22 -7.41 -74.37
N LEU A 456 1.23 -8.29 -74.51
CA LEU A 456 1.18 -9.22 -75.65
C LEU A 456 1.05 -8.44 -76.97
N SER A 457 0.20 -7.41 -76.98
CA SER A 457 0.08 -6.51 -78.13
C SER A 457 1.41 -5.85 -78.48
N ALA A 458 2.08 -5.30 -77.48
CA ALA A 458 3.35 -4.59 -77.66
C ALA A 458 4.46 -5.51 -78.15
N ALA A 459 4.40 -6.77 -77.75
CA ALA A 459 5.37 -7.78 -78.19
C ALA A 459 5.00 -8.40 -79.55
N GLY A 460 3.87 -7.98 -80.11
CA GLY A 460 3.41 -8.46 -81.42
C GLY A 460 2.66 -9.78 -81.41
N THR A 461 2.27 -10.24 -80.23
CA THR A 461 1.50 -11.50 -80.11
C THR A 461 0.18 -11.27 -79.37
N PRO A 462 -0.71 -10.42 -79.93
CA PRO A 462 -1.98 -10.13 -79.28
C PRO A 462 -2.84 -11.36 -79.16
N TRP A 463 -3.57 -11.48 -78.05
CA TRP A 463 -4.36 -12.68 -77.78
C TRP A 463 -5.79 -12.60 -78.29
N SER A 464 -6.43 -13.76 -78.38
CA SER A 464 -7.84 -13.84 -78.73
C SER A 464 -8.70 -13.68 -77.48
N PRO A 465 -9.98 -13.31 -77.65
CA PRO A 465 -10.99 -13.38 -76.60
C PRO A 465 -10.99 -14.67 -75.77
N ASP A 466 -10.80 -15.82 -76.40
CA ASP A 466 -10.74 -17.10 -75.70
C ASP A 466 -9.54 -17.20 -74.76
N GLU A 467 -8.40 -16.74 -75.26
CA GLU A 467 -7.14 -16.80 -74.50
C GLU A 467 -7.16 -15.85 -73.30
N GLU A 468 -7.68 -14.65 -73.50
CA GLU A 468 -7.89 -13.68 -72.42
C GLU A 468 -8.75 -14.29 -71.31
N GLU A 469 -9.83 -14.96 -71.72
CA GLU A 469 -10.73 -15.65 -70.80
C GLU A 469 -10.07 -16.82 -70.08
N ALA A 470 -9.22 -17.55 -70.79
CA ALA A 470 -8.47 -18.68 -70.21
C ALA A 470 -7.46 -18.19 -69.16
N PHE A 471 -6.97 -16.97 -69.36
CA PHE A 471 -6.02 -16.32 -68.43
C PHE A 471 -6.73 -15.83 -67.16
N LYS A 472 -7.97 -15.35 -67.31
CA LYS A 472 -8.74 -14.83 -66.18
C LYS A 472 -9.25 -15.90 -65.22
N ALA A 473 -9.51 -17.10 -65.74
CA ALA A 473 -10.18 -18.14 -64.97
C ALA A 473 -9.41 -18.57 -63.71
N PRO A 474 -8.08 -18.80 -63.83
CA PRO A 474 -7.29 -19.11 -62.63
C PRO A 474 -7.18 -17.95 -61.63
N ILE A 475 -7.21 -16.72 -62.12
CA ILE A 475 -7.17 -15.55 -61.25
C ILE A 475 -8.47 -15.47 -60.45
N ARG A 476 -9.61 -15.57 -61.13
CA ARG A 476 -10.92 -15.65 -60.44
C ARG A 476 -10.96 -16.79 -59.42
N ALA A 477 -10.34 -17.91 -59.75
CA ALA A 477 -10.29 -19.06 -58.84
C ALA A 477 -9.42 -18.76 -57.60
N GLN A 478 -8.30 -18.04 -57.81
CA GLN A 478 -7.42 -17.67 -56.71
C GLN A 478 -8.16 -16.83 -55.66
N TYR A 479 -8.88 -15.81 -56.14
CA TYR A 479 -9.58 -14.87 -55.26
C TYR A 479 -10.82 -15.46 -54.61
N GLU A 480 -11.48 -16.36 -55.34
CA GLU A 480 -12.57 -17.14 -54.76
C GLU A 480 -12.06 -18.09 -53.67
N ASP A 481 -10.89 -18.68 -53.89
CA ASP A 481 -10.31 -19.64 -52.95
C ASP A 481 -9.69 -18.97 -51.72
N GLN A 482 -8.90 -17.93 -51.94
CA GLN A 482 -8.23 -17.22 -50.85
C GLN A 482 -9.12 -16.18 -50.15
N GLY A 483 -10.26 -15.86 -50.76
CA GLY A 483 -11.10 -14.77 -50.28
C GLY A 483 -12.40 -15.17 -49.60
N ASN A 484 -12.76 -16.45 -49.67
CA ASN A 484 -14.02 -16.88 -49.07
C ASN A 484 -13.91 -16.94 -47.54
N PRO A 485 -15.05 -16.90 -46.84
CA PRO A 485 -15.02 -16.79 -45.37
C PRO A 485 -14.35 -17.96 -44.65
N TYR A 486 -14.38 -19.15 -45.24
CA TYR A 486 -13.76 -20.33 -44.62
C TYR A 486 -12.23 -20.23 -44.64
N TYR A 487 -11.68 -19.67 -45.70
CA TYR A 487 -10.24 -19.47 -45.81
C TYR A 487 -9.80 -18.37 -44.84
N SER A 488 -10.57 -17.30 -44.79
CA SER A 488 -10.34 -16.20 -43.85
C SER A 488 -10.41 -16.66 -42.39
N THR A 489 -11.51 -17.31 -42.04
CA THR A 489 -11.75 -17.68 -40.65
C THR A 489 -10.78 -18.78 -40.17
N ALA A 490 -10.31 -19.62 -41.09
CA ALA A 490 -9.31 -20.65 -40.75
C ALA A 490 -8.00 -20.04 -40.25
N ARG A 491 -7.67 -18.86 -40.77
CA ARG A 491 -6.43 -18.15 -40.43
C ARG A 491 -6.61 -17.04 -39.41
N LEU A 492 -7.82 -16.96 -38.85
CA LEU A 492 -8.18 -15.93 -37.86
C LEU A 492 -8.03 -14.47 -38.32
N TRP A 493 -8.24 -14.23 -39.61
CA TRP A 493 -8.39 -12.85 -40.08
C TRP A 493 -9.66 -12.26 -39.48
N ASP A 494 -10.61 -13.14 -39.13
CA ASP A 494 -11.84 -12.79 -38.44
C ASP A 494 -12.03 -13.71 -37.25
N ASP A 495 -12.95 -13.34 -36.37
CA ASP A 495 -13.26 -14.11 -35.17
C ASP A 495 -14.39 -15.12 -35.38
N GLY A 496 -14.90 -15.21 -36.60
CA GLY A 496 -15.93 -16.19 -36.91
C GLY A 496 -16.86 -15.80 -38.04
N ILE A 497 -17.45 -16.81 -38.66
CA ILE A 497 -18.51 -16.60 -39.65
C ILE A 497 -19.84 -16.71 -38.92
N ILE A 498 -20.69 -15.71 -39.07
CA ILE A 498 -21.98 -15.68 -38.37
C ILE A 498 -23.15 -15.75 -39.35
N ASP A 499 -24.22 -16.39 -38.89
CA ASP A 499 -25.51 -16.32 -39.56
C ASP A 499 -25.91 -14.85 -39.59
N PRO A 500 -26.22 -14.29 -40.78
CA PRO A 500 -26.63 -12.87 -40.84
C PRO A 500 -27.76 -12.51 -39.88
N ALA A 501 -28.66 -13.46 -39.63
CA ALA A 501 -29.75 -13.25 -38.67
C ALA A 501 -29.29 -13.18 -37.20
N ASP A 502 -28.05 -13.56 -36.92
CA ASP A 502 -27.48 -13.44 -35.57
C ASP A 502 -26.69 -12.14 -35.36
N THR A 503 -26.54 -11.34 -36.40
CA THR A 503 -25.76 -10.11 -36.34
C THR A 503 -26.13 -9.26 -35.11
N ARG A 504 -27.42 -9.02 -34.94
CA ARG A 504 -27.91 -8.18 -33.84
C ARG A 504 -27.56 -8.78 -32.46
N THR A 505 -27.76 -10.08 -32.31
CA THR A 505 -27.48 -10.78 -31.06
C THR A 505 -26.00 -10.70 -30.69
N VAL A 506 -25.15 -11.04 -31.65
CA VAL A 506 -23.70 -11.07 -31.47
C VAL A 506 -23.16 -9.68 -31.12
N VAL A 507 -23.56 -8.67 -31.89
CA VAL A 507 -23.18 -7.28 -31.62
C VAL A 507 -23.63 -6.80 -30.24
N GLY A 508 -24.86 -7.14 -29.86
CA GLY A 508 -25.38 -6.78 -28.54
C GLY A 508 -24.58 -7.40 -27.41
N LEU A 509 -24.19 -8.66 -27.62
CA LEU A 509 -23.36 -9.40 -26.66
C LEU A 509 -21.97 -8.77 -26.55
N ALA A 510 -21.36 -8.48 -27.69
CA ALA A 510 -20.01 -7.91 -27.74
C ALA A 510 -19.97 -6.54 -27.07
N LEU A 511 -20.96 -5.69 -27.35
CA LEU A 511 -21.03 -4.36 -26.74
C LEU A 511 -21.14 -4.44 -25.22
N SER A 512 -21.85 -5.45 -24.73
CA SER A 512 -21.93 -5.69 -23.29
C SER A 512 -20.55 -6.01 -22.71
N LEU A 513 -19.76 -6.78 -23.45
CA LEU A 513 -18.39 -7.12 -23.07
C LEU A 513 -17.45 -5.92 -23.12
N CYS A 514 -17.58 -5.08 -24.15
CA CYS A 514 -16.71 -3.92 -24.34
C CYS A 514 -17.00 -2.77 -23.38
N ALA A 515 -18.12 -2.85 -22.66
CA ALA A 515 -18.60 -1.73 -21.86
C ALA A 515 -17.82 -1.47 -20.58
N HIS A 516 -16.91 -2.38 -20.19
CA HIS A 516 -16.24 -2.29 -18.89
C HIS A 516 -14.73 -2.15 -18.93
N ALA A 517 -14.17 -1.84 -20.10
CA ALA A 517 -12.76 -1.50 -20.20
C ALA A 517 -12.62 0.01 -20.29
N PRO A 518 -11.83 0.64 -19.39
CA PRO A 518 -11.66 2.10 -19.41
C PRO A 518 -11.18 2.65 -20.75
N LEU A 519 -11.78 3.75 -21.19
CA LEU A 519 -11.44 4.35 -22.46
C LEU A 519 -10.23 5.26 -22.31
N ASP A 520 -9.38 5.27 -23.33
CA ASP A 520 -8.31 6.26 -23.43
C ASP A 520 -8.89 7.63 -23.75
N GLN A 521 -8.05 8.64 -23.63
CA GLN A 521 -8.38 9.99 -24.05
C GLN A 521 -8.54 10.06 -25.57
N VAL A 522 -9.29 11.06 -26.02
CA VAL A 522 -9.38 11.39 -27.43
C VAL A 522 -8.05 11.97 -27.89
N GLY A 523 -7.56 11.51 -29.04
CA GLY A 523 -6.32 12.05 -29.61
C GLY A 523 -6.05 11.49 -30.99
N TYR A 524 -5.82 12.36 -31.96
CA TYR A 524 -5.62 11.94 -33.35
C TYR A 524 -4.23 12.25 -33.85
N GLY A 525 -3.78 11.48 -34.83
CA GLY A 525 -2.61 11.83 -35.61
C GLY A 525 -2.92 13.05 -36.44
N VAL A 526 -1.93 13.56 -37.16
CA VAL A 526 -2.14 14.73 -38.01
C VAL A 526 -3.19 14.41 -39.08
N PHE A 527 -4.20 15.26 -39.19
CA PHE A 527 -5.16 15.17 -40.29
C PHE A 527 -4.61 15.94 -41.49
N ARG A 528 -4.40 15.25 -42.60
CA ARG A 528 -3.94 15.89 -43.82
C ARG A 528 -5.10 16.65 -44.45
N MET A 529 -5.17 17.95 -44.16
CA MET A 529 -6.27 18.78 -44.66
C MET A 529 -6.24 18.91 -46.18
N SER B 11 -12.69 -27.97 31.89
CA SER B 11 -12.81 -28.02 30.40
C SER B 11 -12.25 -26.74 29.75
N PHE B 12 -11.97 -26.81 28.45
CA PHE B 12 -11.51 -25.64 27.70
C PHE B 12 -12.47 -24.49 27.89
N ALA B 13 -13.76 -24.77 27.66
CA ALA B 13 -14.80 -23.76 27.72
C ALA B 13 -14.93 -23.12 29.09
N ASP B 14 -14.79 -23.92 30.15
CA ASP B 14 -14.85 -23.42 31.51
C ASP B 14 -13.76 -22.37 31.76
N GLU B 15 -12.56 -22.64 31.28
CA GLU B 15 -11.44 -21.72 31.43
C GLU B 15 -11.61 -20.47 30.56
N HIS B 16 -12.16 -20.62 29.35
CA HIS B 16 -12.47 -19.46 28.50
C HIS B 16 -13.53 -18.57 29.14
N ARG B 17 -14.61 -19.17 29.63
CA ARG B 17 -15.66 -18.42 30.31
C ARG B 17 -15.16 -17.70 31.57
N ARG B 18 -14.20 -18.32 32.27
CA ARG B 18 -13.57 -17.68 33.44
C ARG B 18 -12.74 -16.47 33.02
N LEU B 19 -11.93 -16.63 31.97
CA LEU B 19 -11.10 -15.54 31.46
C LEU B 19 -11.94 -14.38 30.92
N VAL B 20 -13.08 -14.70 30.30
CA VAL B 20 -13.99 -13.68 29.77
C VAL B 20 -14.70 -12.91 30.89
N ALA B 21 -15.13 -13.62 31.93
CA ALA B 21 -15.74 -12.98 33.10
C ALA B 21 -14.76 -12.01 33.77
N GLU B 22 -13.50 -12.43 33.89
CA GLU B 22 -12.44 -11.56 34.41
C GLU B 22 -12.23 -10.32 33.54
N LEU B 23 -12.28 -10.50 32.22
CA LEU B 23 -12.17 -9.40 31.27
C LEU B 23 -13.32 -8.41 31.43
N ASN B 24 -14.54 -8.93 31.53
CA ASN B 24 -15.73 -8.08 31.65
C ASN B 24 -15.80 -7.30 32.96
N ASN B 25 -15.32 -7.90 34.04
CA ASN B 25 -15.21 -7.19 35.32
C ASN B 25 -14.21 -6.04 35.25
N LYS B 26 -13.08 -6.28 34.60
CA LYS B 26 -12.07 -5.23 34.36
C LYS B 26 -12.63 -4.10 33.49
N LEU B 27 -13.39 -4.48 32.46
CA LEU B 27 -13.99 -3.51 31.54
C LEU B 27 -15.06 -2.65 32.24
N ALA B 28 -15.90 -3.30 33.04
CA ALA B 28 -16.94 -2.59 33.79
C ALA B 28 -16.32 -1.61 34.79
N ALA B 29 -15.29 -2.07 35.49
CA ALA B 29 -14.60 -1.23 36.46
C ALA B 29 -13.94 -0.02 35.81
N ALA B 30 -13.25 -0.24 34.70
CA ALA B 30 -12.55 0.84 34.00
C ALA B 30 -13.52 1.85 33.39
N ALA B 31 -14.70 1.37 32.96
CA ALA B 31 -15.71 2.23 32.36
C ALA B 31 -16.30 3.27 33.32
N LEU B 32 -16.28 2.96 34.62
CA LEU B 32 -16.72 3.91 35.66
C LEU B 32 -15.83 5.16 35.73
N GLY B 33 -14.55 5.01 35.39
CA GLY B 33 -13.60 6.10 35.46
C GLY B 33 -13.08 6.30 36.86
N GLY B 34 -13.16 7.52 37.37
CA GLY B 34 -12.71 7.83 38.74
C GLY B 34 -13.62 7.23 39.80
N ASN B 35 -13.22 7.38 41.06
CA ASN B 35 -14.03 6.86 42.18
C ASN B 35 -15.33 7.65 42.34
N GLU B 36 -16.20 7.17 43.22
CA GLU B 36 -17.55 7.72 43.36
C GLU B 36 -17.54 9.21 43.76
N ARG B 37 -16.57 9.62 44.56
CA ARG B 37 -16.44 11.02 44.94
C ARG B 37 -16.20 11.90 43.71
N ALA B 38 -15.21 11.53 42.90
CA ALA B 38 -14.84 12.27 41.69
C ALA B 38 -15.99 12.32 40.69
N ARG B 39 -16.70 11.21 40.56
CA ARG B 39 -17.89 11.15 39.72
C ARG B 39 -19.00 12.08 40.22
N LYS B 40 -19.17 12.13 41.54
CA LYS B 40 -20.11 13.05 42.16
C LYS B 40 -19.72 14.50 41.89
N ARG B 41 -18.42 14.82 42.01
CA ARG B 41 -17.95 16.19 41.82
C ARG B 41 -18.09 16.64 40.36
N HIS B 42 -17.84 15.73 39.44
CA HIS B 42 -17.94 16.02 38.01
C HIS B 42 -19.35 16.45 37.63
N VAL B 43 -20.32 15.72 38.16
CA VAL B 43 -21.73 15.85 37.77
C VAL B 43 -22.47 16.92 38.60
N SER B 44 -21.83 17.42 39.67
CA SER B 44 -22.48 18.33 40.63
C SER B 44 -22.97 19.66 40.04
N ARG B 45 -22.20 20.24 39.13
N ARG B 45 -22.20 20.24 39.13
N ARG B 45 -22.19 20.15 39.08
CA ARG B 45 -22.60 21.53 38.52
CA ARG B 45 -22.60 21.53 38.52
CA ARG B 45 -22.35 21.44 38.42
C ARG B 45 -23.14 21.36 37.11
C ARG B 45 -23.14 21.36 37.11
C ARG B 45 -23.23 21.41 37.15
N GLY B 46 -23.86 20.27 36.88
CA GLY B 46 -24.63 20.07 35.63
C GLY B 46 -23.99 19.27 34.50
N LYS B 47 -22.71 18.92 34.62
CA LYS B 47 -22.03 18.17 33.57
C LYS B 47 -22.57 16.76 33.42
N LEU B 48 -22.48 16.21 32.21
CA LEU B 48 -22.69 14.79 31.97
C LEU B 48 -21.38 14.05 32.21
N LEU B 49 -21.48 12.80 32.65
CA LEU B 49 -20.30 11.95 32.79
C LEU B 49 -19.73 11.69 31.39
N PRO B 50 -18.41 11.45 31.29
CA PRO B 50 -17.77 11.21 29.98
C PRO B 50 -18.43 10.12 29.13
N ARG B 51 -18.78 8.99 29.76
CA ARG B 51 -19.49 7.90 29.08
C ARG B 51 -20.85 8.34 28.56
N GLU B 52 -21.57 9.09 29.39
CA GLU B 52 -22.86 9.67 28.99
C GLU B 52 -22.70 10.61 27.79
N ARG B 53 -21.60 11.35 27.75
CA ARG B 53 -21.34 12.29 26.65
C ARG B 53 -21.18 11.57 25.31
N VAL B 54 -20.38 10.50 25.32
CA VAL B 54 -20.20 9.65 24.14
C VAL B 54 -21.53 9.06 23.73
N ASP B 55 -22.26 8.52 24.71
CA ASP B 55 -23.55 7.87 24.46
C ASP B 55 -24.59 8.78 23.80
N ARG B 56 -24.66 10.03 24.26
CA ARG B 56 -25.63 11.01 23.74
C ARG B 56 -25.23 11.54 22.38
N LEU B 57 -23.94 11.43 22.05
CA LEU B 57 -23.42 11.88 20.77
C LEU B 57 -23.78 10.89 19.66
N LEU B 58 -23.76 9.61 19.99
CA LEU B 58 -24.01 8.55 19.02
C LEU B 58 -25.45 8.50 18.56
N ASP B 59 -25.65 8.10 17.31
CA ASP B 59 -27.00 7.82 16.79
C ASP B 59 -27.58 6.67 17.60
N PRO B 60 -28.87 6.75 17.95
CA PRO B 60 -29.50 5.68 18.75
C PRO B 60 -29.33 4.30 18.12
N GLY B 61 -28.82 3.36 18.91
CA GLY B 61 -28.61 1.98 18.43
C GLY B 61 -27.33 1.73 17.66
N SER B 62 -26.56 2.79 17.40
CA SER B 62 -25.26 2.65 16.73
C SER B 62 -24.34 1.78 17.56
N PRO B 63 -23.60 0.86 16.92
CA PRO B 63 -22.57 0.17 17.68
C PRO B 63 -21.41 1.13 17.95
N PHE B 64 -20.61 0.80 18.96
CA PHE B 64 -19.45 1.61 19.31
C PHE B 64 -18.25 0.68 19.48
N LEU B 65 -17.31 0.77 18.54
CA LEU B 65 -16.08 0.00 18.62
C LEU B 65 -15.08 0.77 19.48
N GLU B 66 -14.96 0.37 20.74
CA GLU B 66 -14.09 1.07 21.69
C GLU B 66 -12.62 0.64 21.58
N LEU B 67 -11.74 1.62 21.49
CA LEU B 67 -10.30 1.37 21.38
C LEU B 67 -9.62 1.50 22.73
N ALA B 68 -8.82 0.49 23.07
CA ALA B 68 -7.90 0.52 24.22
C ALA B 68 -8.57 0.86 25.56
N PRO B 69 -9.70 0.20 25.88
CA PRO B 69 -10.41 0.50 27.13
C PRO B 69 -9.60 0.21 28.40
N LEU B 70 -8.72 -0.79 28.35
CA LEU B 70 -7.90 -1.15 29.51
C LEU B 70 -6.47 -0.58 29.42
N ALA B 71 -6.31 0.52 28.68
CA ALA B 71 -5.05 1.23 28.64
C ALA B 71 -4.63 1.64 30.05
N ALA B 72 -3.33 1.57 30.31
CA ALA B 72 -2.74 1.92 31.60
C ALA B 72 -3.13 0.99 32.78
N GLY B 73 -3.70 -0.17 32.47
CA GLY B 73 -4.03 -1.15 33.50
C GLY B 73 -2.77 -1.68 34.16
N GLY B 74 -2.72 -1.61 35.49
CA GLY B 74 -1.53 -2.03 36.24
C GLY B 74 -0.37 -1.05 36.19
N MET B 75 -0.62 0.15 35.64
CA MET B 75 0.41 1.18 35.51
C MET B 75 0.02 2.38 36.35
N TYR B 76 1.02 3.17 36.74
CA TYR B 76 0.80 4.39 37.52
C TYR B 76 0.09 4.14 38.85
N GLY B 77 0.32 2.95 39.43
CA GLY B 77 -0.40 2.51 40.63
C GLY B 77 -1.91 2.46 40.44
N ASP B 78 -2.33 2.22 39.19
CA ASP B 78 -3.74 2.25 38.78
C ASP B 78 -4.46 3.59 39.07
N GLU B 79 -3.70 4.68 39.08
CA GLU B 79 -4.25 6.04 39.24
C GLU B 79 -5.13 6.48 38.08
N SER B 80 -4.97 5.85 36.91
CA SER B 80 -5.63 6.30 35.68
C SER B 80 -6.25 5.16 34.86
N PRO B 81 -7.45 4.68 35.27
CA PRO B 81 -8.16 3.65 34.50
C PRO B 81 -8.53 4.13 33.08
N GLY B 82 -8.32 3.26 32.10
CA GLY B 82 -8.49 3.62 30.69
C GLY B 82 -7.55 4.74 30.22
N ALA B 83 -6.53 5.01 31.03
CA ALA B 83 -5.64 6.17 30.86
C ALA B 83 -6.37 7.52 30.86
N GLY B 84 -7.51 7.58 31.53
CA GLY B 84 -8.26 8.83 31.69
C GLY B 84 -8.79 9.42 30.40
N ILE B 85 -9.08 8.57 29.43
CA ILE B 85 -9.57 9.02 28.13
C ILE B 85 -10.35 7.90 27.47
N ILE B 86 -11.39 8.26 26.73
CA ILE B 86 -12.23 7.30 26.02
C ILE B 86 -12.06 7.52 24.53
N THR B 87 -11.76 6.44 23.81
CA THR B 87 -11.58 6.49 22.35
C THR B 87 -12.35 5.36 21.67
N GLY B 88 -13.02 5.69 20.58
CA GLY B 88 -13.70 4.67 19.78
C GLY B 88 -14.30 5.19 18.49
N ILE B 89 -14.95 4.30 17.76
CA ILE B 89 -15.61 4.64 16.49
C ILE B 89 -17.10 4.32 16.61
N GLY B 90 -17.92 5.30 16.24
CA GLY B 90 -19.38 5.13 16.20
C GLY B 90 -20.02 6.08 15.20
N ARG B 91 -21.31 5.88 14.93
CA ARG B 91 -22.03 6.70 13.96
C ARG B 91 -22.60 7.98 14.58
N VAL B 92 -22.37 9.11 13.89
CA VAL B 92 -22.87 10.41 14.31
C VAL B 92 -23.50 11.07 13.08
N SER B 93 -24.81 11.32 13.15
CA SER B 93 -25.59 11.81 12.02
C SER B 93 -25.33 10.96 10.76
N GLY B 94 -25.27 9.65 10.95
CA GLY B 94 -25.06 8.71 9.84
C GLY B 94 -23.62 8.47 9.39
N ARG B 95 -22.68 9.28 9.87
CA ARG B 95 -21.26 9.13 9.52
C ARG B 95 -20.48 8.41 10.62
N GLN B 96 -19.62 7.46 10.22
CA GLN B 96 -18.67 6.86 11.14
C GLN B 96 -17.63 7.89 11.54
N CYS B 97 -17.41 8.04 12.85
CA CYS B 97 -16.51 9.04 13.39
C CYS B 97 -15.65 8.46 14.49
N VAL B 98 -14.39 8.88 14.54
CA VAL B 98 -13.53 8.60 15.68
C VAL B 98 -13.85 9.64 16.76
N ILE B 99 -14.18 9.14 17.93
CA ILE B 99 -14.52 10.00 19.06
C ILE B 99 -13.47 9.84 20.16
N VAL B 100 -12.99 10.97 20.65
CA VAL B 100 -11.99 11.03 21.70
C VAL B 100 -12.57 11.92 22.80
N ALA B 101 -12.76 11.35 23.99
CA ALA B 101 -13.34 12.08 25.11
C ALA B 101 -12.43 12.01 26.33
N ASN B 102 -11.96 13.16 26.80
CA ASN B 102 -11.20 13.22 28.03
C ASN B 102 -12.10 12.81 29.19
N ASP B 103 -11.64 11.85 29.99
CA ASP B 103 -12.39 11.41 31.17
C ASP B 103 -12.00 12.28 32.37
N ALA B 104 -12.73 13.37 32.58
CA ALA B 104 -12.41 14.32 33.65
C ALA B 104 -12.66 13.79 35.06
N THR B 105 -13.29 12.61 35.19
CA THR B 105 -13.44 11.98 36.50
C THR B 105 -12.13 11.31 36.93
N VAL B 106 -11.24 11.04 35.97
CA VAL B 106 -9.96 10.41 36.23
C VAL B 106 -8.85 11.47 36.30
N LYS B 107 -8.50 11.85 37.53
CA LYS B 107 -7.52 12.90 37.80
C LYS B 107 -7.73 14.19 37.00
N GLY B 108 -8.98 14.61 36.84
CA GLY B 108 -9.29 15.80 36.04
C GLY B 108 -8.94 15.64 34.57
N GLY B 109 -8.86 14.39 34.12
CA GLY B 109 -8.52 14.07 32.73
C GLY B 109 -7.09 14.44 32.34
N THR B 110 -6.17 14.36 33.30
CA THR B 110 -4.77 14.70 33.02
C THR B 110 -4.17 13.66 32.08
N TYR B 111 -3.28 14.13 31.22
CA TYR B 111 -2.58 13.25 30.30
C TYR B 111 -1.38 12.59 30.96
N TYR B 112 -1.52 11.29 31.22
CA TYR B 112 -0.38 10.43 31.54
C TYR B 112 0.25 10.03 30.19
N PRO B 113 1.43 9.39 30.22
CA PRO B 113 2.03 9.01 28.94
C PRO B 113 1.12 8.12 28.08
N MET B 114 0.47 7.13 28.69
CA MET B 114 -0.46 6.27 27.95
C MET B 114 -1.69 7.03 27.44
N THR B 115 -2.07 8.10 28.12
CA THR B 115 -3.18 8.95 27.65
C THR B 115 -2.83 9.57 26.30
N VAL B 116 -1.63 10.12 26.20
CA VAL B 116 -1.12 10.69 24.95
C VAL B 116 -1.13 9.61 23.85
N LYS B 117 -0.55 8.47 24.18
CA LYS B 117 -0.44 7.34 23.25
C LYS B 117 -1.80 6.90 22.74
N LYS B 118 -2.80 6.94 23.61
CA LYS B 118 -4.16 6.53 23.27
C LYS B 118 -4.83 7.56 22.37
N HIS B 119 -4.68 8.84 22.72
CA HIS B 119 -5.20 9.94 21.90
C HIS B 119 -4.63 9.81 20.49
N LEU B 120 -3.32 9.62 20.41
CA LEU B 120 -2.62 9.52 19.12
C LEU B 120 -3.05 8.30 18.30
N ARG B 121 -3.31 7.19 18.98
CA ARG B 121 -3.73 5.96 18.30
C ARG B 121 -5.08 6.16 17.63
N ALA B 122 -5.98 6.87 18.31
CA ALA B 122 -7.28 7.22 17.75
C ALA B 122 -7.15 8.05 16.46
N GLN B 123 -6.23 9.00 16.46
CA GLN B 123 -5.99 9.83 15.26
C GLN B 123 -5.36 9.03 14.12
N GLU B 124 -4.56 8.03 14.46
CA GLU B 124 -3.93 7.15 13.47
C GLU B 124 -5.01 6.31 12.76
N VAL B 125 -5.95 5.80 13.54
CA VAL B 125 -7.09 5.07 12.99
C VAL B 125 -7.93 6.00 12.12
N ALA B 126 -8.12 7.24 12.57
CA ALA B 126 -8.87 8.22 11.80
C ALA B 126 -8.23 8.49 10.44
N LEU B 127 -6.91 8.65 10.44
CA LEU B 127 -6.15 8.93 9.21
C LEU B 127 -6.23 7.77 8.22
N GLN B 128 -5.95 6.57 8.71
CA GLN B 128 -5.89 5.39 7.85
C GLN B 128 -7.24 5.02 7.23
N ASN B 129 -8.32 5.37 7.92
CA ASN B 129 -9.66 5.04 7.44
C ASN B 129 -10.48 6.25 6.99
N MET B 130 -9.84 7.43 6.94
CA MET B 130 -10.49 8.66 6.49
C MET B 130 -11.75 8.98 7.29
N LEU B 131 -11.65 8.86 8.61
CA LEU B 131 -12.80 9.07 9.49
C LEU B 131 -12.74 10.44 10.16
N PRO B 132 -13.85 11.20 10.13
CA PRO B 132 -13.93 12.45 10.88
C PRO B 132 -13.56 12.29 12.35
N CYS B 133 -12.93 13.31 12.93
CA CYS B 133 -12.51 13.29 14.32
C CYS B 133 -13.33 14.25 15.16
N ILE B 134 -13.85 13.75 16.28
CA ILE B 134 -14.59 14.53 17.25
C ILE B 134 -13.90 14.46 18.60
N TYR B 135 -13.44 15.61 19.09
CA TYR B 135 -12.73 15.70 20.35
C TYR B 135 -13.62 16.36 21.41
N LEU B 136 -13.93 15.60 22.47
CA LEU B 136 -14.70 16.12 23.59
C LEU B 136 -13.73 16.48 24.71
N VAL B 137 -13.39 17.76 24.80
CA VAL B 137 -12.26 18.22 25.61
C VAL B 137 -12.66 18.56 27.05
N ASP B 138 -11.90 17.99 27.99
CA ASP B 138 -12.10 18.23 29.42
C ASP B 138 -10.88 17.66 30.16
N SER B 139 -9.78 18.42 30.14
CA SER B 139 -8.51 17.95 30.67
C SER B 139 -7.77 19.04 31.43
N GLY B 140 -7.25 18.67 32.61
CA GLY B 140 -6.48 19.57 33.45
C GLY B 140 -5.01 19.74 33.06
N GLY B 141 -4.53 18.92 32.12
CA GLY B 141 -3.17 19.06 31.58
C GLY B 141 -2.34 17.79 31.63
N ALA B 142 -1.02 17.97 31.65
CA ALA B 142 -0.07 16.86 31.66
C ALA B 142 0.25 16.39 33.08
N PHE B 143 0.56 15.11 33.21
CA PHE B 143 1.07 14.57 34.48
C PHE B 143 2.55 14.94 34.61
N LEU B 144 2.81 15.98 35.37
CA LEU B 144 4.12 16.63 35.42
C LEU B 144 5.29 15.78 35.95
N PRO B 145 5.03 14.87 36.91
CA PRO B 145 6.15 14.01 37.34
C PRO B 145 6.73 13.17 36.20
N ARG B 146 5.92 12.93 35.17
CA ARG B 146 6.36 12.18 33.99
C ARG B 146 6.29 13.03 32.71
N GLN B 147 6.52 14.33 32.84
CA GLN B 147 6.41 15.25 31.70
C GLN B 147 7.35 14.88 30.54
N ASP B 148 8.48 14.25 30.86
CA ASP B 148 9.44 13.80 29.86
C ASP B 148 8.92 12.67 28.95
N GLU B 149 7.91 11.94 29.42
CA GLU B 149 7.24 10.89 28.63
C GLU B 149 5.89 11.37 28.09
N VAL B 150 5.63 12.67 28.18
CA VAL B 150 4.37 13.27 27.72
C VAL B 150 4.59 14.34 26.64
N PHE B 151 5.69 15.08 26.74
CA PHE B 151 5.82 16.37 26.04
C PHE B 151 6.69 16.46 24.75
N PRO B 152 7.98 16.07 24.81
CA PRO B 152 8.96 16.55 23.81
C PRO B 152 9.11 15.81 22.46
N ASP B 153 8.85 14.51 22.43
CA ASP B 153 9.28 13.65 21.32
C ASP B 153 8.20 13.55 20.21
N ARG B 154 8.53 12.82 19.13
CA ARG B 154 7.64 12.72 17.98
C ARG B 154 6.28 12.12 18.32
N GLU B 155 6.26 11.11 19.19
CA GLU B 155 5.00 10.45 19.57
C GLU B 155 4.47 10.97 20.90
N HIS B 156 4.77 12.23 21.21
CA HIS B 156 4.28 12.83 22.44
C HIS B 156 3.22 13.89 22.12
N PHE B 157 2.88 14.72 23.08
CA PHE B 157 1.68 15.55 23.04
C PHE B 157 1.60 16.46 21.81
N GLY B 158 2.73 17.01 21.38
CA GLY B 158 2.78 17.87 20.20
C GLY B 158 2.29 17.22 18.91
N ARG B 159 2.40 15.91 18.83
CA ARG B 159 1.97 15.15 17.65
C ARG B 159 0.45 15.19 17.45
N ILE B 160 -0.29 15.45 18.54
CA ILE B 160 -1.74 15.60 18.47
C ILE B 160 -2.15 16.68 17.47
N PHE B 161 -1.43 17.79 17.47
CA PHE B 161 -1.78 18.95 16.65
C PHE B 161 -1.20 18.86 15.25
N TYR B 162 -0.03 18.22 15.14
CA TYR B 162 0.50 17.85 13.84
C TYR B 162 -0.56 17.04 13.11
N ASN B 163 -1.14 16.07 13.81
CA ASN B 163 -2.16 15.19 13.25
C ASN B 163 -3.43 15.92 12.87
N GLN B 164 -3.91 16.80 13.75
CA GLN B 164 -5.10 17.61 13.46
C GLN B 164 -4.92 18.41 12.16
N ALA B 165 -3.78 19.09 12.05
CA ALA B 165 -3.53 19.97 10.90
C ALA B 165 -3.39 19.19 9.61
N THR B 166 -2.63 18.11 9.64
CA THR B 166 -2.39 17.30 8.44
C THR B 166 -3.64 16.53 8.00
N MET B 167 -4.45 16.08 8.96
CA MET B 167 -5.74 15.44 8.65
C MET B 167 -6.73 16.45 8.06
N SER B 168 -6.74 17.66 8.61
CA SER B 168 -7.60 18.74 8.12
C SER B 168 -7.25 19.11 6.68
N ALA B 169 -5.96 19.14 6.38
CA ALA B 169 -5.45 19.39 5.03
C ALA B 169 -5.94 18.32 4.04
N LYS B 170 -6.08 17.08 4.51
CA LYS B 170 -6.62 15.99 3.70
C LYS B 170 -8.15 15.98 3.62
N GLY B 171 -8.79 17.00 4.19
CA GLY B 171 -10.25 17.10 4.21
C GLY B 171 -10.95 16.15 5.17
N ILE B 172 -10.22 15.69 6.21
CA ILE B 172 -10.83 14.89 7.27
C ILE B 172 -11.26 15.83 8.38
N PRO B 173 -12.58 16.01 8.59
CA PRO B 173 -13.05 17.01 9.55
C PRO B 173 -12.49 16.83 10.97
N GLN B 174 -12.11 17.96 11.56
CA GLN B 174 -11.60 18.02 12.91
C GLN B 174 -12.54 18.92 13.73
N VAL B 175 -13.28 18.31 14.63
CA VAL B 175 -14.31 18.99 15.42
C VAL B 175 -14.06 18.81 16.91
N ALA B 176 -14.11 19.92 17.64
CA ALA B 176 -13.89 19.91 19.08
C ALA B 176 -15.11 20.47 19.84
N ALA B 177 -15.39 19.88 20.99
CA ALA B 177 -16.37 20.41 21.92
C ALA B 177 -15.71 20.55 23.28
N VAL B 178 -15.55 21.79 23.72
CA VAL B 178 -14.89 22.09 24.99
C VAL B 178 -15.92 22.09 26.13
N LEU B 179 -15.94 21.00 26.87
CA LEU B 179 -16.92 20.78 27.92
C LEU B 179 -16.37 21.04 29.32
N GLY B 180 -15.06 21.25 29.43
CA GLY B 180 -14.42 21.54 30.70
C GLY B 180 -13.16 22.35 30.50
N SER B 181 -12.11 21.98 31.22
CA SER B 181 -10.86 22.74 31.15
C SER B 181 -10.04 22.33 29.93
N CYS B 182 -9.23 23.27 29.48
CA CYS B 182 -8.48 23.14 28.25
C CYS B 182 -7.40 24.19 28.31
N THR B 183 -6.19 23.78 28.67
CA THR B 183 -5.17 24.69 29.14
C THR B 183 -3.81 24.40 28.51
N ALA B 184 -2.96 25.42 28.45
CA ALA B 184 -1.61 25.29 27.88
C ALA B 184 -1.69 24.76 26.45
N GLY B 185 -0.83 23.79 26.10
CA GLY B 185 -0.83 23.18 24.77
C GLY B 185 -2.17 22.55 24.41
N GLY B 186 -2.91 22.10 25.43
CA GLY B 186 -4.25 21.56 25.25
C GLY B 186 -5.23 22.54 24.61
N ALA B 187 -4.94 23.84 24.72
CA ALA B 187 -5.73 24.89 24.07
C ALA B 187 -5.74 24.77 22.55
N TYR B 188 -4.73 24.10 22.00
CA TYR B 188 -4.67 23.87 20.56
C TYR B 188 -5.68 22.83 20.06
N VAL B 189 -6.23 22.02 20.95
CA VAL B 189 -7.23 21.05 20.51
C VAL B 189 -8.41 21.76 19.82
N PRO B 190 -9.06 22.71 20.52
CA PRO B 190 -10.12 23.49 19.87
C PRO B 190 -9.63 24.57 18.90
N ALA B 191 -8.52 25.22 19.23
CA ALA B 191 -8.02 26.31 18.39
C ALA B 191 -7.57 25.80 17.01
N MET B 192 -7.13 24.55 16.95
CA MET B 192 -6.74 23.93 15.68
C MET B 192 -7.79 23.02 15.09
N SER B 193 -9.01 23.05 15.63
CA SER B 193 -10.13 22.35 15.02
C SER B 193 -10.69 23.20 13.89
N ASP B 194 -11.34 22.54 12.94
CA ASP B 194 -12.03 23.23 11.85
C ASP B 194 -13.23 23.98 12.41
N GLU B 195 -13.89 23.35 13.38
CA GLU B 195 -15.10 23.88 14.00
C GLU B 195 -15.14 23.48 15.47
N ALA B 196 -15.38 24.47 16.34
CA ALA B 196 -15.34 24.24 17.78
C ALA B 196 -16.58 24.75 18.51
N VAL B 197 -17.00 23.97 19.51
CA VAL B 197 -18.12 24.33 20.39
C VAL B 197 -17.57 24.48 21.80
N ILE B 198 -18.23 25.32 22.59
CA ILE B 198 -17.89 25.48 24.01
C ILE B 198 -19.16 25.74 24.82
N VAL B 199 -19.23 25.14 26.02
CA VAL B 199 -20.37 25.30 26.90
C VAL B 199 -20.20 26.57 27.73
N ARG B 200 -21.20 27.44 27.73
CA ARG B 200 -21.15 28.70 28.49
C ARG B 200 -21.01 28.45 29.99
N GLU B 201 -20.21 29.28 30.65
CA GLU B 201 -19.99 29.20 32.10
C GLU B 201 -19.67 27.76 32.55
N GLN B 202 -18.77 27.13 31.82
CA GLN B 202 -18.34 25.76 32.12
C GLN B 202 -17.01 25.44 31.43
N GLY B 203 -17.00 25.56 30.10
CA GLY B 203 -15.79 25.33 29.32
C GLY B 203 -14.85 26.53 29.37
N THR B 204 -13.56 26.26 29.51
CA THR B 204 -12.56 27.32 29.46
C THR B 204 -11.40 26.92 28.56
N ILE B 205 -10.81 27.92 27.89
CA ILE B 205 -9.64 27.72 27.02
C ILE B 205 -8.64 28.84 27.30
N PHE B 206 -7.39 28.46 27.56
CA PHE B 206 -6.29 29.43 27.64
C PHE B 206 -4.94 28.77 27.42
N LEU B 207 -4.05 29.45 26.71
CA LEU B 207 -2.66 29.02 26.60
C LEU B 207 -1.97 29.18 27.95
N GLY B 208 -2.25 30.30 28.62
CA GLY B 208 -1.71 30.57 29.95
C GLY B 208 -2.85 30.67 30.96
N GLY B 209 -2.92 29.70 31.86
CA GLY B 209 -3.96 29.65 32.88
C GLY B 209 -3.76 30.65 34.01
N PRO B 210 -4.76 30.81 34.88
CA PRO B 210 -4.71 31.83 35.93
C PRO B 210 -3.48 31.81 36.87
N PRO B 211 -3.06 30.62 37.36
CA PRO B 211 -1.85 30.61 38.19
C PRO B 211 -0.61 31.15 37.47
N LEU B 212 -0.47 30.85 36.18
CA LEU B 212 0.63 31.35 35.38
C LEU B 212 0.51 32.87 35.14
N VAL B 213 -0.72 33.34 34.97
CA VAL B 213 -0.97 34.78 34.82
C VAL B 213 -0.55 35.53 36.09
N LYS B 214 -0.94 34.98 37.25
CA LYS B 214 -0.61 35.54 38.56
C LYS B 214 0.90 35.57 38.76
N ALA B 215 1.54 34.42 38.54
CA ALA B 215 3.01 34.29 38.71
C ALA B 215 3.81 35.20 37.79
N ALA B 216 3.38 35.35 36.55
CA ALA B 216 4.13 36.11 35.54
C ALA B 216 3.86 37.62 35.59
N THR B 217 2.67 38.02 36.00
CA THR B 217 2.27 39.44 35.94
C THR B 217 1.69 40.03 37.23
N GLY B 218 1.25 39.18 38.16
CA GLY B 218 0.57 39.66 39.37
C GLY B 218 -0.93 39.86 39.19
N GLU B 219 -1.37 40.01 37.94
CA GLU B 219 -2.78 40.06 37.56
C GLU B 219 -3.51 38.83 38.11
N ILE B 220 -4.60 39.07 38.83
CA ILE B 220 -5.37 37.99 39.46
C ILE B 220 -6.71 37.89 38.72
N VAL B 221 -7.01 36.69 38.22
CA VAL B 221 -8.09 36.49 37.25
C VAL B 221 -8.70 35.10 37.38
N SER B 222 -10.01 35.00 37.20
CA SER B 222 -10.70 33.70 37.23
C SER B 222 -10.61 33.01 35.87
N ALA B 223 -10.76 31.70 35.87
CA ALA B 223 -10.76 30.90 34.64
C ALA B 223 -11.81 31.44 33.65
N GLU B 224 -12.99 31.73 34.18
CA GLU B 224 -14.12 32.24 33.39
C GLU B 224 -13.82 33.58 32.73
N GLU B 225 -13.24 34.50 33.48
CA GLU B 225 -12.85 35.81 32.96
C GLU B 225 -11.73 35.71 31.93
N LEU B 226 -10.88 34.71 32.11
CA LEU B 226 -9.67 34.55 31.29
C LEU B 226 -9.94 33.85 29.97
N GLY B 227 -10.82 32.87 29.96
CA GLY B 227 -11.08 32.07 28.76
C GLY B 227 -12.39 31.33 28.72
N GLY B 228 -13.46 31.96 29.21
CA GLY B 228 -14.77 31.35 29.26
C GLY B 228 -15.47 31.27 27.92
N GLY B 229 -16.57 30.52 27.87
CA GLY B 229 -17.34 30.31 26.65
C GLY B 229 -17.78 31.60 25.99
N ASP B 230 -18.29 32.54 26.79
CA ASP B 230 -18.74 33.83 26.28
C ASP B 230 -17.60 34.65 25.70
N LEU B 231 -16.44 34.62 26.36
CA LEU B 231 -15.28 35.36 25.87
C LEU B 231 -14.84 34.88 24.49
N HIS B 232 -14.68 33.57 24.33
CA HIS B 232 -14.16 33.01 23.09
C HIS B 232 -15.16 33.00 21.94
N SER B 233 -16.45 32.89 22.26
CA SER B 233 -17.51 32.85 21.25
C SER B 233 -17.94 34.23 20.77
N ARG B 234 -17.75 35.25 21.62
CA ARG B 234 -18.20 36.62 21.31
C ARG B 234 -17.06 37.57 20.94
N THR B 235 -15.89 37.38 21.54
CA THR B 235 -14.79 38.34 21.41
C THR B 235 -13.59 37.79 20.64
N SER B 236 -12.99 36.70 21.12
CA SER B 236 -11.76 36.18 20.50
C SER B 236 -12.01 35.48 19.17
N GLY B 237 -13.08 34.68 19.11
CA GLY B 237 -13.38 33.89 17.93
C GLY B 237 -12.64 32.55 17.93
N VAL B 238 -12.13 32.15 19.09
CA VAL B 238 -11.45 30.86 19.23
C VAL B 238 -12.45 29.71 19.10
N THR B 239 -13.69 29.96 19.49
CA THR B 239 -14.77 28.99 19.34
C THR B 239 -15.81 29.51 18.37
N ASP B 240 -16.64 28.59 17.87
CA ASP B 240 -17.63 28.90 16.83
C ASP B 240 -19.07 28.68 17.27
N HIS B 241 -19.26 28.03 18.40
CA HIS B 241 -20.59 27.74 18.92
C HIS B 241 -20.60 27.83 20.43
N LEU B 242 -21.61 28.51 20.96
CA LEU B 242 -21.83 28.62 22.41
C LEU B 242 -23.01 27.75 22.80
N ALA B 243 -22.76 26.70 23.58
CA ALA B 243 -23.81 25.77 23.99
C ALA B 243 -24.33 26.08 25.39
N ASP B 244 -25.61 25.82 25.62
CA ASP B 244 -26.24 26.03 26.93
C ASP B 244 -25.66 25.08 27.97
N ASP B 245 -25.46 23.82 27.56
CA ASP B 245 -24.96 22.78 28.45
C ASP B 245 -24.38 21.62 27.63
N ASP B 246 -23.93 20.56 28.30
CA ASP B 246 -23.34 19.40 27.60
C ASP B 246 -24.25 18.83 26.53
N GLU B 247 -25.52 18.63 26.86
CA GLU B 247 -26.48 18.04 25.92
C GLU B 247 -26.66 18.90 24.65
N ASP B 248 -26.71 20.21 24.84
CA ASP B 248 -26.85 21.15 23.72
C ASP B 248 -25.57 21.16 22.87
N ALA B 249 -24.42 21.08 23.52
CA ALA B 249 -23.14 20.98 22.83
C ALA B 249 -23.09 19.75 21.92
N LEU B 250 -23.53 18.62 22.45
CA LEU B 250 -23.54 17.37 21.68
C LEU B 250 -24.53 17.44 20.52
N ARG B 251 -25.69 18.05 20.76
CA ARG B 251 -26.65 18.32 19.70
C ARG B 251 -26.01 19.15 18.58
N ILE B 252 -25.24 20.16 18.96
CA ILE B 252 -24.55 21.01 17.98
C ILE B 252 -23.49 20.22 17.20
N VAL B 253 -22.73 19.38 17.89
CA VAL B 253 -21.75 18.52 17.21
C VAL B 253 -22.43 17.64 16.15
N ARG B 254 -23.56 17.04 16.53
CA ARG B 254 -24.32 16.21 15.59
C ARG B 254 -24.78 17.02 14.38
N ALA B 255 -25.13 18.27 14.60
CA ALA B 255 -25.53 19.17 13.51
C ALA B 255 -24.34 19.49 12.58
N ILE B 256 -23.17 19.69 13.17
CA ILE B 256 -21.94 19.91 12.40
C ILE B 256 -21.65 18.69 11.52
N ALA B 257 -21.69 17.52 12.13
CA ALA B 257 -21.46 16.26 11.43
C ALA B 257 -22.41 16.05 10.24
N ASP B 258 -23.63 16.54 10.37
CA ASP B 258 -24.60 16.45 9.27
C ASP B 258 -24.24 17.32 8.06
N THR B 259 -23.22 18.16 8.17
CA THR B 259 -22.73 18.96 7.05
C THR B 259 -21.50 18.35 6.37
N PHE B 260 -21.00 17.24 6.88
CA PHE B 260 -19.83 16.59 6.29
C PHE B 260 -20.11 16.15 4.85
N GLY B 261 -19.11 16.29 4.00
CA GLY B 261 -19.25 16.03 2.56
C GLY B 261 -19.32 14.57 2.18
N PRO B 262 -19.32 14.26 0.87
CA PRO B 262 -19.49 12.88 0.41
C PRO B 262 -18.33 11.95 0.79
N CYS B 263 -18.68 10.72 1.14
CA CYS B 263 -17.69 9.67 1.40
C CYS B 263 -17.13 9.12 0.10
N GLU B 264 -15.96 8.50 0.18
CA GLU B 264 -15.43 7.71 -0.92
C GLU B 264 -16.30 6.46 -1.05
N PRO B 265 -16.40 5.89 -2.27
CA PRO B 265 -17.18 4.67 -2.41
C PRO B 265 -16.52 3.48 -1.73
N ALA B 266 -17.29 2.41 -1.52
CA ALA B 266 -16.74 1.16 -1.01
C ALA B 266 -15.65 0.66 -1.95
N GLN B 267 -14.53 0.19 -1.39
CA GLN B 267 -13.38 -0.23 -2.19
C GLN B 267 -13.51 -1.66 -2.71
N TRP B 268 -14.48 -2.40 -2.17
CA TRP B 268 -14.78 -3.75 -2.67
C TRP B 268 -16.28 -4.00 -2.58
N ASP B 269 -16.74 -5.04 -3.28
CA ASP B 269 -18.16 -5.38 -3.31
C ASP B 269 -18.55 -6.11 -2.02
N VAL B 270 -19.61 -5.60 -1.38
CA VAL B 270 -20.13 -6.17 -0.14
C VAL B 270 -21.45 -6.87 -0.45
N ARG B 271 -21.61 -8.07 0.09
CA ARG B 271 -22.82 -8.86 -0.12
C ARG B 271 -23.70 -8.91 1.12
N ARG B 272 -24.87 -9.52 0.96
CA ARG B 272 -25.71 -9.93 2.07
C ARG B 272 -24.91 -10.82 3.02
N SER B 273 -24.90 -10.48 4.29
CA SER B 273 -24.32 -11.34 5.32
C SER B 273 -25.12 -12.64 5.41
N VAL B 274 -24.41 -13.76 5.48
CA VAL B 274 -25.03 -15.06 5.73
C VAL B 274 -24.43 -15.59 7.02
N GLU B 275 -25.28 -16.06 7.93
CA GLU B 275 -24.82 -16.40 9.27
C GLU B 275 -24.06 -17.74 9.23
N PRO B 276 -23.13 -17.95 10.19
CA PRO B 276 -22.42 -19.24 10.24
C PRO B 276 -23.33 -20.39 10.68
N LYS B 277 -22.89 -21.61 10.44
CA LYS B 277 -23.65 -22.81 10.81
C LYS B 277 -23.41 -23.26 12.27
N TYR B 278 -22.67 -22.46 13.03
CA TYR B 278 -22.35 -22.78 14.42
C TYR B 278 -22.48 -21.55 15.31
N PRO B 279 -22.78 -21.74 16.60
CA PRO B 279 -22.69 -20.60 17.53
C PRO B 279 -21.23 -20.25 17.85
N GLN B 280 -20.96 -18.96 18.00
CA GLN B 280 -19.60 -18.46 18.26
C GLN B 280 -19.03 -18.92 19.60
N ALA B 281 -19.92 -19.26 20.54
CA ALA B 281 -19.51 -19.80 21.84
C ALA B 281 -18.76 -21.12 21.71
N GLU B 282 -18.97 -21.86 20.62
CA GLU B 282 -18.24 -23.11 20.37
C GLU B 282 -16.75 -22.92 20.14
N LEU B 283 -16.30 -21.69 19.87
CA LEU B 283 -14.88 -21.38 19.83
C LEU B 283 -14.22 -21.67 21.18
N TYR B 284 -14.99 -21.52 22.25
CA TYR B 284 -14.53 -21.92 23.59
C TYR B 284 -14.19 -23.42 23.67
N ASP B 285 -14.86 -24.24 22.86
CA ASP B 285 -14.68 -25.69 22.90
C ASP B 285 -13.49 -26.20 22.07
N VAL B 286 -13.05 -25.45 21.07
CA VAL B 286 -12.05 -25.96 20.12
C VAL B 286 -10.64 -25.40 20.27
N VAL B 287 -10.51 -24.21 20.85
CA VAL B 287 -9.20 -23.61 21.10
C VAL B 287 -8.78 -23.88 22.55
N PRO B 288 -7.69 -24.63 22.75
CA PRO B 288 -7.20 -24.79 24.12
C PRO B 288 -6.57 -23.50 24.63
N PRO B 289 -7.00 -23.02 25.81
CA PRO B 289 -6.35 -21.87 26.42
C PRO B 289 -4.85 -22.05 26.61
N ASP B 290 -4.45 -23.26 26.97
CA ASP B 290 -3.03 -23.63 27.07
C ASP B 290 -2.45 -23.71 25.65
N PRO B 291 -1.44 -22.89 25.34
CA PRO B 291 -0.92 -22.83 23.97
C PRO B 291 -0.12 -24.06 23.50
N ARG B 292 0.18 -24.99 24.42
CA ARG B 292 0.97 -26.18 24.09
C ARG B 292 0.12 -27.37 23.66
N VAL B 293 -1.20 -27.27 23.83
CA VAL B 293 -2.10 -28.30 23.32
C VAL B 293 -2.34 -28.01 21.85
N PRO B 294 -2.06 -28.98 20.97
CA PRO B 294 -2.24 -28.71 19.56
C PRO B 294 -3.70 -28.84 19.17
N TYR B 295 -4.09 -28.12 18.13
CA TYR B 295 -5.44 -28.20 17.61
C TYR B 295 -5.45 -27.78 16.15
N ASP B 296 -6.53 -28.12 15.47
CA ASP B 296 -6.71 -27.76 14.07
C ASP B 296 -7.42 -26.41 13.96
N VAL B 297 -6.72 -25.42 13.42
CA VAL B 297 -7.27 -24.05 13.31
C VAL B 297 -8.42 -23.95 12.28
N HIS B 298 -8.62 -24.99 11.47
CA HIS B 298 -9.81 -25.09 10.62
C HIS B 298 -11.09 -24.99 11.45
N GLU B 299 -11.03 -25.50 12.69
CA GLU B 299 -12.18 -25.47 13.61
C GLU B 299 -12.59 -24.03 13.96
N VAL B 300 -11.62 -23.11 13.98
CA VAL B 300 -11.88 -21.69 14.22
C VAL B 300 -12.42 -21.01 12.96
N VAL B 301 -11.73 -21.22 11.84
CA VAL B 301 -12.09 -20.61 10.57
C VAL B 301 -13.53 -20.94 10.17
N VAL B 302 -13.89 -22.22 10.25
CA VAL B 302 -15.22 -22.68 9.81
C VAL B 302 -16.35 -22.02 10.61
N ARG B 303 -16.08 -21.60 11.84
CA ARG B 303 -17.11 -21.04 12.71
C ARG B 303 -17.31 -19.53 12.60
N ILE B 304 -16.28 -18.79 12.20
CA ILE B 304 -16.38 -17.32 12.14
C ILE B 304 -16.80 -16.74 10.79
N VAL B 305 -16.71 -17.55 9.73
CA VAL B 305 -17.00 -17.06 8.37
C VAL B 305 -18.47 -17.26 7.97
N ASP B 306 -18.91 -16.42 7.04
CA ASP B 306 -20.29 -16.46 6.53
C ASP B 306 -20.63 -17.81 5.94
N GLY B 307 -21.76 -18.38 6.39
CA GLY B 307 -22.25 -19.67 5.89
C GLY B 307 -21.36 -20.86 6.22
N SER B 308 -20.40 -20.66 7.12
CA SER B 308 -19.35 -21.65 7.39
C SER B 308 -18.72 -22.20 6.10
N GLU B 309 -18.60 -21.32 5.10
CA GLU B 309 -18.01 -21.69 3.82
C GLU B 309 -16.70 -20.95 3.61
N PHE B 310 -15.69 -21.66 3.13
CA PHE B 310 -14.45 -21.03 2.71
C PHE B 310 -13.82 -21.83 1.59
N SER B 311 -12.95 -21.16 0.84
CA SER B 311 -12.24 -21.76 -0.27
C SER B 311 -10.76 -21.72 0.04
N GLU B 312 -10.20 -22.88 0.38
CA GLU B 312 -8.85 -22.95 0.90
C GLU B 312 -7.80 -22.96 -0.21
N PHE B 313 -6.82 -22.09 -0.06
CA PHE B 313 -5.73 -21.96 -1.01
C PHE B 313 -4.58 -22.83 -0.51
N LYS B 314 -4.04 -23.66 -1.40
CA LYS B 314 -2.92 -24.57 -1.09
C LYS B 314 -3.20 -25.42 0.17
N ALA B 315 -4.36 -26.06 0.19
CA ALA B 315 -4.80 -26.86 1.34
C ALA B 315 -3.83 -27.97 1.70
N LYS B 316 -3.19 -28.56 0.69
CA LYS B 316 -2.35 -29.75 0.90
C LYS B 316 -0.85 -29.46 0.90
N TYR B 317 -0.49 -28.19 0.88
CA TYR B 317 0.90 -27.74 0.86
C TYR B 317 1.12 -26.77 2.01
N GLY B 318 2.28 -26.88 2.66
CA GLY B 318 2.61 -26.00 3.79
C GLY B 318 1.48 -25.95 4.80
N LYS B 319 1.12 -27.12 5.32
CA LYS B 319 -0.11 -27.29 6.11
C LYS B 319 -0.09 -26.65 7.51
N THR B 320 1.06 -26.18 7.96
CA THR B 320 1.11 -25.49 9.25
C THR B 320 0.67 -24.02 9.15
N LEU B 321 0.40 -23.56 7.93
CA LEU B 321 -0.26 -22.25 7.72
C LEU B 321 -1.53 -22.46 6.91
N VAL B 322 -2.63 -21.91 7.38
CA VAL B 322 -3.91 -22.02 6.70
C VAL B 322 -4.22 -20.68 6.02
N THR B 323 -4.44 -20.73 4.70
CA THR B 323 -4.81 -19.55 3.92
C THR B 323 -6.11 -19.83 3.19
N ALA B 324 -7.14 -19.02 3.45
CA ALA B 324 -8.47 -19.28 2.89
C ALA B 324 -9.25 -18.01 2.57
N PHE B 325 -9.93 -18.03 1.41
CA PHE B 325 -10.86 -16.98 1.04
C PHE B 325 -12.23 -17.26 1.65
N ALA B 326 -12.85 -16.23 2.20
CA ALA B 326 -14.17 -16.35 2.82
C ALA B 326 -14.85 -14.99 2.84
N ARG B 327 -16.02 -14.92 3.48
CA ARG B 327 -16.67 -13.64 3.76
C ARG B 327 -17.02 -13.53 5.23
N VAL B 328 -16.97 -12.30 5.74
CA VAL B 328 -17.41 -11.99 7.09
C VAL B 328 -18.35 -10.79 7.01
N HIS B 329 -19.60 -11.00 7.44
CA HIS B 329 -20.66 -10.00 7.32
C HIS B 329 -20.74 -9.41 5.92
N GLY B 330 -20.64 -10.29 4.92
CA GLY B 330 -20.72 -9.87 3.53
C GLY B 330 -19.44 -9.34 2.91
N HIS B 331 -18.45 -9.03 3.73
CA HIS B 331 -17.17 -8.52 3.24
C HIS B 331 -16.25 -9.67 2.84
N PRO B 332 -15.59 -9.56 1.69
CA PRO B 332 -14.60 -10.56 1.35
C PRO B 332 -13.40 -10.46 2.29
N VAL B 333 -12.79 -11.59 2.60
CA VAL B 333 -11.67 -11.62 3.51
C VAL B 333 -10.71 -12.76 3.14
N GLY B 334 -9.42 -12.53 3.34
CA GLY B 334 -8.40 -13.54 3.13
C GLY B 334 -7.81 -13.89 4.48
N ILE B 335 -8.13 -15.08 4.98
CA ILE B 335 -7.71 -15.48 6.31
C ILE B 335 -6.36 -16.18 6.26
N VAL B 336 -5.42 -15.67 7.04
CA VAL B 336 -4.10 -16.26 7.20
C VAL B 336 -3.97 -16.67 8.67
N ALA B 337 -3.92 -17.98 8.92
CA ALA B 337 -3.96 -18.50 10.29
C ALA B 337 -2.88 -19.54 10.56
N ASN B 338 -2.14 -19.36 11.65
CA ASN B 338 -1.14 -20.34 12.07
C ASN B 338 -1.79 -21.67 12.44
N ASN B 339 -1.09 -22.75 12.13
CA ASN B 339 -1.55 -24.09 12.45
C ASN B 339 -0.37 -25.01 12.74
N GLY B 340 0.60 -24.48 13.51
CA GLY B 340 1.82 -25.22 13.84
C GLY B 340 3.07 -24.38 13.62
N VAL B 341 4.21 -25.07 13.55
CA VAL B 341 5.51 -24.40 13.34
C VAL B 341 5.61 -23.98 11.88
N LEU B 342 6.17 -22.80 11.63
CA LEU B 342 6.34 -22.30 10.27
C LEU B 342 7.53 -22.96 9.57
N PHE B 343 7.27 -23.53 8.40
CA PHE B 343 8.31 -24.03 7.50
C PHE B 343 8.50 -23.01 6.38
N SER B 344 9.51 -23.24 5.55
CA SER B 344 9.72 -22.47 4.33
C SER B 344 8.49 -22.50 3.41
N GLU B 345 7.93 -23.69 3.24
CA GLU B 345 6.73 -23.89 2.42
C GLU B 345 5.56 -23.03 2.88
N SER B 346 5.38 -22.97 4.20
CA SER B 346 4.33 -22.16 4.81
C SER B 346 4.48 -20.69 4.42
N ALA B 347 5.71 -20.18 4.53
CA ALA B 347 6.00 -18.79 4.23
C ALA B 347 5.79 -18.45 2.75
N LEU B 348 6.16 -19.36 1.86
CA LEU B 348 6.00 -19.17 0.42
C LEU B 348 4.52 -19.11 0.06
N LYS B 349 3.77 -20.04 0.63
CA LYS B 349 2.32 -20.10 0.52
C LYS B 349 1.65 -18.80 0.95
N GLY B 350 2.07 -18.29 2.11
CA GLY B 350 1.50 -17.07 2.67
C GLY B 350 1.78 -15.84 1.81
N ALA B 351 3.00 -15.75 1.29
CA ALA B 351 3.40 -14.63 0.44
C ALA B 351 2.58 -14.63 -0.86
N HIS B 352 2.43 -15.80 -1.45
CA HIS B 352 1.62 -15.97 -2.66
C HIS B 352 0.18 -15.56 -2.40
N PHE B 353 -0.39 -16.12 -1.34
CA PHE B 353 -1.78 -15.83 -0.98
C PHE B 353 -2.04 -14.33 -0.80
N ILE B 354 -1.08 -13.64 -0.18
CA ILE B 354 -1.18 -12.21 0.04
C ILE B 354 -1.15 -11.44 -1.29
N GLU B 355 -0.31 -11.88 -2.24
CA GLU B 355 -0.31 -11.29 -3.58
C GLU B 355 -1.70 -11.38 -4.22
N LEU B 356 -2.37 -12.50 -4.01
CA LEU B 356 -3.70 -12.72 -4.60
C LEU B 356 -4.73 -11.77 -3.99
N CYS B 357 -4.76 -11.70 -2.67
CA CYS B 357 -5.70 -10.80 -1.98
C CYS B 357 -5.45 -9.35 -2.38
N ASP B 358 -4.17 -9.00 -2.51
CA ASP B 358 -3.76 -7.65 -2.89
C ASP B 358 -4.29 -7.25 -4.27
N LYS B 359 -4.15 -8.16 -5.24
CA LYS B 359 -4.62 -7.91 -6.60
C LYS B 359 -6.15 -7.99 -6.76
N ARG B 360 -6.78 -8.88 -6.00
CA ARG B 360 -8.24 -9.00 -6.02
C ARG B 360 -8.96 -8.06 -5.07
N LYS B 361 -8.19 -7.30 -4.29
CA LYS B 361 -8.74 -6.33 -3.32
C LYS B 361 -9.52 -6.99 -2.19
N ILE B 362 -8.92 -8.04 -1.63
CA ILE B 362 -9.50 -8.76 -0.52
C ILE B 362 -8.74 -8.37 0.75
N PRO B 363 -9.44 -7.78 1.74
CA PRO B 363 -8.82 -7.51 3.04
C PRO B 363 -8.23 -8.77 3.66
N LEU B 364 -7.15 -8.61 4.43
CA LEU B 364 -6.47 -9.72 5.05
C LEU B 364 -6.81 -9.78 6.54
N LEU B 365 -6.99 -10.99 7.04
CA LEU B 365 -7.18 -11.23 8.47
C LEU B 365 -6.17 -12.25 8.94
N PHE B 366 -5.27 -11.82 9.81
CA PHE B 366 -4.25 -12.69 10.39
C PHE B 366 -4.67 -13.21 11.76
N LEU B 367 -4.70 -14.52 11.91
CA LEU B 367 -5.00 -15.16 13.19
C LEU B 367 -3.72 -15.76 13.75
N GLN B 368 -3.12 -15.05 14.70
CA GLN B 368 -1.82 -15.44 15.24
C GLN B 368 -1.89 -16.47 16.35
N ASN B 369 -1.20 -17.58 16.14
CA ASN B 369 -0.83 -18.51 17.20
C ASN B 369 0.56 -19.04 16.85
N ILE B 370 1.56 -18.27 17.24
CA ILE B 370 2.95 -18.52 16.88
C ILE B 370 3.55 -19.68 17.67
N ALA B 371 4.26 -20.54 16.96
CA ALA B 371 5.01 -21.65 17.58
C ALA B 371 6.45 -21.68 17.03
N GLY B 372 6.94 -20.51 16.60
CA GLY B 372 8.28 -20.35 16.05
C GLY B 372 8.43 -20.83 14.61
N PHE B 373 9.64 -20.67 14.09
CA PHE B 373 10.04 -21.28 12.82
C PHE B 373 10.76 -22.58 13.10
N MET B 374 10.80 -23.45 12.09
CA MET B 374 11.55 -24.70 12.19
C MET B 374 13.05 -24.39 12.24
N VAL B 375 13.75 -25.13 13.08
CA VAL B 375 15.17 -24.87 13.36
C VAL B 375 16.03 -26.08 13.00
N GLY B 376 17.25 -25.81 12.55
CA GLY B 376 18.18 -26.87 12.17
C GLY B 376 18.98 -26.52 10.93
N ARG B 377 20.05 -27.29 10.70
CA ARG B 377 20.99 -27.04 9.61
C ARG B 377 20.28 -27.08 8.26
N ASP B 378 19.50 -28.13 8.03
CA ASP B 378 18.80 -28.35 6.76
C ASP B 378 17.77 -27.26 6.46
N TYR B 379 17.16 -26.72 7.52
CA TYR B 379 16.13 -25.68 7.36
C TYR B 379 16.73 -24.33 7.03
N GLU B 380 17.84 -23.97 7.68
CA GLU B 380 18.58 -22.75 7.33
C GLU B 380 19.23 -22.88 5.95
N ALA B 381 19.73 -24.07 5.64
CA ALA B 381 20.33 -24.36 4.33
C ALA B 381 19.30 -24.31 3.20
N GLY B 382 18.06 -24.65 3.51
CA GLY B 382 16.96 -24.53 2.55
C GLY B 382 16.42 -23.11 2.40
N GLY B 383 17.01 -22.18 3.14
CA GLY B 383 16.70 -20.76 3.00
C GLY B 383 15.48 -20.27 3.75
N ILE B 384 15.21 -20.85 4.91
CA ILE B 384 14.01 -20.49 5.68
C ILE B 384 13.98 -18.99 6.00
N ALA B 385 15.15 -18.40 6.25
CA ALA B 385 15.25 -16.97 6.52
C ALA B 385 14.80 -16.11 5.33
N LYS B 386 15.17 -16.49 4.11
CA LYS B 386 14.74 -15.72 2.93
C LYS B 386 13.29 -15.98 2.54
N HIS B 387 12.78 -17.15 2.89
CA HIS B 387 11.38 -17.49 2.59
C HIS B 387 10.44 -16.78 3.54
N GLY B 388 10.80 -16.77 4.82
CA GLY B 388 10.12 -15.94 5.80
C GLY B 388 10.14 -14.47 5.40
N ALA B 389 11.29 -14.00 4.91
CA ALA B 389 11.46 -12.62 4.47
C ALA B 389 10.50 -12.23 3.36
N LYS B 390 10.24 -13.16 2.43
CA LYS B 390 9.29 -12.91 1.34
C LYS B 390 7.89 -12.66 1.85
N MET B 391 7.49 -13.35 2.91
CA MET B 391 6.19 -13.15 3.51
C MET B 391 6.10 -11.80 4.22
N VAL B 392 7.17 -11.44 4.94
CA VAL B 392 7.22 -10.17 5.64
C VAL B 392 7.13 -9.00 4.66
N THR B 393 7.87 -9.10 3.55
CA THR B 393 7.79 -8.13 2.47
C THR B 393 6.34 -7.97 1.99
N ALA B 394 5.67 -9.11 1.78
CA ALA B 394 4.29 -9.11 1.30
C ALA B 394 3.34 -8.45 2.29
N VAL B 395 3.44 -8.84 3.57
CA VAL B 395 2.64 -8.26 4.64
C VAL B 395 2.87 -6.74 4.73
N ALA B 396 4.13 -6.36 4.75
CA ALA B 396 4.50 -4.96 4.92
C ALA B 396 4.03 -4.06 3.78
N CYS B 397 4.05 -4.61 2.55
CA CYS B 397 3.78 -3.81 1.35
C CYS B 397 2.36 -3.94 0.83
N ALA B 398 1.60 -4.90 1.32
CA ALA B 398 0.21 -5.09 0.87
C ALA B 398 -0.56 -3.79 0.97
N ARG B 399 -1.34 -3.48 -0.06
CA ARG B 399 -2.14 -2.24 -0.06
C ARG B 399 -3.56 -2.43 0.49
N VAL B 400 -4.01 -3.68 0.59
CA VAL B 400 -5.32 -3.96 1.18
C VAL B 400 -5.27 -3.78 2.70
N PRO B 401 -6.43 -3.45 3.32
CA PRO B 401 -6.47 -3.38 4.78
C PRO B 401 -6.12 -4.73 5.39
N LYS B 402 -5.41 -4.69 6.51
CA LYS B 402 -5.06 -5.90 7.26
C LYS B 402 -5.64 -5.78 8.66
N LEU B 403 -6.10 -6.91 9.20
CA LEU B 403 -6.55 -6.99 10.58
C LEU B 403 -5.84 -8.15 11.24
N THR B 404 -5.50 -7.98 12.51
CA THR B 404 -4.79 -9.02 13.23
C THR B 404 -5.49 -9.34 14.54
N VAL B 405 -5.68 -10.62 14.78
CA VAL B 405 -6.21 -11.10 16.05
C VAL B 405 -5.27 -12.17 16.57
N VAL B 406 -4.70 -11.93 17.76
CA VAL B 406 -3.84 -12.90 18.39
C VAL B 406 -4.69 -13.87 19.21
N ILE B 407 -4.86 -15.09 18.69
CA ILE B 407 -5.69 -16.10 19.33
C ILE B 407 -4.91 -17.11 20.17
N GLY B 408 -3.57 -17.01 20.11
CA GLY B 408 -2.70 -17.87 20.91
C GLY B 408 -1.40 -17.15 21.21
N GLY B 409 -0.27 -17.78 20.87
CA GLY B 409 1.03 -17.18 21.12
C GLY B 409 1.43 -16.16 20.05
N SER B 410 2.26 -15.22 20.45
CA SER B 410 2.90 -14.28 19.52
C SER B 410 4.35 -14.09 19.95
N TYR B 411 5.27 -14.75 19.25
CA TYR B 411 6.68 -14.80 19.65
C TYR B 411 7.66 -14.57 18.51
N GLY B 412 8.67 -13.75 18.78
CA GLY B 412 9.81 -13.58 17.88
C GLY B 412 9.44 -13.21 16.46
N ALA B 413 10.25 -13.68 15.52
CA ALA B 413 10.11 -13.35 14.10
C ALA B 413 8.74 -13.71 13.53
N GLY B 414 8.12 -14.74 14.09
CA GLY B 414 6.76 -15.15 13.70
C GLY B 414 5.73 -14.03 13.80
N ASN B 415 5.90 -13.17 14.80
CA ASN B 415 5.06 -11.98 14.97
C ASN B 415 5.08 -11.11 13.72
N TYR B 416 6.27 -10.92 13.16
CA TYR B 416 6.46 -10.02 12.02
C TYR B 416 5.86 -10.60 10.76
N SER B 417 6.09 -11.90 10.55
CA SER B 417 5.55 -12.61 9.39
C SER B 417 4.02 -12.71 9.43
N MET B 418 3.43 -12.57 10.61
CA MET B 418 1.97 -12.64 10.78
C MET B 418 1.31 -11.29 11.09
N CYS B 419 1.93 -10.21 10.64
CA CYS B 419 1.35 -8.87 10.67
C CYS B 419 1.10 -8.36 12.09
N GLY B 420 2.16 -8.33 12.88
CA GLY B 420 2.12 -7.73 14.20
C GLY B 420 2.01 -6.21 14.14
N ARG B 421 2.12 -5.58 15.29
CA ARG B 421 1.82 -4.16 15.47
C ARG B 421 2.67 -3.24 14.58
N ALA B 422 3.90 -3.66 14.29
CA ALA B 422 4.82 -2.86 13.48
C ALA B 422 4.53 -2.94 11.98
N TYR B 423 3.53 -3.72 11.59
CA TYR B 423 3.15 -3.88 10.20
C TYR B 423 1.86 -3.15 9.86
N SER B 424 1.44 -2.31 10.81
CA SER B 424 0.32 -1.39 10.64
C SER B 424 -0.98 -2.02 10.15
N PRO B 425 -1.38 -3.14 10.77
CA PRO B 425 -2.76 -3.57 10.52
C PRO B 425 -3.70 -2.47 11.00
N ARG B 426 -4.86 -2.34 10.36
CA ARG B 426 -5.81 -1.29 10.74
C ARG B 426 -6.22 -1.43 12.22
N PHE B 427 -6.38 -2.67 12.65
CA PHE B 427 -6.67 -2.98 14.05
C PHE B 427 -5.96 -4.26 14.44
N LEU B 428 -5.58 -4.36 15.71
CA LEU B 428 -5.00 -5.56 16.27
C LEU B 428 -5.62 -5.83 17.63
N TRP B 429 -6.22 -7.01 17.80
CA TRP B 429 -6.82 -7.43 19.05
C TRP B 429 -6.18 -8.70 19.57
N MET B 430 -6.38 -8.97 20.86
CA MET B 430 -5.93 -10.21 21.46
C MET B 430 -7.08 -10.90 22.18
N TRP B 431 -7.04 -12.23 22.16
CA TRP B 431 -7.91 -13.03 23.00
C TRP B 431 -7.34 -13.06 24.43
N PRO B 432 -8.17 -13.42 25.42
CA PRO B 432 -7.70 -13.40 26.81
C PRO B 432 -6.65 -14.47 27.14
N ASN B 433 -6.57 -15.51 26.32
CA ASN B 433 -5.55 -16.55 26.46
C ASN B 433 -4.23 -16.25 25.74
N ALA B 434 -4.17 -15.15 25.00
CA ALA B 434 -2.99 -14.83 24.20
C ALA B 434 -1.78 -14.53 25.07
N ARG B 435 -0.59 -14.75 24.51
CA ARG B 435 0.67 -14.37 25.15
C ARG B 435 1.57 -13.73 24.09
N ILE B 436 2.35 -12.72 24.48
CA ILE B 436 3.24 -12.04 23.55
C ILE B 436 4.57 -11.63 24.19
N SER B 437 5.67 -12.08 23.59
CA SER B 437 7.02 -11.72 24.02
C SER B 437 8.04 -12.09 22.95
N VAL B 438 9.26 -11.59 23.08
CA VAL B 438 10.31 -11.85 22.09
C VAL B 438 10.60 -13.36 21.98
N MET B 439 10.47 -14.07 23.10
CA MET B 439 10.53 -15.52 23.13
C MET B 439 9.81 -16.00 24.40
N GLY B 440 9.75 -17.31 24.61
CA GLY B 440 9.17 -17.89 25.82
C GLY B 440 10.02 -17.63 27.05
N GLY B 441 9.41 -17.73 28.23
CA GLY B 441 10.10 -17.46 29.49
C GLY B 441 11.26 -18.38 29.79
N GLU B 442 11.01 -19.69 29.63
CA GLU B 442 12.05 -20.72 29.81
C GLU B 442 13.24 -20.50 28.88
N GLN B 443 12.96 -20.12 27.63
CA GLN B 443 14.00 -19.90 26.63
C GLN B 443 14.90 -18.75 27.06
N ALA B 444 14.30 -17.62 27.41
CA ALA B 444 15.03 -16.42 27.81
C ALA B 444 15.93 -16.67 29.03
N ALA B 445 15.42 -17.42 30.01
CA ALA B 445 16.18 -17.76 31.20
C ALA B 445 17.33 -18.73 30.90
N SER B 446 17.07 -19.69 30.01
CA SER B 446 18.13 -20.61 29.55
C SER B 446 19.30 -19.84 28.93
N VAL B 447 18.98 -18.81 28.16
CA VAL B 447 19.99 -18.01 27.45
C VAL B 447 20.82 -17.13 28.40
N LEU B 448 20.16 -16.40 29.29
CA LEU B 448 20.85 -15.49 30.21
C LEU B 448 21.63 -16.23 31.31
N ALA B 449 21.21 -17.46 31.61
CA ALA B 449 21.88 -18.28 32.62
C ALA B 449 23.19 -18.89 32.10
N THR B 450 23.16 -19.44 30.90
CA THR B 450 24.35 -20.07 30.30
C THR B 450 25.49 -19.06 30.06
N VAL B 451 25.12 -17.80 29.81
CA VAL B 451 26.12 -16.72 29.74
C VAL B 451 26.68 -16.43 31.13
N ARG B 452 25.82 -16.44 32.14
CA ARG B 452 26.24 -16.15 33.52
C ARG B 452 27.11 -17.28 34.10
N GLY B 453 26.71 -18.52 33.86
CA GLY B 453 27.46 -19.70 34.31
C GLY B 453 28.89 -19.71 33.79
N GLU B 454 29.06 -19.28 32.53
CA GLU B 454 30.38 -19.26 31.88
C GLU B 454 31.02 -17.88 31.99
N GLU B 469 19.49 -21.32 39.45
CA GLU B 469 18.03 -21.47 39.46
C GLU B 469 17.34 -20.27 40.12
N ALA B 470 17.93 -19.78 41.21
CA ALA B 470 17.46 -18.54 41.84
C ALA B 470 17.77 -17.31 40.97
N PHE B 471 18.67 -17.51 39.99
CA PHE B 471 18.95 -16.51 38.95
C PHE B 471 17.88 -16.58 37.85
N LYS B 472 17.42 -17.80 37.55
CA LYS B 472 16.38 -18.03 36.55
C LYS B 472 14.97 -17.61 37.01
N ALA B 473 14.73 -17.65 38.31
CA ALA B 473 13.38 -17.42 38.87
C ALA B 473 12.77 -16.06 38.48
N PRO B 474 13.46 -14.95 38.80
CA PRO B 474 12.90 -13.64 38.44
C PRO B 474 12.73 -13.40 36.94
N ILE B 475 13.46 -14.15 36.11
CA ILE B 475 13.36 -14.03 34.64
C ILE B 475 12.15 -14.79 34.10
N ARG B 476 11.91 -16.01 34.57
CA ARG B 476 10.69 -16.75 34.22
C ARG B 476 9.44 -15.96 34.64
N ALA B 477 9.54 -15.28 35.78
CA ALA B 477 8.47 -14.42 36.29
C ALA B 477 8.25 -13.19 35.40
N GLN B 478 9.35 -12.56 34.99
CA GLN B 478 9.32 -11.40 34.09
C GLN B 478 8.51 -11.67 32.83
N TYR B 479 8.72 -12.85 32.24
CA TYR B 479 8.09 -13.20 30.96
C TYR B 479 6.62 -13.58 31.10
N GLU B 480 6.25 -14.13 32.25
CA GLU B 480 4.84 -14.35 32.58
C GLU B 480 4.15 -12.99 32.73
N ASP B 481 4.84 -12.06 33.38
CA ASP B 481 4.33 -10.73 33.69
C ASP B 481 4.13 -9.91 32.41
N GLN B 482 5.20 -9.80 31.64
CA GLN B 482 5.25 -8.93 30.46
C GLN B 482 4.47 -9.49 29.28
N GLY B 483 4.36 -10.81 29.20
CA GLY B 483 3.66 -11.49 28.11
C GLY B 483 2.16 -11.61 28.28
N ASN B 484 1.68 -11.25 29.46
CA ASN B 484 0.26 -11.27 29.78
C ASN B 484 -0.54 -10.26 28.94
N PRO B 485 -1.73 -10.66 28.45
CA PRO B 485 -2.53 -9.79 27.58
C PRO B 485 -2.88 -8.42 28.18
N TYR B 486 -3.04 -8.36 29.50
CA TYR B 486 -3.36 -7.10 30.18
C TYR B 486 -2.16 -6.17 30.24
N TYR B 487 -0.96 -6.75 30.31
CA TYR B 487 0.27 -5.99 30.25
C TYR B 487 0.39 -5.36 28.84
N SER B 488 0.00 -6.15 27.84
CA SER B 488 0.00 -5.70 26.45
C SER B 488 -0.99 -4.57 26.16
N THR B 489 -2.26 -4.74 26.55
CA THR B 489 -3.29 -3.71 26.30
C THR B 489 -3.01 -2.44 27.05
N ALA B 490 -2.43 -2.58 28.24
CA ALA B 490 -2.10 -1.42 29.06
C ALA B 490 -1.21 -0.44 28.30
N ARG B 491 -0.35 -0.98 27.44
CA ARG B 491 0.64 -0.19 26.71
C ARG B 491 0.28 0.10 25.25
N LEU B 492 -0.91 -0.35 24.84
CA LEU B 492 -1.41 -0.17 23.46
C LEU B 492 -0.56 -0.88 22.41
N TRP B 493 0.00 -2.03 22.77
CA TRP B 493 0.57 -2.94 21.79
C TRP B 493 -0.56 -3.50 20.92
N ASP B 494 -1.74 -3.60 21.50
CA ASP B 494 -2.95 -4.01 20.81
C ASP B 494 -4.06 -3.02 21.13
N ASP B 495 -5.14 -3.07 20.36
CA ASP B 495 -6.27 -2.16 20.54
C ASP B 495 -7.33 -2.64 21.53
N GLY B 496 -7.12 -3.82 22.11
CA GLY B 496 -8.02 -4.33 23.13
C GLY B 496 -8.06 -5.85 23.19
N ILE B 497 -8.40 -6.36 24.38
CA ILE B 497 -8.67 -7.77 24.57
C ILE B 497 -10.14 -8.01 24.32
N ILE B 498 -10.44 -9.04 23.53
CA ILE B 498 -11.81 -9.32 23.13
C ILE B 498 -12.24 -10.72 23.54
N ASP B 499 -13.54 -10.86 23.81
CA ASP B 499 -14.18 -12.16 23.95
C ASP B 499 -13.99 -12.92 22.64
N PRO B 500 -13.43 -14.14 22.69
CA PRO B 500 -13.30 -14.97 21.49
C PRO B 500 -14.61 -15.10 20.72
N ALA B 501 -15.71 -15.15 21.46
CA ALA B 501 -17.06 -15.21 20.87
C ALA B 501 -17.44 -13.93 20.10
N ASP B 502 -16.73 -12.83 20.35
CA ASP B 502 -16.98 -11.56 19.64
C ASP B 502 -16.06 -11.32 18.43
N THR B 503 -15.20 -12.28 18.11
CA THR B 503 -14.25 -12.12 17.01
C THR B 503 -14.96 -11.75 15.72
N ARG B 504 -15.97 -12.56 15.37
CA ARG B 504 -16.70 -12.36 14.12
C ARG B 504 -17.32 -10.96 14.00
N THR B 505 -17.95 -10.47 15.06
CA THR B 505 -18.67 -9.18 14.97
C THR B 505 -17.67 -8.01 14.96
N VAL B 506 -16.59 -8.13 15.72
CA VAL B 506 -15.52 -7.12 15.75
C VAL B 506 -14.86 -6.99 14.37
N VAL B 507 -14.58 -8.12 13.74
CA VAL B 507 -13.98 -8.16 12.40
C VAL B 507 -14.95 -7.57 11.35
N GLY B 508 -16.22 -7.97 11.42
CA GLY B 508 -17.25 -7.43 10.51
C GLY B 508 -17.39 -5.93 10.64
N LEU B 509 -17.38 -5.45 11.88
CA LEU B 509 -17.46 -4.03 12.17
C LEU B 509 -16.24 -3.29 11.63
N ALA B 510 -15.05 -3.83 11.88
CA ALA B 510 -13.80 -3.21 11.42
C ALA B 510 -13.74 -3.13 9.89
N LEU B 511 -14.15 -4.19 9.21
CA LEU B 511 -14.10 -4.25 7.76
C LEU B 511 -15.01 -3.22 7.10
N SER B 512 -16.14 -2.91 7.73
CA SER B 512 -17.04 -1.89 7.19
C SER B 512 -16.46 -0.48 7.35
N LEU B 513 -15.68 -0.26 8.41
CA LEU B 513 -14.95 1.01 8.58
C LEU B 513 -13.86 1.17 7.53
N CYS B 514 -13.10 0.10 7.30
CA CYS B 514 -11.96 0.12 6.38
C CYS B 514 -12.37 0.21 4.90
N ALA B 515 -13.64 -0.03 4.62
CA ALA B 515 -14.11 -0.14 3.24
C ALA B 515 -14.13 1.17 2.45
N HIS B 516 -13.95 2.31 3.11
CA HIS B 516 -14.09 3.62 2.46
C HIS B 516 -12.84 4.50 2.45
N ALA B 517 -11.68 3.91 2.74
CA ALA B 517 -10.42 4.63 2.56
C ALA B 517 -9.80 4.17 1.24
N PRO B 518 -9.46 5.11 0.34
CA PRO B 518 -8.91 4.73 -0.96
C PRO B 518 -7.66 3.86 -0.85
N LEU B 519 -7.58 2.84 -1.70
CA LEU B 519 -6.46 1.91 -1.68
C LEU B 519 -5.30 2.46 -2.50
N ASP B 520 -4.10 2.26 -1.99
CA ASP B 520 -2.88 2.53 -2.76
C ASP B 520 -2.72 1.51 -3.88
N GLN B 521 -1.81 1.81 -4.80
CA GLN B 521 -1.42 0.89 -5.86
C GLN B 521 -0.69 -0.32 -5.27
N VAL B 522 -0.72 -1.44 -6.01
CA VAL B 522 0.07 -2.60 -5.65
C VAL B 522 1.55 -2.28 -5.93
N GLY B 523 2.42 -2.69 -5.01
CA GLY B 523 3.85 -2.49 -5.17
C GLY B 523 4.61 -3.12 -4.03
N TYR B 524 5.63 -3.92 -4.36
CA TYR B 524 6.41 -4.62 -3.34
C TYR B 524 7.86 -4.22 -3.37
N GLY B 525 8.52 -4.40 -2.24
CA GLY B 525 9.97 -4.36 -2.19
C GLY B 525 10.50 -5.58 -2.91
N VAL B 526 11.82 -5.61 -3.09
CA VAL B 526 12.48 -6.72 -3.75
C VAL B 526 12.19 -8.01 -2.97
N PHE B 527 11.72 -9.03 -3.68
CA PHE B 527 11.56 -10.37 -3.11
C PHE B 527 12.89 -11.11 -3.27
N ARG B 528 13.45 -11.56 -2.14
CA ARG B 528 14.65 -12.37 -2.17
C ARG B 528 14.28 -13.78 -2.62
N MET B 529 14.51 -14.06 -3.89
CA MET B 529 14.14 -15.34 -4.48
C MET B 529 15.01 -16.47 -3.95
N PRO C 10 33.82 34.77 34.82
CA PRO C 10 33.67 33.94 33.62
C PRO C 10 32.72 34.54 32.59
N SER C 11 33.25 34.85 31.41
CA SER C 11 32.45 35.42 30.33
C SER C 11 31.51 34.37 29.71
N PHE C 12 30.66 34.81 28.80
CA PHE C 12 29.77 33.91 28.07
C PHE C 12 30.59 32.85 27.32
N ALA C 13 31.64 33.30 26.65
CA ALA C 13 32.51 32.43 25.86
C ALA C 13 33.22 31.36 26.67
N ASP C 14 33.71 31.74 27.85
CA ASP C 14 34.37 30.79 28.75
C ASP C 14 33.43 29.63 29.10
N GLU C 15 32.17 29.94 29.35
CA GLU C 15 31.19 28.92 29.69
C GLU C 15 30.80 28.07 28.47
N HIS C 16 30.63 28.70 27.31
CA HIS C 16 30.39 27.95 26.07
C HIS C 16 31.53 26.99 25.77
N ARG C 17 32.77 27.49 25.84
CA ARG C 17 33.95 26.67 25.59
C ARG C 17 34.06 25.51 26.60
N ARG C 18 33.67 25.74 27.85
CA ARG C 18 33.64 24.66 28.84
C ARG C 18 32.59 23.61 28.49
N LEU C 19 31.42 24.07 28.06
CA LEU C 19 30.34 23.16 27.65
C LEU C 19 30.73 22.33 26.42
N VAL C 20 31.40 22.97 25.46
CA VAL C 20 31.85 22.29 24.24
C VAL C 20 32.94 21.25 24.54
N ALA C 21 33.87 21.59 25.42
CA ALA C 21 34.94 20.66 25.82
C ALA C 21 34.36 19.43 26.55
N GLU C 22 33.34 19.65 27.36
CA GLU C 22 32.64 18.55 28.03
C GLU C 22 31.94 17.66 27.00
N LEU C 23 31.30 18.28 26.02
CA LEU C 23 30.64 17.57 24.93
C LEU C 23 31.64 16.68 24.19
N ASN C 24 32.76 17.28 23.80
CA ASN C 24 33.80 16.57 23.05
C ASN C 24 34.43 15.39 23.81
N ASN C 25 34.63 15.55 25.12
CA ASN C 25 35.09 14.43 25.95
C ASN C 25 34.10 13.26 25.96
N LYS C 26 32.81 13.58 25.96
CA LYS C 26 31.77 12.55 25.94
C LYS C 26 31.66 11.87 24.58
N LEU C 27 31.79 12.63 23.52
CA LEU C 27 31.75 12.07 22.16
C LEU C 27 32.92 11.12 21.94
N ALA C 28 34.13 11.58 22.30
CA ALA C 28 35.33 10.76 22.18
C ALA C 28 35.22 9.47 22.99
N ALA C 29 34.74 9.59 24.23
CA ALA C 29 34.56 8.42 25.09
C ALA C 29 33.58 7.42 24.47
N ALA C 30 32.41 7.92 24.06
CA ALA C 30 31.38 7.08 23.46
C ALA C 30 31.83 6.45 22.14
N ALA C 31 32.63 7.19 21.36
CA ALA C 31 33.13 6.69 20.06
C ALA C 31 34.04 5.46 20.19
N LEU C 32 34.65 5.28 21.36
CA LEU C 32 35.47 4.09 21.64
C LEU C 32 34.64 2.81 21.71
N GLY C 33 33.38 2.92 22.09
CA GLY C 33 32.50 1.75 22.23
C GLY C 33 32.75 1.02 23.53
N GLY C 34 33.00 -0.28 23.45
CA GLY C 34 33.26 -1.11 24.63
C GLY C 34 34.64 -0.83 25.22
N ASN C 35 34.92 -1.41 26.38
CA ASN C 35 36.23 -1.22 27.03
C ASN C 35 37.38 -1.83 26.22
N GLU C 36 38.62 -1.54 26.60
CA GLU C 36 39.81 -1.97 25.82
C GLU C 36 39.85 -3.46 25.54
N ARG C 37 39.46 -4.26 26.52
CA ARG C 37 39.43 -5.72 26.40
C ARG C 37 38.47 -6.21 25.30
N ALA C 38 37.26 -5.67 25.28
CA ALA C 38 36.24 -5.99 24.28
C ALA C 38 36.69 -5.56 22.89
N ARG C 39 37.40 -4.43 22.82
CA ARG C 39 37.97 -3.94 21.56
C ARG C 39 39.06 -4.85 21.00
N LYS C 40 39.85 -5.47 21.88
CA LYS C 40 40.90 -6.41 21.47
C LYS C 40 40.33 -7.78 21.13
N ARG C 41 39.40 -8.24 21.97
CA ARG C 41 38.62 -9.45 21.72
C ARG C 41 37.96 -9.43 20.33
N HIS C 42 37.48 -8.25 19.93
CA HIS C 42 36.82 -8.06 18.63
C HIS C 42 37.81 -8.12 17.47
N VAL C 43 38.96 -7.49 17.66
CA VAL C 43 40.00 -7.33 16.63
C VAL C 43 40.94 -8.55 16.52
N SER C 44 40.86 -9.47 17.49
CA SER C 44 41.83 -10.57 17.60
C SER C 44 41.80 -11.53 16.41
N ARG C 45 40.61 -11.86 15.93
CA ARG C 45 40.45 -12.79 14.80
C ARG C 45 40.40 -12.10 13.42
N GLY C 46 40.70 -10.81 13.39
CA GLY C 46 40.91 -10.09 12.12
C GLY C 46 39.84 -9.09 11.71
N LYS C 47 38.80 -8.92 12.53
CA LYS C 47 37.73 -7.96 12.25
C LYS C 47 38.22 -6.52 12.40
N LEU C 48 37.66 -5.61 11.62
CA LEU C 48 37.83 -4.18 11.85
C LEU C 48 36.87 -3.72 12.94
N LEU C 49 37.25 -2.67 13.66
CA LEU C 49 36.36 -2.06 14.65
C LEU C 49 35.19 -1.40 13.93
N PRO C 50 33.99 -1.42 14.55
CA PRO C 50 32.78 -0.86 13.95
C PRO C 50 32.95 0.51 13.32
N ARG C 51 33.70 1.38 13.99
CA ARG C 51 33.91 2.75 13.50
C ARG C 51 34.90 2.78 12.31
N GLU C 52 35.84 1.83 12.28
CA GLU C 52 36.73 1.69 11.12
C GLU C 52 35.94 1.21 9.91
N ARG C 53 34.99 0.31 10.15
CA ARG C 53 34.12 -0.19 9.08
C ARG C 53 33.37 0.94 8.40
N VAL C 54 32.77 1.82 9.21
CA VAL C 54 32.04 2.96 8.66
C VAL C 54 32.97 3.85 7.87
N ASP C 55 34.15 4.13 8.44
CA ASP C 55 35.13 5.00 7.81
C ASP C 55 35.63 4.46 6.45
N ARG C 56 35.93 3.17 6.40
CA ARG C 56 36.35 2.51 5.14
C ARG C 56 35.32 2.64 4.03
N LEU C 57 34.05 2.62 4.42
CA LEU C 57 32.94 2.70 3.49
C LEU C 57 32.89 4.03 2.75
N LEU C 58 33.27 5.10 3.43
CA LEU C 58 33.10 6.46 2.91
C LEU C 58 34.08 6.80 1.81
N ASP C 59 33.63 7.65 0.88
CA ASP C 59 34.50 8.20 -0.13
C ASP C 59 35.61 9.02 0.56
N PRO C 60 36.80 9.11 -0.08
CA PRO C 60 37.90 9.91 0.44
C PRO C 60 37.50 11.36 0.69
N GLY C 61 37.68 11.83 1.92
CA GLY C 61 37.36 13.22 2.26
C GLY C 61 35.87 13.58 2.24
N SER C 62 35.02 12.57 2.33
CA SER C 62 33.58 12.80 2.45
C SER C 62 33.25 13.20 3.88
N PRO C 63 32.40 14.20 4.07
CA PRO C 63 31.92 14.44 5.42
C PRO C 63 31.01 13.31 5.91
N PHE C 64 30.92 13.15 7.23
CA PHE C 64 30.01 12.19 7.83
C PHE C 64 29.16 12.91 8.88
N LEU C 65 27.86 13.00 8.63
CA LEU C 65 26.93 13.59 9.57
C LEU C 65 26.40 12.49 10.48
N GLU C 66 27.01 12.34 11.66
CA GLU C 66 26.63 11.29 12.58
C GLU C 66 25.35 11.66 13.32
N LEU C 67 24.46 10.69 13.47
CA LEU C 67 23.19 10.87 14.17
C LEU C 67 23.23 10.23 15.55
N ALA C 68 22.78 10.98 16.54
CA ALA C 68 22.56 10.46 17.90
C ALA C 68 23.76 9.72 18.51
N PRO C 69 24.96 10.32 18.43
CA PRO C 69 26.14 9.64 18.97
C PRO C 69 26.11 9.39 20.49
N LEU C 70 25.37 10.22 21.23
CA LEU C 70 25.25 10.03 22.69
C LEU C 70 23.92 9.42 23.09
N ALA C 71 23.29 8.67 22.19
CA ALA C 71 22.13 7.86 22.54
C ALA C 71 22.43 7.02 23.78
N ALA C 72 21.42 6.85 24.63
CA ALA C 72 21.53 6.04 25.85
C ALA C 72 22.54 6.54 26.89
N GLY C 73 22.98 7.78 26.77
CA GLY C 73 23.86 8.38 27.77
C GLY C 73 23.13 8.49 29.10
N GLY C 74 23.78 8.02 30.16
CA GLY C 74 23.17 7.99 31.49
C GLY C 74 22.03 7.00 31.64
N MET C 75 21.88 6.10 30.66
CA MET C 75 20.82 5.09 30.70
C MET C 75 21.42 3.69 30.79
N TYR C 76 20.65 2.76 31.33
CA TYR C 76 21.07 1.35 31.47
C TYR C 76 22.38 1.14 32.24
N GLY C 77 22.69 2.04 33.17
CA GLY C 77 23.96 1.99 33.90
C GLY C 77 25.18 2.33 33.04
N ASP C 78 24.93 3.05 31.94
CA ASP C 78 25.96 3.37 30.94
C ASP C 78 26.65 2.13 30.34
N GLU C 79 25.96 1.00 30.32
CA GLU C 79 26.54 -0.23 29.80
C GLU C 79 26.41 -0.37 28.27
N SER C 80 25.70 0.56 27.62
CA SER C 80 25.61 0.61 26.16
C SER C 80 25.87 2.02 25.60
N PRO C 81 27.15 2.44 25.53
CA PRO C 81 27.54 3.73 24.96
C PRO C 81 27.13 3.90 23.49
N GLY C 82 26.60 5.07 23.14
CA GLY C 82 26.06 5.35 21.82
C GLY C 82 24.89 4.44 21.45
N ALA C 83 24.33 3.77 22.47
CA ALA C 83 23.34 2.70 22.32
C ALA C 83 23.85 1.47 21.55
N GLY C 84 25.17 1.31 21.45
CA GLY C 84 25.77 0.14 20.81
C GLY C 84 25.57 0.08 19.31
N ILE C 85 25.45 1.24 18.67
CA ILE C 85 25.17 1.31 17.25
C ILE C 85 25.58 2.67 16.68
N ILE C 86 26.12 2.65 15.47
CA ILE C 86 26.57 3.87 14.80
C ILE C 86 25.64 4.15 13.63
N THR C 87 25.13 5.38 13.57
CA THR C 87 24.24 5.80 12.50
C THR C 87 24.66 7.17 12.00
N GLY C 88 24.59 7.35 10.69
CA GLY C 88 24.90 8.64 10.08
C GLY C 88 24.78 8.61 8.57
N ILE C 89 25.01 9.78 7.97
CA ILE C 89 24.96 9.94 6.52
C ILE C 89 26.35 10.29 5.99
N GLY C 90 26.78 9.58 4.96
CA GLY C 90 28.04 9.87 4.29
C GLY C 90 27.98 9.49 2.81
N ARG C 91 29.00 9.94 2.07
CA ARG C 91 29.04 9.70 0.64
C ARG C 91 29.70 8.37 0.32
N VAL C 92 29.00 7.50 -0.41
CA VAL C 92 29.50 6.18 -0.80
C VAL C 92 29.37 6.04 -2.32
N SER C 93 30.50 5.88 -2.99
CA SER C 93 30.59 5.88 -4.45
C SER C 93 29.85 7.08 -5.07
N GLY C 94 30.00 8.25 -4.45
CA GLY C 94 29.40 9.47 -4.95
C GLY C 94 27.96 9.72 -4.51
N ARG C 95 27.35 8.74 -3.84
CA ARG C 95 25.96 8.86 -3.37
C ARG C 95 25.88 9.04 -1.86
N GLN C 96 25.04 9.98 -1.42
CA GLN C 96 24.72 10.13 -0.01
C GLN C 96 23.89 8.94 0.45
N CYS C 97 24.36 8.26 1.49
CA CYS C 97 23.69 7.07 2.01
C CYS C 97 23.57 7.16 3.52
N VAL C 98 22.48 6.60 4.04
CA VAL C 98 22.33 6.36 5.47
C VAL C 98 23.09 5.08 5.78
N ILE C 99 24.00 5.15 6.75
CA ILE C 99 24.79 4.00 7.18
C ILE C 99 24.42 3.65 8.62
N VAL C 100 24.13 2.36 8.85
CA VAL C 100 23.79 1.85 10.16
C VAL C 100 24.71 0.67 10.47
N ALA C 101 25.55 0.82 11.49
CA ALA C 101 26.52 -0.22 11.85
C ALA C 101 26.41 -0.61 13.32
N ASN C 102 26.14 -1.89 13.56
CA ASN C 102 26.09 -2.42 14.91
C ASN C 102 27.49 -2.37 15.52
N ASP C 103 27.59 -1.81 16.73
CA ASP C 103 28.87 -1.74 17.44
C ASP C 103 29.04 -2.99 18.30
N ALA C 104 29.71 -3.99 17.74
CA ALA C 104 29.85 -5.29 18.40
C ALA C 104 30.79 -5.29 19.60
N THR C 105 31.50 -4.19 19.85
CA THR C 105 32.32 -4.08 21.06
C THR C 105 31.46 -3.76 22.29
N VAL C 106 30.26 -3.23 22.04
CA VAL C 106 29.34 -2.85 23.11
C VAL C 106 28.31 -3.96 23.32
N LYS C 107 28.55 -4.80 24.33
CA LYS C 107 27.72 -5.96 24.65
C LYS C 107 27.44 -6.87 23.44
N GLY C 108 28.41 -7.04 22.55
CA GLY C 108 28.19 -7.82 21.34
C GLY C 108 27.16 -7.23 20.39
N GLY C 109 26.98 -5.91 20.46
CA GLY C 109 26.03 -5.19 19.62
C GLY C 109 24.57 -5.49 19.89
N THR C 110 24.23 -5.87 21.12
CA THR C 110 22.84 -6.25 21.42
C THR C 110 21.95 -5.02 21.39
N TYR C 111 20.70 -5.23 21.01
CA TYR C 111 19.73 -4.16 20.90
C TYR C 111 19.07 -3.84 22.25
N TYR C 112 19.47 -2.73 22.84
CA TYR C 112 18.73 -2.14 23.94
C TYR C 112 17.58 -1.32 23.33
N PRO C 113 16.62 -0.88 24.16
CA PRO C 113 15.49 -0.12 23.59
C PRO C 113 15.91 1.10 22.77
N MET C 114 16.92 1.83 23.23
CA MET C 114 17.41 3.00 22.50
C MET C 114 18.18 2.61 21.23
N THR C 115 18.71 1.39 21.20
CA THR C 115 19.37 0.85 20.01
C THR C 115 18.36 0.71 18.86
N VAL C 116 17.20 0.16 19.20
CA VAL C 116 16.09 0.01 18.25
C VAL C 116 15.63 1.38 17.77
N LYS C 117 15.39 2.28 18.74
CA LYS C 117 14.92 3.63 18.43
C LYS C 117 15.88 4.35 17.49
N LYS C 118 17.18 4.16 17.71
CA LYS C 118 18.23 4.80 16.92
C LYS C 118 18.30 4.24 15.49
N HIS C 119 18.16 2.92 15.37
CA HIS C 119 18.11 2.26 14.07
C HIS C 119 16.91 2.76 13.26
N LEU C 120 15.74 2.81 13.89
CA LEU C 120 14.53 3.31 13.24
C LEU C 120 14.64 4.78 12.81
N ARG C 121 15.31 5.58 13.63
CA ARG C 121 15.50 6.99 13.33
C ARG C 121 16.32 7.19 12.06
N ALA C 122 17.34 6.34 11.89
CA ALA C 122 18.17 6.39 10.68
C ALA C 122 17.35 6.07 9.44
N GLN C 123 16.50 5.05 9.53
CA GLN C 123 15.62 4.67 8.43
C GLN C 123 14.59 5.76 8.11
N GLU C 124 14.12 6.47 9.14
CA GLU C 124 13.21 7.60 8.94
C GLU C 124 13.88 8.69 8.12
N VAL C 125 15.12 9.02 8.48
CA VAL C 125 15.93 9.99 7.74
C VAL C 125 16.14 9.54 6.29
N ALA C 126 16.38 8.24 6.10
CA ALA C 126 16.54 7.67 4.78
C ALA C 126 15.27 7.79 3.94
N LEU C 127 14.13 7.49 4.55
CA LEU C 127 12.85 7.59 3.87
C LEU C 127 12.54 9.02 3.44
N GLN C 128 12.68 9.97 4.35
CA GLN C 128 12.29 11.36 4.09
C GLN C 128 13.18 12.05 3.06
N ASN C 129 14.43 11.62 2.96
CA ASN C 129 15.37 12.24 2.03
C ASN C 129 15.73 11.35 0.84
N MET C 130 15.08 10.20 0.74
CA MET C 130 15.29 9.23 -0.35
C MET C 130 16.74 8.80 -0.45
N LEU C 131 17.33 8.42 0.69
CA LEU C 131 18.73 8.02 0.75
C LEU C 131 18.83 6.50 0.85
N PRO C 132 19.70 5.88 0.03
CA PRO C 132 19.99 4.46 0.17
C PRO C 132 20.44 4.11 1.59
N CYS C 133 20.12 2.89 2.02
CA CYS C 133 20.50 2.41 3.35
C CYS C 133 21.53 1.30 3.25
N ILE C 134 22.58 1.41 4.05
CA ILE C 134 23.60 0.37 4.16
C ILE C 134 23.63 -0.10 5.61
N TYR C 135 23.40 -1.38 5.83
CA TYR C 135 23.38 -1.96 7.18
C TYR C 135 24.58 -2.88 7.38
N LEU C 136 25.50 -2.48 8.26
CA LEU C 136 26.66 -3.30 8.62
C LEU C 136 26.34 -4.08 9.88
N VAL C 137 26.02 -5.36 9.69
CA VAL C 137 25.35 -6.17 10.69
C VAL C 137 26.33 -6.98 11.54
N ASP C 138 26.18 -6.87 12.86
CA ASP C 138 27.06 -7.54 13.82
C ASP C 138 26.41 -7.44 15.21
N SER C 139 25.42 -8.27 15.46
CA SER C 139 24.58 -8.12 16.65
C SER C 139 24.18 -9.46 17.27
N GLY C 140 24.39 -9.59 18.58
CA GLY C 140 24.00 -10.79 19.31
C GLY C 140 22.51 -10.92 19.58
N GLY C 141 21.74 -9.85 19.33
CA GLY C 141 20.28 -9.90 19.45
C GLY C 141 19.69 -8.86 20.39
N ALA C 142 18.55 -9.19 20.99
CA ALA C 142 17.79 -8.26 21.81
C ALA C 142 18.24 -8.30 23.27
N PHE C 143 18.17 -7.16 23.95
CA PHE C 143 18.42 -7.12 25.39
C PHE C 143 17.21 -7.67 26.12
N LEU C 144 17.33 -8.92 26.56
CA LEU C 144 16.19 -9.71 27.01
C LEU C 144 15.53 -9.23 28.32
N PRO C 145 16.32 -8.66 29.27
CA PRO C 145 15.68 -8.09 30.46
C PRO C 145 14.72 -6.92 30.18
N ARG C 146 14.85 -6.29 29.02
CA ARG C 146 13.94 -5.22 28.60
C ARG C 146 13.26 -5.53 27.27
N GLN C 147 12.95 -6.80 27.05
CA GLN C 147 12.36 -7.26 25.78
C GLN C 147 11.04 -6.55 25.46
N ASP C 148 10.30 -6.19 26.50
CA ASP C 148 9.02 -5.47 26.36
C ASP C 148 9.17 -4.06 25.74
N GLU C 149 10.37 -3.48 25.84
CA GLU C 149 10.66 -2.19 25.21
C GLU C 149 11.48 -2.31 23.91
N VAL C 150 11.65 -3.55 23.44
CA VAL C 150 12.46 -3.84 22.24
C VAL C 150 11.65 -4.49 21.11
N PHE C 151 10.67 -5.32 21.48
CA PHE C 151 10.07 -6.29 20.55
C PHE C 151 8.66 -6.04 19.97
N PRO C 152 7.65 -5.78 20.82
CA PRO C 152 6.25 -5.97 20.35
C PRO C 152 5.52 -4.86 19.57
N ASP C 153 5.82 -3.60 19.86
CA ASP C 153 4.97 -2.47 19.46
C ASP C 153 5.38 -1.89 18.09
N ARG C 154 4.64 -0.87 17.63
CA ARG C 154 4.86 -0.32 16.30
C ARG C 154 6.25 0.25 16.09
N GLU C 155 6.80 0.89 17.11
CA GLU C 155 8.13 1.50 17.02
C GLU C 155 9.21 0.63 17.66
N HIS C 156 8.99 -0.68 17.64
CA HIS C 156 9.95 -1.64 18.13
C HIS C 156 10.62 -2.41 16.97
N PHE C 157 11.35 -3.46 17.28
CA PHE C 157 12.24 -4.14 16.33
C PHE C 157 11.61 -4.52 14.99
N GLY C 158 10.35 -4.96 15.01
CA GLY C 158 9.65 -5.37 13.79
C GLY C 158 9.53 -4.28 12.74
N ARG C 159 9.52 -3.03 13.19
CA ARG C 159 9.39 -1.89 12.29
C ARG C 159 10.59 -1.73 11.36
N ILE C 160 11.75 -2.25 11.77
CA ILE C 160 12.95 -2.19 10.95
C ILE C 160 12.72 -2.86 9.60
N PHE C 161 12.01 -3.99 9.63
CA PHE C 161 11.78 -4.80 8.43
C PHE C 161 10.63 -4.27 7.61
N TYR C 162 9.62 -3.73 8.30
CA TYR C 162 8.57 -2.97 7.63
C TYR C 162 9.17 -1.80 6.85
N ASN C 163 10.08 -1.07 7.49
CA ASN C 163 10.78 0.05 6.85
C ASN C 163 11.62 -0.38 5.65
N GLN C 164 12.35 -1.48 5.80
CA GLN C 164 13.18 -2.02 4.71
C GLN C 164 12.33 -2.35 3.49
N ALA C 165 11.28 -3.13 3.72
CA ALA C 165 10.36 -3.56 2.65
C ALA C 165 9.70 -2.38 1.94
N THR C 166 9.14 -1.45 2.72
CA THR C 166 8.42 -0.32 2.15
C THR C 166 9.36 0.68 1.46
N MET C 167 10.56 0.85 1.99
CA MET C 167 11.57 1.69 1.33
C MET C 167 12.04 1.05 0.02
N SER C 168 12.28 -0.25 0.07
CA SER C 168 12.65 -1.00 -1.13
C SER C 168 11.60 -0.84 -2.23
N ALA C 169 10.32 -0.93 -1.85
CA ALA C 169 9.20 -0.73 -2.79
C ALA C 169 9.23 0.65 -3.43
N LYS C 170 9.70 1.66 -2.69
CA LYS C 170 9.87 3.01 -3.24
C LYS C 170 11.15 3.18 -4.07
N GLY C 171 11.92 2.11 -4.22
CA GLY C 171 13.17 2.16 -4.97
C GLY C 171 14.33 2.76 -4.20
N ILE C 172 14.22 2.79 -2.87
CA ILE C 172 15.33 3.23 -2.01
C ILE C 172 16.15 1.99 -1.68
N PRO C 173 17.37 1.88 -2.25
CA PRO C 173 18.14 0.65 -2.08
C PRO C 173 18.41 0.27 -0.64
N GLN C 174 18.37 -1.04 -0.38
CA GLN C 174 18.58 -1.59 0.94
C GLN C 174 19.69 -2.63 0.83
N VAL C 175 20.88 -2.27 1.31
CA VAL C 175 22.07 -3.10 1.19
C VAL C 175 22.56 -3.53 2.56
N ALA C 176 22.91 -4.80 2.70
CA ALA C 176 23.39 -5.35 3.96
C ALA C 176 24.74 -6.04 3.81
N ALA C 177 25.56 -5.92 4.84
CA ALA C 177 26.81 -6.67 4.94
C ALA C 177 26.88 -7.31 6.33
N VAL C 178 26.92 -8.64 6.36
CA VAL C 178 26.96 -9.38 7.62
C VAL C 178 28.41 -9.67 8.01
N LEU C 179 28.91 -8.88 8.95
CA LEU C 179 30.31 -8.94 9.39
C LEU C 179 30.49 -9.70 10.69
N GLY C 180 29.40 -10.25 11.22
CA GLY C 180 29.44 -10.99 12.48
C GLY C 180 28.12 -11.69 12.76
N SER C 181 27.62 -11.54 13.99
CA SER C 181 26.39 -12.20 14.41
C SER C 181 25.14 -11.59 13.78
N CYS C 182 24.18 -12.46 13.48
CA CYS C 182 22.92 -12.06 12.88
C CYS C 182 21.94 -13.20 13.15
N THR C 183 21.07 -12.98 14.12
CA THR C 183 20.34 -14.09 14.74
C THR C 183 18.86 -13.76 14.99
N ALA C 184 18.06 -14.81 15.10
CA ALA C 184 16.61 -14.68 15.29
C ALA C 184 16.03 -13.67 14.28
N GLY C 185 15.18 -12.75 14.74
CA GLY C 185 14.61 -11.72 13.87
C GLY C 185 15.65 -10.86 13.17
N GLY C 186 16.82 -10.72 13.80
CA GLY C 186 17.97 -10.04 13.18
C GLY C 186 18.33 -10.59 11.81
N ALA C 187 18.06 -11.87 11.59
CA ALA C 187 18.28 -12.51 10.29
C ALA C 187 17.56 -11.82 9.14
N TYR C 188 16.46 -11.13 9.44
CA TYR C 188 15.71 -10.43 8.40
C TYR C 188 16.41 -9.20 7.86
N VAL C 189 17.42 -8.67 8.56
CA VAL C 189 18.15 -7.51 8.04
C VAL C 189 18.79 -7.84 6.67
N PRO C 190 19.62 -8.90 6.59
CA PRO C 190 20.14 -9.28 5.28
C PRO C 190 19.12 -9.97 4.38
N ALA C 191 18.26 -10.81 4.96
CA ALA C 191 17.28 -11.55 4.17
C ALA C 191 16.27 -10.64 3.45
N MET C 192 16.00 -9.47 4.04
CA MET C 192 15.11 -8.49 3.42
C MET C 192 15.83 -7.29 2.83
N SER C 193 17.13 -7.40 2.62
CA SER C 193 17.86 -6.40 1.87
C SER C 193 17.76 -6.78 0.40
N ASP C 194 17.88 -5.77 -0.47
CA ASP C 194 17.88 -6.01 -1.92
C ASP C 194 19.12 -6.80 -2.35
N GLU C 195 20.23 -6.57 -1.66
CA GLU C 195 21.51 -7.19 -1.98
C GLU C 195 22.34 -7.29 -0.71
N ALA C 196 22.89 -8.47 -0.45
CA ALA C 196 23.55 -8.77 0.83
C ALA C 196 24.94 -9.40 0.66
N VAL C 197 25.88 -8.89 1.45
CA VAL C 197 27.26 -9.42 1.50
C VAL C 197 27.46 -10.14 2.84
N ILE C 198 28.31 -11.15 2.85
CA ILE C 198 28.68 -11.84 4.09
C ILE C 198 30.15 -12.22 4.06
N VAL C 199 30.84 -12.03 5.19
CA VAL C 199 32.25 -12.39 5.31
C VAL C 199 32.38 -13.87 5.62
N ARG C 200 33.17 -14.58 4.80
CA ARG C 200 33.33 -16.03 4.97
C ARG C 200 34.05 -16.37 6.28
N GLU C 201 33.63 -17.47 6.90
CA GLU C 201 34.18 -17.92 8.18
C GLU C 201 34.26 -16.79 9.21
N GLN C 202 33.14 -16.09 9.37
CA GLN C 202 33.05 -14.96 10.30
C GLN C 202 31.60 -14.55 10.53
N GLY C 203 30.92 -14.15 9.46
CA GLY C 203 29.51 -13.77 9.52
C GLY C 203 28.60 -14.98 9.56
N THR C 204 27.54 -14.90 10.35
CA THR C 204 26.55 -15.98 10.41
C THR C 204 25.14 -15.43 10.40
N ILE C 205 24.22 -16.20 9.81
CA ILE C 205 22.81 -15.84 9.75
C ILE C 205 21.97 -17.09 10.06
N PHE C 206 21.04 -16.95 11.01
CA PHE C 206 20.03 -17.99 11.23
C PHE C 206 18.86 -17.43 12.02
N LEU C 207 17.65 -17.92 11.70
CA LEU C 207 16.46 -17.58 12.48
C LEU C 207 16.52 -18.29 13.85
N GLY C 208 16.98 -19.53 13.85
CA GLY C 208 17.17 -20.27 15.09
C GLY C 208 18.64 -20.52 15.35
N GLY C 209 19.16 -19.98 16.44
CA GLY C 209 20.57 -20.15 16.80
C GLY C 209 20.87 -21.54 17.37
N PRO C 210 22.15 -21.87 17.54
CA PRO C 210 22.58 -23.19 18.03
C PRO C 210 21.95 -23.66 19.36
N PRO C 211 21.77 -22.76 20.34
CA PRO C 211 21.13 -23.23 21.58
C PRO C 211 19.65 -23.63 21.40
N LEU C 212 18.97 -22.95 20.47
CA LEU C 212 17.57 -23.25 20.15
C LEU C 212 17.46 -24.57 19.39
N VAL C 213 18.44 -24.84 18.54
CA VAL C 213 18.54 -26.13 17.84
C VAL C 213 18.76 -27.24 18.87
N LYS C 214 19.69 -27.00 19.80
CA LYS C 214 19.96 -27.92 20.90
C LYS C 214 18.70 -28.22 21.71
N ALA C 215 17.98 -27.17 22.09
CA ALA C 215 16.79 -27.30 22.92
C ALA C 215 15.63 -28.04 22.24
N ALA C 216 15.44 -27.79 20.95
CA ALA C 216 14.30 -28.37 20.22
C ALA C 216 14.56 -29.78 19.73
N THR C 217 15.72 -29.98 19.08
CA THR C 217 16.03 -31.25 18.42
C THR C 217 17.05 -32.11 19.17
N GLY C 218 17.92 -31.48 19.97
CA GLY C 218 18.97 -32.19 20.68
C GLY C 218 20.30 -32.16 19.97
N GLU C 219 20.28 -32.09 18.63
CA GLU C 219 21.51 -32.03 17.85
C GLU C 219 22.32 -30.79 18.20
N ILE C 220 23.64 -30.94 18.16
CA ILE C 220 24.55 -29.86 18.54
C ILE C 220 25.37 -29.46 17.31
N VAL C 221 25.32 -28.17 16.98
CA VAL C 221 25.89 -27.66 15.73
C VAL C 221 26.55 -26.31 16.00
N SER C 222 27.65 -26.03 15.29
CA SER C 222 28.32 -24.73 15.42
C SER C 222 27.57 -23.66 14.64
N ALA C 223 27.90 -22.41 14.93
CA ALA C 223 27.32 -21.27 14.22
C ALA C 223 27.69 -21.30 12.73
N GLU C 224 28.96 -21.61 12.45
CA GLU C 224 29.46 -21.69 11.08
C GLU C 224 28.72 -22.76 10.28
N GLU C 225 28.62 -23.95 10.86
CA GLU C 225 27.87 -25.06 10.26
C GLU C 225 26.42 -24.66 10.00
N LEU C 226 25.82 -23.97 10.97
CA LEU C 226 24.40 -23.65 10.93
C LEU C 226 24.04 -22.53 9.95
N GLY C 227 24.91 -21.52 9.82
CA GLY C 227 24.59 -20.37 9.00
C GLY C 227 25.78 -19.51 8.58
N GLY C 228 26.89 -20.15 8.25
CA GLY C 228 28.10 -19.46 7.80
C GLY C 228 27.98 -18.86 6.40
N GLY C 229 28.94 -18.01 6.05
CA GLY C 229 28.95 -17.33 4.77
C GLY C 229 28.97 -18.24 3.56
N ASP C 230 29.72 -19.33 3.66
CA ASP C 230 29.78 -20.34 2.60
C ASP C 230 28.42 -20.99 2.36
N LEU C 231 27.76 -21.36 3.44
CA LEU C 231 26.44 -22.00 3.35
C LEU C 231 25.42 -21.10 2.66
N HIS C 232 25.35 -19.84 3.08
CA HIS C 232 24.34 -18.93 2.55
C HIS C 232 24.65 -18.41 1.15
N SER C 233 25.93 -18.26 0.84
CA SER C 233 26.34 -17.74 -0.47
C SER C 233 26.32 -18.81 -1.57
N ARG C 234 26.48 -20.08 -1.19
CA ARG C 234 26.54 -21.17 -2.16
C ARG C 234 25.28 -22.01 -2.22
N THR C 235 24.65 -22.23 -1.07
CA THR C 235 23.55 -23.19 -0.97
C THR C 235 22.18 -22.53 -0.82
N SER C 236 21.98 -21.76 0.25
CA SER C 236 20.65 -21.22 0.56
C SER C 236 20.26 -20.01 -0.29
N GLY C 237 21.26 -19.22 -0.68
CA GLY C 237 21.02 -18.00 -1.45
C GLY C 237 20.51 -16.83 -0.63
N VAL C 238 20.60 -16.93 0.69
CA VAL C 238 20.23 -15.82 1.57
C VAL C 238 21.15 -14.62 1.33
N THR C 239 22.41 -14.90 0.99
CA THR C 239 23.38 -13.85 0.66
C THR C 239 23.76 -13.88 -0.81
N ASP C 240 24.28 -12.76 -1.29
CA ASP C 240 24.58 -12.57 -2.71
C ASP C 240 26.07 -12.42 -3.02
N HIS C 241 26.86 -12.06 -2.01
CA HIS C 241 28.31 -11.91 -2.19
C HIS C 241 29.04 -12.52 -1.01
N LEU C 242 30.09 -13.29 -1.30
CA LEU C 242 30.93 -13.88 -0.28
C LEU C 242 32.22 -13.05 -0.23
N ALA C 243 32.43 -12.37 0.89
CA ALA C 243 33.60 -11.52 1.06
C ALA C 243 34.69 -12.26 1.85
N ASP C 244 35.94 -11.91 1.56
CA ASP C 244 37.09 -12.57 2.16
C ASP C 244 37.33 -12.10 3.60
N ASP C 245 37.15 -10.80 3.81
CA ASP C 245 37.27 -10.16 5.12
C ASP C 245 36.47 -8.86 5.13
N ASP C 246 36.44 -8.18 6.27
CA ASP C 246 35.72 -6.90 6.41
C ASP C 246 36.11 -5.89 5.32
N GLU C 247 37.40 -5.77 5.05
CA GLU C 247 37.89 -4.84 4.03
C GLU C 247 37.29 -5.15 2.66
N ASP C 248 37.20 -6.44 2.34
CA ASP C 248 36.66 -6.90 1.07
C ASP C 248 35.14 -6.67 1.00
N ALA C 249 34.45 -6.95 2.11
CA ALA C 249 33.00 -6.71 2.21
C ALA C 249 32.65 -5.25 1.92
N LEU C 250 33.41 -4.33 2.50
CA LEU C 250 33.14 -2.89 2.34
C LEU C 250 33.48 -2.42 0.92
N ARG C 251 34.52 -3.01 0.33
CA ARG C 251 34.84 -2.79 -1.09
C ARG C 251 33.65 -3.20 -1.97
N ILE C 252 33.07 -4.37 -1.65
CA ILE C 252 31.93 -4.89 -2.39
C ILE C 252 30.69 -3.99 -2.23
N VAL C 253 30.45 -3.51 -1.01
CA VAL C 253 29.35 -2.57 -0.76
C VAL C 253 29.51 -1.29 -1.61
N ARG C 254 30.74 -0.78 -1.70
CA ARG C 254 31.00 0.39 -2.55
C ARG C 254 30.71 0.12 -4.02
N ALA C 255 30.99 -1.10 -4.47
CA ALA C 255 30.73 -1.49 -5.87
C ALA C 255 29.22 -1.60 -6.14
N ILE C 256 28.47 -2.10 -5.15
CA ILE C 256 27.01 -2.15 -5.23
C ILE C 256 26.41 -0.75 -5.33
N ALA C 257 26.86 0.14 -4.46
CA ALA C 257 26.41 1.53 -4.47
C ALA C 257 26.65 2.21 -5.81
N ASP C 258 27.70 1.78 -6.51
CA ASP C 258 28.03 2.33 -7.82
C ASP C 258 27.03 1.91 -8.91
N THR C 259 26.14 0.97 -8.59
CA THR C 259 25.07 0.59 -9.51
C THR C 259 23.77 1.34 -9.27
N PHE C 260 23.71 2.15 -8.20
CA PHE C 260 22.48 2.86 -7.85
C PHE C 260 22.03 3.79 -8.98
N GLY C 261 20.72 3.92 -9.14
CA GLY C 261 20.12 4.63 -10.27
C GLY C 261 20.19 6.15 -10.18
N PRO C 262 19.52 6.85 -11.10
CA PRO C 262 19.57 8.31 -11.14
C PRO C 262 18.90 8.97 -9.92
N CYS C 263 19.48 10.08 -9.47
CA CYS C 263 18.87 10.89 -8.40
C CYS C 263 17.83 11.83 -8.99
N GLU C 264 16.89 12.26 -8.14
CA GLU C 264 16.00 13.36 -8.50
C GLU C 264 16.82 14.65 -8.56
N PRO C 265 16.39 15.60 -9.39
CA PRO C 265 17.12 16.87 -9.44
C PRO C 265 16.94 17.69 -8.16
N ALA C 266 17.82 18.66 -7.96
CA ALA C 266 17.70 19.58 -6.83
C ALA C 266 16.33 20.27 -6.85
N GLN C 267 15.69 20.35 -5.69
CA GLN C 267 14.33 20.89 -5.59
C GLN C 267 14.29 22.41 -5.53
N TRP C 268 15.46 23.03 -5.45
CA TRP C 268 15.59 24.49 -5.51
C TRP C 268 16.96 24.83 -6.11
N ASP C 269 17.17 26.11 -6.42
CA ASP C 269 18.43 26.56 -7.00
C ASP C 269 19.48 26.81 -5.93
N VAL C 270 20.68 26.27 -6.13
CA VAL C 270 21.78 26.39 -5.19
C VAL C 270 22.86 27.26 -5.81
N ARG C 271 23.24 28.33 -5.13
CA ARG C 271 24.27 29.25 -5.62
C ARG C 271 25.62 28.92 -5.04
N ARG C 272 26.64 29.65 -5.50
CA ARG C 272 27.97 29.57 -4.94
C ARG C 272 27.90 30.05 -3.49
N SER C 273 28.49 29.29 -2.58
CA SER C 273 28.56 29.71 -1.18
C SER C 273 29.41 30.97 -1.05
N VAL C 274 29.07 31.78 -0.06
CA VAL C 274 29.81 32.98 0.28
C VAL C 274 30.02 32.97 1.77
N GLU C 275 31.25 33.21 2.20
CA GLU C 275 31.60 33.09 3.61
C GLU C 275 30.95 34.24 4.39
N PRO C 276 30.58 34.00 5.66
CA PRO C 276 30.09 35.12 6.47
C PRO C 276 31.21 36.11 6.80
N LYS C 277 30.84 37.27 7.32
CA LYS C 277 31.80 38.33 7.64
C LYS C 277 32.33 38.26 9.07
N TYR C 278 32.01 37.18 9.80
CA TYR C 278 32.43 37.00 11.19
C TYR C 278 32.88 35.56 11.42
N PRO C 279 33.87 35.34 12.30
CA PRO C 279 34.15 33.95 12.67
C PRO C 279 33.01 33.34 13.50
N GLN C 280 32.75 32.05 13.28
CA GLN C 280 31.63 31.36 13.94
C GLN C 280 31.79 31.28 15.46
N ALA C 281 33.03 31.34 15.93
CA ALA C 281 33.33 31.32 17.37
C ALA C 281 32.75 32.52 18.12
N GLU C 282 32.48 33.62 17.41
CA GLU C 282 31.84 34.79 18.01
C GLU C 282 30.42 34.52 18.54
N LEU C 283 29.79 33.43 18.09
CA LEU C 283 28.51 33.01 18.66
C LEU C 283 28.62 32.77 20.17
N TYR C 284 29.81 32.39 20.62
CA TYR C 284 30.06 32.23 22.06
C TYR C 284 29.97 33.56 22.82
N ASP C 285 30.27 34.66 22.15
CA ASP C 285 30.24 35.99 22.78
C ASP C 285 28.85 36.63 22.84
N VAL C 286 27.96 36.24 21.93
CA VAL C 286 26.68 36.93 21.78
C VAL C 286 25.49 36.19 22.40
N VAL C 287 25.59 34.88 22.54
CA VAL C 287 24.52 34.08 23.15
C VAL C 287 24.88 33.75 24.60
N PRO C 288 24.07 34.23 25.55
CA PRO C 288 24.25 33.83 26.95
C PRO C 288 23.87 32.36 27.17
N PRO C 289 24.75 31.59 27.82
CA PRO C 289 24.38 30.23 28.20
C PRO C 289 23.15 30.16 29.11
N ASP C 290 23.01 31.15 29.99
CA ASP C 290 21.82 31.28 30.84
C ASP C 290 20.65 31.79 29.99
N PRO C 291 19.57 30.99 29.88
CA PRO C 291 18.52 31.35 28.92
C PRO C 291 17.59 32.48 29.39
N ARG C 292 17.84 33.02 30.58
CA ARG C 292 17.05 34.12 31.13
C ARG C 292 17.66 35.49 30.83
N VAL C 293 18.92 35.51 30.39
CA VAL C 293 19.56 36.76 29.98
C VAL C 293 19.09 37.12 28.57
N PRO C 294 18.50 38.33 28.42
CA PRO C 294 18.02 38.72 27.10
C PRO C 294 19.15 39.10 26.15
N TYR C 295 18.95 38.83 24.87
CA TYR C 295 19.88 39.25 23.82
C TYR C 295 19.15 39.34 22.49
N ASP C 296 19.74 40.04 21.54
CA ASP C 296 19.16 40.17 20.21
C ASP C 296 19.61 39.00 19.34
N VAL C 297 18.65 38.20 18.88
CA VAL C 297 18.95 37.01 18.08
C VAL C 297 19.48 37.36 16.67
N HIS C 298 19.34 38.63 16.26
CA HIS C 298 19.97 39.12 15.03
C HIS C 298 21.48 38.88 15.03
N GLU C 299 22.09 38.94 16.22
CA GLU C 299 23.53 38.69 16.37
C GLU C 299 23.92 37.28 15.97
N VAL C 300 23.01 36.32 16.17
CA VAL C 300 23.22 34.95 15.70
C VAL C 300 23.03 34.87 14.19
N VAL C 301 21.88 35.35 13.73
CA VAL C 301 21.50 35.25 12.33
C VAL C 301 22.55 35.86 11.40
N VAL C 302 23.02 37.05 11.75
CA VAL C 302 23.98 37.78 10.92
C VAL C 302 25.32 37.01 10.79
N ARG C 303 25.58 36.09 11.71
CA ARG C 303 26.84 35.35 11.73
C ARG C 303 26.82 33.97 11.07
N ILE C 304 25.65 33.35 10.93
CA ILE C 304 25.57 32.02 10.29
C ILE C 304 25.26 32.06 8.79
N VAL C 305 24.75 33.19 8.30
CA VAL C 305 24.30 33.28 6.90
C VAL C 305 25.39 33.74 5.95
N ASP C 306 25.30 33.27 4.70
CA ASP C 306 26.26 33.62 3.64
C ASP C 306 26.39 35.14 3.48
N GLY C 307 27.62 35.62 3.56
CA GLY C 307 27.91 37.05 3.36
C GLY C 307 27.37 37.96 4.44
N SER C 308 26.96 37.37 5.56
CA SER C 308 26.28 38.09 6.66
C SER C 308 25.12 38.97 6.18
N GLU C 309 24.43 38.48 5.16
CA GLU C 309 23.41 39.23 4.44
C GLU C 309 22.07 38.50 4.56
N PHE C 310 21.00 39.24 4.80
CA PHE C 310 19.66 38.66 4.90
C PHE C 310 18.58 39.70 4.66
N SER C 311 17.44 39.28 4.12
CA SER C 311 16.29 40.17 3.92
C SER C 311 15.23 39.83 4.95
N GLU C 312 15.05 40.74 5.90
CA GLU C 312 14.14 40.51 7.02
C GLU C 312 12.70 40.81 6.61
N PHE C 313 11.80 39.88 6.93
CA PHE C 313 10.38 40.00 6.64
C PHE C 313 9.68 40.54 7.89
N LYS C 314 8.88 41.59 7.72
CA LYS C 314 8.18 42.24 8.84
C LYS C 314 9.13 42.59 9.99
N ALA C 315 10.21 43.31 9.67
CA ALA C 315 11.22 43.70 10.66
C ALA C 315 10.66 44.48 11.86
N LYS C 316 9.66 45.32 11.61
CA LYS C 316 9.14 46.24 12.63
C LYS C 316 7.83 45.81 13.30
N TYR C 317 7.32 44.65 12.88
CA TYR C 317 6.07 44.08 13.39
C TYR C 317 6.41 42.77 14.08
N GLY C 318 5.75 42.51 15.21
CA GLY C 318 5.97 41.26 15.95
C GLY C 318 7.44 40.98 16.14
N LYS C 319 8.14 41.91 16.78
CA LYS C 319 9.60 41.90 16.86
C LYS C 319 10.20 40.84 17.78
N THR C 320 9.38 40.14 18.56
CA THR C 320 9.87 39.03 19.38
C THR C 320 10.07 37.75 18.57
N LEU C 321 9.71 37.80 17.28
CA LEU C 321 10.05 36.72 16.35
C LEU C 321 10.77 37.33 15.16
N VAL C 322 11.93 36.78 14.83
CA VAL C 322 12.69 37.20 13.67
C VAL C 322 12.45 36.22 12.53
N THR C 323 11.99 36.74 11.40
CA THR C 323 11.80 35.96 10.18
C THR C 323 12.56 36.63 9.07
N ALA C 324 13.52 35.91 8.48
CA ALA C 324 14.40 36.49 7.47
C ALA C 324 14.82 35.49 6.38
N PHE C 325 14.85 35.99 5.14
CA PHE C 325 15.35 35.22 4.00
C PHE C 325 16.85 35.38 3.90
N ALA C 326 17.55 34.26 3.66
CA ALA C 326 19.01 34.25 3.61
C ALA C 326 19.52 33.06 2.81
N ARG C 327 20.84 32.86 2.81
CA ARG C 327 21.44 31.66 2.25
C ARG C 327 22.49 31.08 3.19
N VAL C 328 22.57 29.74 3.20
CA VAL C 328 23.56 29.01 3.97
C VAL C 328 24.23 28.01 3.02
N HIS C 329 25.52 28.20 2.79
CA HIS C 329 26.29 27.37 1.85
C HIS C 329 25.63 27.29 0.46
N GLY C 330 25.12 28.43 -0.01
CA GLY C 330 24.48 28.52 -1.32
C GLY C 330 22.99 28.18 -1.35
N HIS C 331 22.49 27.49 -0.33
CA HIS C 331 21.09 27.09 -0.28
C HIS C 331 20.23 28.22 0.25
N PRO C 332 19.06 28.47 -0.37
CA PRO C 332 18.13 29.43 0.23
C PRO C 332 17.58 28.91 1.55
N VAL C 333 17.40 29.82 2.51
CA VAL C 333 16.79 29.48 3.80
C VAL C 333 15.84 30.57 4.24
N GLY C 334 14.79 30.16 4.94
CA GLY C 334 13.90 31.07 5.64
C GLY C 334 14.12 30.81 7.12
N ILE C 335 14.79 31.75 7.79
CA ILE C 335 15.12 31.60 9.20
C ILE C 335 13.99 32.15 10.06
N VAL C 336 13.58 31.34 11.03
CA VAL C 336 12.52 31.69 11.97
C VAL C 336 13.14 31.55 13.37
N ALA C 337 13.35 32.67 14.06
CA ALA C 337 14.11 32.67 15.30
C ALA C 337 13.42 33.46 16.41
N ASN C 338 13.38 32.86 17.59
CA ASN C 338 12.80 33.51 18.76
C ASN C 338 13.67 34.67 19.25
N ASN C 339 13.00 35.74 19.66
CA ASN C 339 13.66 36.95 20.14
C ASN C 339 12.84 37.57 21.26
N GLY C 340 12.35 36.73 22.16
CA GLY C 340 11.43 37.12 23.23
C GLY C 340 10.24 36.18 23.31
N VAL C 341 9.24 36.51 24.14
CA VAL C 341 8.01 35.71 24.20
C VAL C 341 7.13 35.99 22.99
N LEU C 342 6.32 34.99 22.62
CA LEU C 342 5.44 35.09 21.47
C LEU C 342 4.18 35.87 21.80
N PHE C 343 3.86 36.84 20.94
CA PHE C 343 2.57 37.53 20.95
C PHE C 343 1.75 37.04 19.77
N SER C 344 0.50 37.47 19.68
CA SER C 344 -0.35 37.17 18.53
C SER C 344 0.28 37.63 17.22
N GLU C 345 0.84 38.84 17.24
CA GLU C 345 1.51 39.41 16.06
C GLU C 345 2.67 38.54 15.59
N SER C 346 3.44 38.03 16.54
CA SER C 346 4.58 37.15 16.24
C SER C 346 4.11 35.93 15.46
N ALA C 347 3.02 35.31 15.94
CA ALA C 347 2.49 34.08 15.35
C ALA C 347 1.91 34.31 13.94
N LEU C 348 1.18 35.41 13.77
CA LEU C 348 0.64 35.77 12.46
C LEU C 348 1.78 35.94 11.46
N LYS C 349 2.78 36.70 11.87
CA LYS C 349 4.01 36.91 11.09
C LYS C 349 4.67 35.58 10.73
N GLY C 350 4.84 34.72 11.73
CA GLY C 350 5.40 33.39 11.53
C GLY C 350 4.67 32.56 10.48
N ALA C 351 3.34 32.50 10.61
CA ALA C 351 2.51 31.74 9.67
C ALA C 351 2.61 32.30 8.24
N HIS C 352 2.56 33.62 8.10
CA HIS C 352 2.65 34.28 6.80
C HIS C 352 4.00 33.98 6.16
N PHE C 353 5.06 34.13 6.92
CA PHE C 353 6.41 33.86 6.44
C PHE C 353 6.56 32.41 5.95
N ILE C 354 6.00 31.48 6.71
CA ILE C 354 6.02 30.07 6.32
C ILE C 354 5.28 29.85 5.00
N GLU C 355 4.17 30.56 4.80
CA GLU C 355 3.45 30.50 3.53
C GLU C 355 4.32 30.93 2.35
N LEU C 356 5.11 31.98 2.54
CA LEU C 356 5.98 32.50 1.47
C LEU C 356 7.09 31.53 1.12
N CYS C 357 7.70 30.93 2.14
CA CYS C 357 8.75 29.95 1.95
C CYS C 357 8.23 28.70 1.25
N ASP C 358 7.01 28.30 1.60
CA ASP C 358 6.38 27.12 1.01
C ASP C 358 6.16 27.32 -0.50
N LYS C 359 5.61 28.46 -0.86
CA LYS C 359 5.34 28.77 -2.27
C LYS C 359 6.61 29.05 -3.08
N ARG C 360 7.66 29.53 -2.43
CA ARG C 360 8.91 29.84 -3.12
C ARG C 360 9.92 28.70 -3.06
N LYS C 361 9.57 27.63 -2.36
CA LYS C 361 10.41 26.43 -2.22
C LYS C 361 11.71 26.76 -1.47
N ILE C 362 11.55 27.49 -0.37
CA ILE C 362 12.65 27.85 0.48
C ILE C 362 12.57 27.01 1.75
N PRO C 363 13.61 26.21 2.05
CA PRO C 363 13.57 25.44 3.29
C PRO C 363 13.57 26.32 4.53
N LEU C 364 13.03 25.79 5.63
CA LEU C 364 12.89 26.54 6.87
C LEU C 364 13.91 26.12 7.91
N LEU C 365 14.53 27.12 8.54
CA LEU C 365 15.42 26.89 9.67
C LEU C 365 14.81 27.55 10.92
N PHE C 366 14.40 26.73 11.87
CA PHE C 366 13.84 27.21 13.14
C PHE C 366 14.92 27.25 14.20
N LEU C 367 15.17 28.44 14.75
CA LEU C 367 16.12 28.61 15.85
C LEU C 367 15.34 28.84 17.13
N GLN C 368 15.21 27.79 17.93
CA GLN C 368 14.38 27.85 19.14
C GLN C 368 15.09 28.41 20.36
N ASN C 369 14.48 29.45 20.94
CA ASN C 369 14.75 29.87 22.30
C ASN C 369 13.46 30.48 22.84
N ILE C 370 12.52 29.62 23.21
CA ILE C 370 11.16 30.08 23.44
C ILE C 370 10.63 29.74 24.84
N ALA C 371 10.40 30.79 25.62
CA ALA C 371 9.70 30.71 26.91
C ALA C 371 8.28 30.20 26.72
N GLY C 372 7.55 30.88 25.84
CA GLY C 372 6.15 30.58 25.56
C GLY C 372 5.44 31.82 25.06
N PHE C 373 4.14 31.90 25.35
CA PHE C 373 3.30 32.99 24.88
C PHE C 373 3.00 34.00 25.98
N MET C 374 2.69 35.22 25.56
CA MET C 374 2.26 36.26 26.48
C MET C 374 0.95 35.84 27.13
N VAL C 375 0.83 36.07 28.43
CA VAL C 375 -0.32 35.62 29.20
C VAL C 375 -1.11 36.81 29.74
N GLY C 376 -2.40 36.59 29.95
CA GLY C 376 -3.28 37.63 30.43
C GLY C 376 -4.60 37.65 29.70
N ARG C 377 -5.61 38.25 30.35
CA ARG C 377 -6.95 38.35 29.82
C ARG C 377 -7.00 39.01 28.44
N ASP C 378 -6.30 40.13 28.29
CA ASP C 378 -6.30 40.87 27.03
C ASP C 378 -5.68 40.08 25.87
N TYR C 379 -4.77 39.16 26.19
CA TYR C 379 -4.09 38.37 25.17
C TYR C 379 -4.94 37.19 24.72
N GLU C 380 -5.57 36.49 25.67
CA GLU C 380 -6.48 35.39 25.35
C GLU C 380 -7.71 35.93 24.62
N ALA C 381 -8.19 37.10 25.04
CA ALA C 381 -9.32 37.77 24.39
C ALA C 381 -8.95 38.26 22.99
N GLY C 382 -7.69 38.62 22.80
CA GLY C 382 -7.16 38.99 21.49
C GLY C 382 -6.96 37.79 20.56
N GLY C 383 -7.13 36.59 21.11
CA GLY C 383 -7.13 35.36 20.33
C GLY C 383 -5.77 34.72 20.15
N ILE C 384 -4.89 34.89 21.14
CA ILE C 384 -3.53 34.36 21.05
C ILE C 384 -3.51 32.85 20.80
N ALA C 385 -4.49 32.13 21.34
CA ALA C 385 -4.59 30.69 21.11
C ALA C 385 -4.82 30.34 19.63
N LYS C 386 -5.71 31.07 18.96
CA LYS C 386 -5.97 30.81 17.53
C LYS C 386 -4.87 31.35 16.62
N HIS C 387 -4.11 32.32 17.09
CA HIS C 387 -3.01 32.88 16.30
C HIS C 387 -1.80 31.97 16.37
N GLY C 388 -1.49 31.47 17.57
CA GLY C 388 -0.48 30.42 17.74
C GLY C 388 -0.84 29.19 16.90
N ALA C 389 -2.11 28.83 16.92
CA ALA C 389 -2.61 27.69 16.16
C ALA C 389 -2.39 27.81 14.65
N LYS C 390 -2.53 29.03 14.12
CA LYS C 390 -2.28 29.27 12.71
C LYS C 390 -0.83 28.97 12.36
N MET C 391 0.09 29.32 13.26
CA MET C 391 1.50 29.02 13.06
C MET C 391 1.77 27.52 13.11
N VAL C 392 1.17 26.83 14.08
CA VAL C 392 1.30 25.37 14.18
C VAL C 392 0.79 24.68 12.90
N THR C 393 -0.35 25.13 12.41
CA THR C 393 -0.91 24.59 11.16
C THR C 393 0.06 24.77 9.99
N ALA C 394 0.66 25.96 9.91
CA ALA C 394 1.61 26.27 8.85
C ALA C 394 2.87 25.41 8.95
N VAL C 395 3.38 25.28 10.17
CA VAL C 395 4.57 24.46 10.42
C VAL C 395 4.30 23.00 10.08
N ALA C 396 3.16 22.48 10.52
CA ALA C 396 2.84 21.06 10.34
C ALA C 396 2.61 20.69 8.88
N CYS C 397 2.02 21.62 8.12
CA CYS C 397 1.60 21.34 6.74
C CYS C 397 2.59 21.81 5.68
N ALA C 398 3.62 22.54 6.08
CA ALA C 398 4.61 23.03 5.12
C ALA C 398 5.23 21.86 4.35
N ARG C 399 5.35 22.01 3.04
CA ARG C 399 5.89 20.95 2.18
C ARG C 399 7.42 21.05 1.98
N VAL C 400 7.99 22.22 2.27
CA VAL C 400 9.44 22.40 2.22
C VAL C 400 10.11 21.71 3.41
N PRO C 401 11.38 21.29 3.23
CA PRO C 401 12.11 20.73 4.36
C PRO C 401 12.26 21.74 5.49
N LYS C 402 12.18 21.25 6.73
CA LYS C 402 12.35 22.07 7.91
C LYS C 402 13.50 21.54 8.75
N LEU C 403 14.33 22.46 9.26
CA LEU C 403 15.42 22.13 10.18
C LEU C 403 15.21 22.91 11.47
N THR C 404 15.51 22.28 12.60
CA THR C 404 15.35 22.91 13.90
C THR C 404 16.63 22.85 14.70
N VAL C 405 17.04 24.00 15.24
CA VAL C 405 18.18 24.09 16.14
C VAL C 405 17.74 24.78 17.42
N VAL C 406 17.76 24.05 18.53
CA VAL C 406 17.43 24.62 19.83
C VAL C 406 18.67 25.32 20.38
N ILE C 407 18.69 26.65 20.31
CA ILE C 407 19.84 27.43 20.74
C ILE C 407 19.67 27.99 22.16
N GLY C 408 18.50 27.80 22.75
CA GLY C 408 18.23 28.18 24.13
C GLY C 408 17.16 27.31 24.75
N GLY C 409 16.03 27.89 25.13
CA GLY C 409 14.92 27.14 25.71
C GLY C 409 13.99 26.54 24.67
N SER C 410 13.43 25.38 24.99
CA SER C 410 12.36 24.78 24.20
C SER C 410 11.25 24.32 25.14
N TYR C 411 10.29 25.20 25.40
CA TYR C 411 9.30 25.01 26.45
C TYR C 411 7.86 25.04 25.95
N GLY C 412 7.07 24.06 26.37
CA GLY C 412 5.63 24.07 26.16
C GLY C 412 5.15 24.28 24.74
N ALA C 413 4.08 25.06 24.58
CA ALA C 413 3.43 25.27 23.29
C ALA C 413 4.30 26.03 22.29
N GLY C 414 5.31 26.74 22.79
CA GLY C 414 6.32 27.37 21.94
C GLY C 414 7.11 26.35 21.13
N ASN C 415 7.40 25.21 21.73
CA ASN C 415 8.05 24.09 21.04
C ASN C 415 7.27 23.72 19.78
N TYR C 416 5.96 23.60 19.90
CA TYR C 416 5.09 23.17 18.80
C TYR C 416 5.03 24.23 17.70
N SER C 417 4.96 25.50 18.12
CA SER C 417 4.92 26.62 17.17
C SER C 417 6.23 26.80 16.42
N MET C 418 7.33 26.31 16.98
CA MET C 418 8.66 26.48 16.40
C MET C 418 9.26 25.17 15.87
N CYS C 419 8.38 24.25 15.49
CA CYS C 419 8.76 23.01 14.78
C CYS C 419 9.62 22.07 15.61
N GLY C 420 9.06 21.62 16.73
CA GLY C 420 9.71 20.61 17.56
C GLY C 420 9.64 19.23 16.93
N ARG C 421 10.13 18.24 17.68
CA ARG C 421 10.29 16.88 17.18
C ARG C 421 9.01 16.31 16.54
N ALA C 422 7.86 16.65 17.11
CA ALA C 422 6.56 16.15 16.64
C ALA C 422 6.11 16.71 15.29
N TYR C 423 6.83 17.69 14.76
CA TYR C 423 6.46 18.35 13.50
C TYR C 423 7.37 17.93 12.34
N SER C 424 8.10 16.84 12.57
CA SER C 424 8.92 16.17 11.56
C SER C 424 9.87 17.11 10.80
N PRO C 425 10.69 17.88 11.54
CA PRO C 425 11.82 18.50 10.85
C PRO C 425 12.76 17.39 10.39
N ARG C 426 13.42 17.58 9.25
CA ARG C 426 14.33 16.54 8.73
C ARG C 426 15.38 16.21 9.78
N PHE C 427 15.88 17.23 10.45
CA PHE C 427 16.81 17.08 11.57
C PHE C 427 16.51 18.09 12.67
N LEU C 428 16.79 17.69 13.91
CA LEU C 428 16.68 18.59 15.06
C LEU C 428 17.93 18.41 15.93
N TRP C 429 18.62 19.51 16.19
CA TRP C 429 19.79 19.49 17.06
C TRP C 429 19.64 20.45 18.23
N MET C 430 20.48 20.24 19.23
CA MET C 430 20.51 21.07 20.44
C MET C 430 21.90 21.66 20.64
N TRP C 431 21.95 22.91 21.06
CA TRP C 431 23.19 23.49 21.58
C TRP C 431 23.40 22.95 23.00
N PRO C 432 24.65 23.03 23.50
CA PRO C 432 24.94 22.45 24.81
C PRO C 432 24.33 23.22 25.98
N ASN C 433 23.94 24.47 25.76
CA ASN C 433 23.29 25.29 26.79
C ASN C 433 21.77 25.17 26.78
N ALA C 434 21.24 24.40 25.83
CA ALA C 434 19.80 24.32 25.60
C ALA C 434 19.08 23.56 26.70
N ARG C 435 17.78 23.84 26.82
CA ARG C 435 16.89 23.13 27.73
C ARG C 435 15.58 22.81 27.04
N ILE C 436 15.03 21.64 27.32
CA ILE C 436 13.72 21.26 26.78
C ILE C 436 12.84 20.61 27.83
N SER C 437 11.64 21.15 28.01
CA SER C 437 10.67 20.59 28.95
C SER C 437 9.31 21.26 28.78
N VAL C 438 8.28 20.62 29.31
CA VAL C 438 6.90 21.10 29.16
C VAL C 438 6.75 22.55 29.63
N MET C 439 7.50 22.90 30.68
CA MET C 439 7.67 24.28 31.11
C MET C 439 9.15 24.49 31.40
N GLY C 440 9.57 25.75 31.39
CA GLY C 440 10.89 26.11 31.92
C GLY C 440 10.94 25.79 33.41
N GLY C 441 12.14 25.49 33.89
CA GLY C 441 12.33 25.07 35.29
C GLY C 441 11.86 26.10 36.29
N GLU C 442 12.27 27.35 36.09
CA GLU C 442 11.86 28.46 36.95
C GLU C 442 10.37 28.74 36.84
N GLN C 443 9.89 28.77 35.60
CA GLN C 443 8.47 28.90 35.31
C GLN C 443 7.65 27.86 36.06
N ALA C 444 8.08 26.60 35.98
CA ALA C 444 7.37 25.49 36.63
C ALA C 444 7.34 25.65 38.16
N ALA C 445 8.47 26.06 38.73
CA ALA C 445 8.59 26.28 40.16
C ALA C 445 7.66 27.39 40.65
N SER C 446 7.64 28.49 39.91
CA SER C 446 6.77 29.63 40.23
C SER C 446 5.30 29.27 40.18
N VAL C 447 4.91 28.61 39.10
CA VAL C 447 3.51 28.24 38.87
C VAL C 447 3.03 27.29 39.96
N LEU C 448 3.77 26.21 40.17
CA LEU C 448 3.40 25.22 41.18
C LEU C 448 3.44 25.79 42.60
N ALA C 449 4.35 26.73 42.84
CA ALA C 449 4.44 27.42 44.13
C ALA C 449 3.25 28.36 44.32
N THR C 450 2.83 29.02 43.24
CA THR C 450 1.67 29.91 43.29
C THR C 450 0.41 29.13 43.65
N VAL C 451 0.24 27.96 43.05
CA VAL C 451 -0.91 27.11 43.34
C VAL C 451 -0.87 26.67 44.79
N ARG C 452 0.23 26.03 45.19
CA ARG C 452 0.39 25.53 46.56
C ARG C 452 0.27 26.64 47.60
N GLY C 453 0.92 27.77 47.35
CA GLY C 453 0.85 28.93 48.25
C GLY C 453 -0.57 29.38 48.51
N GLU C 454 -1.38 29.43 47.45
CA GLU C 454 -2.78 29.85 47.55
C GLU C 454 -3.66 28.80 48.25
N GLN C 455 -3.39 27.53 48.01
CA GLN C 455 -4.10 26.45 48.71
C GLN C 455 -3.85 26.53 50.22
N LEU C 456 -2.59 26.77 50.58
CA LEU C 456 -2.18 26.85 51.99
C LEU C 456 -2.78 28.08 52.65
N SER C 457 -2.71 29.21 51.96
CA SER C 457 -3.26 30.47 52.45
C SER C 457 -4.78 30.38 52.61
N ALA C 458 -5.44 29.75 51.64
CA ALA C 458 -6.90 29.54 51.68
C ALA C 458 -7.32 28.62 52.82
N ALA C 459 -6.42 27.73 53.24
CA ALA C 459 -6.66 26.83 54.37
C ALA C 459 -6.23 27.44 55.72
N GLY C 460 -5.87 28.71 55.72
CA GLY C 460 -5.40 29.41 56.92
C GLY C 460 -4.04 28.94 57.38
N THR C 461 -3.23 28.48 56.44
CA THR C 461 -1.98 27.78 56.74
C THR C 461 -0.84 28.32 55.86
N PRO C 462 -0.76 29.67 55.72
CA PRO C 462 0.22 30.26 54.78
C PRO C 462 1.67 29.90 55.11
N TRP C 463 2.52 29.85 54.09
CA TRP C 463 3.93 29.47 54.31
C TRP C 463 4.90 30.65 54.30
N SER C 464 6.09 30.41 54.83
CA SER C 464 7.14 31.42 54.86
C SER C 464 7.93 31.40 53.55
N PRO C 465 8.73 32.45 53.31
CA PRO C 465 9.61 32.44 52.13
C PRO C 465 10.62 31.27 52.12
N ASP C 466 11.08 30.85 53.29
CA ASP C 466 11.98 29.69 53.39
C ASP C 466 11.30 28.40 52.96
N GLU C 467 10.05 28.21 53.38
CA GLU C 467 9.28 27.01 53.03
C GLU C 467 8.91 26.99 51.55
N GLU C 468 8.66 28.16 50.98
CA GLU C 468 8.41 28.29 49.54
C GLU C 468 9.63 27.83 48.75
N GLU C 469 10.82 28.29 49.16
CA GLU C 469 12.08 27.89 48.51
C GLU C 469 12.33 26.39 48.56
N ALA C 470 12.09 25.78 49.71
CA ALA C 470 12.29 24.33 49.89
C ALA C 470 11.34 23.50 49.03
N PHE C 471 10.18 24.06 48.71
CA PHE C 471 9.21 23.44 47.81
C PHE C 471 9.70 23.54 46.36
N LYS C 472 10.29 24.68 46.00
CA LYS C 472 10.75 24.94 44.63
C LYS C 472 12.00 24.16 44.22
N ALA C 473 12.90 23.91 45.16
CA ALA C 473 14.21 23.33 44.83
C ALA C 473 14.15 21.97 44.12
N PRO C 474 13.38 21.00 44.66
CA PRO C 474 13.28 19.71 43.94
C PRO C 474 12.59 19.82 42.58
N ILE C 475 11.72 20.81 42.41
CA ILE C 475 11.10 21.09 41.12
C ILE C 475 12.15 21.60 40.13
N ARG C 476 12.95 22.57 40.55
CA ARG C 476 14.07 23.05 39.73
C ARG C 476 14.98 21.90 39.31
N ALA C 477 15.28 21.02 40.26
CA ALA C 477 16.16 19.87 40.03
C ALA C 477 15.57 18.89 39.02
N GLN C 478 14.26 18.67 39.07
CA GLN C 478 13.59 17.78 38.12
C GLN C 478 13.77 18.27 36.68
N TYR C 479 13.55 19.56 36.47
CA TYR C 479 13.58 20.15 35.13
C TYR C 479 15.01 20.35 34.61
N GLU C 480 15.96 20.52 35.51
CA GLU C 480 17.37 20.56 35.13
C GLU C 480 17.87 19.15 34.77
N ASP C 481 17.41 18.15 35.52
CA ASP C 481 17.77 16.76 35.25
C ASP C 481 17.14 16.26 33.94
N GLN C 482 15.83 16.44 33.82
CA GLN C 482 15.08 15.92 32.68
C GLN C 482 15.18 16.77 31.42
N GLY C 483 15.63 18.01 31.56
CA GLY C 483 15.61 18.96 30.46
C GLY C 483 16.93 19.31 29.83
N ASN C 484 18.03 18.80 30.40
CA ASN C 484 19.35 19.12 29.86
C ASN C 484 19.64 18.30 28.59
N PRO C 485 20.50 18.82 27.71
CA PRO C 485 20.75 18.23 26.39
C PRO C 485 21.11 16.74 26.40
N TYR C 486 21.85 16.30 27.41
CA TYR C 486 22.30 14.90 27.48
C TYR C 486 21.17 13.93 27.80
N TYR C 487 20.19 14.41 28.59
CA TYR C 487 18.99 13.62 28.87
C TYR C 487 18.16 13.52 27.59
N SER C 488 18.01 14.65 26.91
CA SER C 488 17.30 14.73 25.63
C SER C 488 17.91 13.83 24.56
N THR C 489 19.20 14.02 24.29
CA THR C 489 19.87 13.33 23.19
C THR C 489 20.00 11.82 23.45
N ALA C 490 20.07 11.43 24.73
CA ALA C 490 20.09 10.02 25.11
C ALA C 490 18.83 9.27 24.68
N ARG C 491 17.73 10.02 24.58
CA ARG C 491 16.42 9.44 24.24
C ARG C 491 16.00 9.73 22.80
N LEU C 492 16.91 10.32 22.02
CA LEU C 492 16.66 10.71 20.63
C LEU C 492 15.48 11.66 20.45
N TRP C 493 15.26 12.54 21.41
CA TRP C 493 14.35 13.66 21.20
C TRP C 493 14.98 14.59 20.16
N ASP C 494 16.31 14.56 20.10
CA ASP C 494 17.08 15.30 19.10
C ASP C 494 18.06 14.34 18.43
N ASP C 495 18.69 14.80 17.35
CA ASP C 495 19.64 13.98 16.58
C ASP C 495 21.08 14.16 17.06
N GLY C 496 21.30 15.09 17.97
CA GLY C 496 22.63 15.32 18.51
C GLY C 496 22.80 16.71 19.11
N ILE C 497 23.77 16.82 20.02
CA ILE C 497 24.17 18.09 20.59
C ILE C 497 25.34 18.59 19.77
N ILE C 498 25.29 19.86 19.37
CA ILE C 498 26.32 20.41 18.50
C ILE C 498 27.00 21.63 19.12
N ASP C 499 28.28 21.78 18.80
CA ASP C 499 29.03 22.98 19.10
C ASP C 499 28.37 24.13 18.35
N PRO C 500 27.94 25.18 19.08
CA PRO C 500 27.32 26.33 18.41
C PRO C 500 28.08 26.83 17.18
N ALA C 501 29.40 26.74 17.21
CA ALA C 501 30.24 27.18 16.08
C ALA C 501 30.12 26.27 14.86
N ASP C 502 29.62 25.04 15.05
CA ASP C 502 29.35 24.09 13.96
C ASP C 502 27.95 24.24 13.35
N THR C 503 27.14 25.14 13.89
CA THR C 503 25.75 25.31 13.44
C THR C 503 25.65 25.51 11.93
N ARG C 504 26.41 26.46 11.40
CA ARG C 504 26.42 26.76 9.98
C ARG C 504 26.79 25.55 9.13
N THR C 505 27.81 24.82 9.58
CA THR C 505 28.30 23.63 8.87
C THR C 505 27.26 22.52 8.84
N VAL C 506 26.68 22.22 9.99
CA VAL C 506 25.68 21.17 10.11
C VAL C 506 24.43 21.48 9.27
N VAL C 507 24.01 22.74 9.28
CA VAL C 507 22.83 23.17 8.52
C VAL C 507 23.10 23.07 7.02
N GLY C 508 24.23 23.59 6.57
CA GLY C 508 24.62 23.52 5.15
C GLY C 508 24.69 22.10 4.64
N LEU C 509 25.22 21.22 5.48
CA LEU C 509 25.34 19.80 5.16
C LEU C 509 23.96 19.16 5.02
N ALA C 510 23.10 19.41 6.00
CA ALA C 510 21.74 18.87 5.98
C ALA C 510 20.93 19.37 4.79
N LEU C 511 21.07 20.65 4.47
CA LEU C 511 20.33 21.24 3.36
C LEU C 511 20.65 20.55 2.03
N SER C 512 21.92 20.23 1.79
CA SER C 512 22.30 19.51 0.57
C SER C 512 21.78 18.07 0.58
N LEU C 513 21.67 17.48 1.76
CA LEU C 513 21.03 16.18 1.92
C LEU C 513 19.54 16.23 1.60
N CYS C 514 18.89 17.33 1.96
CA CYS C 514 17.45 17.49 1.76
C CYS C 514 17.07 17.98 0.36
N ALA C 515 18.07 18.32 -0.46
CA ALA C 515 17.81 18.98 -1.74
C ALA C 515 17.24 18.07 -2.82
N HIS C 516 17.24 16.75 -2.59
CA HIS C 516 16.92 15.79 -3.65
C HIS C 516 15.75 14.84 -3.38
N ALA C 517 14.95 15.12 -2.35
CA ALA C 517 13.67 14.41 -2.16
C ALA C 517 12.55 15.27 -2.74
N PRO C 518 11.71 14.70 -3.63
CA PRO C 518 10.68 15.54 -4.24
C PRO C 518 9.72 16.14 -3.22
N LEU C 519 9.34 17.40 -3.44
CA LEU C 519 8.44 18.10 -2.54
C LEU C 519 6.99 17.80 -2.88
N ASP C 520 6.18 17.59 -1.85
CA ASP C 520 4.72 17.54 -2.00
C ASP C 520 4.16 18.90 -2.43
N GLN C 521 2.92 18.89 -2.93
CA GLN C 521 2.22 20.13 -3.25
C GLN C 521 1.91 20.89 -1.98
N VAL C 522 1.70 22.20 -2.10
CA VAL C 522 1.31 22.99 -0.92
C VAL C 522 -0.17 22.74 -0.62
N GLY C 523 -0.48 22.63 0.67
CA GLY C 523 -1.84 22.40 1.12
C GLY C 523 -1.89 22.52 2.63
N TYR C 524 -2.87 23.26 3.14
CA TYR C 524 -2.99 23.50 4.57
C TYR C 524 -4.33 23.01 5.12
N GLY C 525 -4.32 22.68 6.41
CA GLY C 525 -5.56 22.44 7.14
C GLY C 525 -6.31 23.76 7.24
N VAL C 526 -7.49 23.73 7.85
CA VAL C 526 -8.27 24.95 8.02
C VAL C 526 -7.50 25.92 8.92
N PHE C 527 -7.31 27.15 8.46
CA PHE C 527 -6.79 28.23 9.30
C PHE C 527 -7.92 28.86 10.09
N ARG C 528 -7.84 28.80 11.41
CA ARG C 528 -8.81 29.46 12.27
C ARG C 528 -8.56 30.97 12.25
N MET C 529 -9.32 31.67 11.42
CA MET C 529 -9.11 33.09 11.21
C MET C 529 -9.47 33.89 12.46
#